data_8ZRA
#
_entry.id   8ZRA
#
_cell.length_a   1.00
_cell.length_b   1.00
_cell.length_c   1.00
_cell.angle_alpha   90.00
_cell.angle_beta   90.00
_cell.angle_gamma   90.00
#
_symmetry.space_group_name_H-M   'P 1'
#
_entity_poly.entity_id   1
_entity_poly.type   'polypeptide(L)'
_entity_poly.pdbx_seq_one_letter_code
;MKPKKNQYQQMQGMGMGMDMQGFQPQLGPNPYPQPQGQGSQMMPMQQQMTMPMQQGQQGFGGGFPGQPQQQGGGSFQIPS
GPSSSQNVPGMLPIEESYIENILRLNRGKTATIYMTFENSKEWNSKIFRGVIEAAGRDHIIISDPKTGTRYLLLTIYLDY
ITFDEEIAYTYPYSMSSYSPR
;
_entity_poly.pdbx_strand_id   A,B,C,D,E,F,G,H,I,J,K,L,M,N,O,P,Q,R
#
# COMPACT_ATOMS: atom_id res chain seq x y z
N MET A 91 26.28 24.31 3.21
CA MET A 91 25.74 23.49 2.12
C MET A 91 24.92 22.33 2.69
N LEU A 92 23.77 22.07 2.08
CA LEU A 92 22.85 21.08 2.62
C LEU A 92 23.47 19.68 2.51
N PRO A 93 23.14 18.73 3.44
CA PRO A 93 23.61 17.37 3.30
C PRO A 93 22.84 16.69 2.21
N ILE A 94 23.11 15.40 2.02
CA ILE A 94 22.48 14.62 0.95
C ILE A 94 21.02 14.38 1.26
N GLU A 95 20.69 14.20 2.53
CA GLU A 95 19.38 13.70 2.95
C GLU A 95 18.30 14.77 2.93
N GLU A 96 18.65 16.04 2.72
CA GLU A 96 17.65 17.09 2.65
C GLU A 96 17.89 18.05 1.48
N SER A 97 18.74 17.68 0.53
CA SER A 97 19.02 18.53 -0.63
C SER A 97 17.99 18.23 -1.71
N TYR A 98 16.77 18.70 -1.48
CA TYR A 98 15.67 18.60 -2.43
C TYR A 98 15.55 19.92 -3.19
N ILE A 99 14.59 19.96 -4.11
CA ILE A 99 14.43 21.16 -4.93
C ILE A 99 13.94 22.33 -4.09
N GLU A 100 12.96 22.09 -3.22
CA GLU A 100 12.35 23.19 -2.48
C GLU A 100 13.31 23.81 -1.49
N ASN A 101 14.18 23.01 -0.87
CA ASN A 101 15.14 23.56 0.08
C ASN A 101 16.09 24.53 -0.61
N ILE A 102 16.61 24.14 -1.77
CA ILE A 102 17.49 25.05 -2.50
C ILE A 102 16.74 26.28 -2.98
N LEU A 103 15.51 26.11 -3.47
CA LEU A 103 14.73 27.28 -3.84
C LEU A 103 14.54 28.22 -2.66
N ARG A 104 14.46 27.67 -1.45
CA ARG A 104 14.35 28.51 -0.26
C ARG A 104 15.67 29.11 0.18
N LEU A 105 16.80 28.52 -0.23
CA LEU A 105 18.09 29.13 0.08
C LEU A 105 18.45 30.29 -0.85
N ASN A 106 17.74 30.46 -1.96
CA ASN A 106 18.05 31.54 -2.89
C ASN A 106 16.87 32.50 -3.07
N ARG A 107 16.26 32.93 -1.98
CA ARG A 107 15.20 33.92 -2.07
C ARG A 107 15.82 35.27 -2.41
N GLY A 108 15.66 35.70 -3.66
CA GLY A 108 16.17 36.99 -4.07
C GLY A 108 17.09 36.95 -5.26
N LYS A 109 17.11 35.82 -5.97
CA LYS A 109 17.96 35.65 -7.14
C LYS A 109 17.10 35.70 -8.40
N THR A 110 17.52 36.51 -9.37
CA THR A 110 16.81 36.60 -10.64
C THR A 110 16.78 35.24 -11.31
N ALA A 111 15.59 34.64 -11.41
CA ALA A 111 15.43 33.32 -11.97
C ALA A 111 14.40 33.35 -13.08
N THR A 112 14.64 32.56 -14.13
CA THR A 112 13.68 32.35 -15.19
C THR A 112 13.28 30.89 -15.15
N ILE A 113 12.03 30.63 -14.77
CA ILE A 113 11.53 29.28 -14.60
C ILE A 113 10.89 28.83 -15.91
N TYR A 114 11.39 27.74 -16.48
CA TYR A 114 10.81 27.14 -17.67
C TYR A 114 9.86 26.06 -17.16
N MET A 115 8.56 26.31 -17.33
CA MET A 115 7.52 25.45 -16.81
C MET A 115 6.62 25.01 -17.96
N THR A 116 6.08 23.80 -17.87
CA THR A 116 5.23 23.25 -18.92
C THR A 116 4.02 22.55 -18.33
N PHE A 117 2.84 23.08 -18.66
CA PHE A 117 1.56 22.51 -18.27
C PHE A 117 1.20 21.39 -19.23
N GLU A 118 0.75 20.26 -18.68
CA GLU A 118 0.72 19.02 -19.45
C GLU A 118 -0.17 19.14 -20.68
N ASN A 119 -1.47 19.36 -20.48
CA ASN A 119 -2.43 19.41 -21.58
C ASN A 119 -3.10 20.77 -21.62
N SER A 120 -2.57 21.66 -22.46
CA SER A 120 -3.20 22.93 -22.74
C SER A 120 -3.13 23.22 -24.23
N LYS A 121 -4.02 24.10 -24.67
CA LYS A 121 -4.02 24.58 -26.05
C LYS A 121 -3.46 25.99 -26.18
N GLU A 122 -3.55 26.80 -25.12
CA GLU A 122 -3.09 28.18 -25.19
C GLU A 122 -1.77 28.42 -24.48
N TRP A 123 -1.54 27.80 -23.33
CA TRP A 123 -0.26 27.92 -22.65
C TRP A 123 0.27 26.51 -22.40
N ASN A 124 0.95 25.96 -23.40
CA ASN A 124 1.55 24.64 -23.25
C ASN A 124 2.92 24.73 -22.58
N SER A 125 3.64 25.81 -22.83
CA SER A 125 4.94 26.03 -22.21
C SER A 125 5.06 27.51 -21.86
N LYS A 126 5.46 27.79 -20.63
CA LYS A 126 5.53 29.14 -20.12
C LYS A 126 6.92 29.40 -19.56
N ILE A 127 7.34 30.66 -19.64
CA ILE A 127 8.64 31.12 -19.18
C ILE A 127 8.39 32.24 -18.19
N PHE A 128 8.45 31.94 -16.90
CA PHE A 128 8.17 32.91 -15.86
C PHE A 128 9.49 33.53 -15.42
N ARG A 129 9.72 34.77 -15.81
CA ARG A 129 10.96 35.46 -15.47
C ARG A 129 10.70 36.39 -14.30
N GLY A 130 11.63 36.44 -13.35
CA GLY A 130 11.44 37.39 -12.26
C GLY A 130 12.36 37.13 -11.09
N VAL A 131 11.91 37.56 -9.92
CA VAL A 131 12.67 37.47 -8.68
C VAL A 131 11.93 36.54 -7.74
N ILE A 132 12.60 35.48 -7.28
CA ILE A 132 11.98 34.53 -6.38
C ILE A 132 11.82 35.18 -5.01
N GLU A 133 10.57 35.36 -4.57
CA GLU A 133 10.31 36.00 -3.29
C GLU A 133 10.28 34.98 -2.16
N ALA A 134 9.64 33.83 -2.40
CA ALA A 134 9.56 32.76 -1.41
C ALA A 134 9.04 31.50 -2.07
N ALA A 135 9.60 30.35 -1.72
CA ALA A 135 9.20 29.08 -2.31
C ALA A 135 8.93 28.06 -1.22
N GLY A 136 7.68 27.62 -1.12
CA GLY A 136 7.31 26.52 -0.25
C GLY A 136 7.55 25.18 -0.94
N ARG A 137 6.91 24.14 -0.40
CA ARG A 137 7.04 22.83 -1.01
C ARG A 137 5.99 22.53 -2.07
N ASP A 138 5.08 23.46 -2.35
CA ASP A 138 4.14 23.28 -3.45
C ASP A 138 3.93 24.56 -4.26
N HIS A 139 4.80 25.55 -4.11
CA HIS A 139 4.61 26.82 -4.81
C HIS A 139 5.95 27.52 -4.91
N ILE A 140 6.06 28.39 -5.90
CA ILE A 140 7.25 29.22 -6.11
C ILE A 140 6.74 30.62 -6.42
N ILE A 141 6.68 31.48 -5.41
CA ILE A 141 6.12 32.82 -5.58
C ILE A 141 7.15 33.66 -6.32
N ILE A 142 6.97 33.83 -7.62
CA ILE A 142 7.85 34.65 -8.44
C ILE A 142 7.24 36.03 -8.57
N SER A 143 8.04 37.07 -8.33
CA SER A 143 7.56 38.44 -8.36
C SER A 143 8.28 39.20 -9.48
N ASP A 144 7.68 39.20 -10.65
CA ASP A 144 8.22 39.96 -11.77
C ASP A 144 8.22 41.44 -11.44
N PRO A 145 9.38 42.12 -11.47
CA PRO A 145 9.40 43.56 -11.17
C PRO A 145 9.14 44.46 -12.37
N LYS A 146 9.09 43.91 -13.58
CA LYS A 146 8.83 44.72 -14.76
C LYS A 146 7.42 45.30 -14.72
N THR A 147 6.43 44.47 -14.40
CA THR A 147 5.04 44.89 -14.37
C THR A 147 4.40 44.77 -13.00
N GLY A 148 4.97 43.97 -12.09
CA GLY A 148 4.45 43.85 -10.75
C GLY A 148 3.53 42.68 -10.51
N THR A 149 3.34 41.80 -11.47
CA THR A 149 2.44 40.66 -11.30
C THR A 149 3.18 39.56 -10.56
N ARG A 150 2.80 39.33 -9.30
CA ARG A 150 3.44 38.30 -8.48
C ARG A 150 2.80 36.96 -8.79
N TYR A 151 3.45 36.17 -9.63
CA TYR A 151 2.92 34.86 -9.97
C TYR A 151 2.93 33.95 -8.75
N LEU A 152 2.23 32.82 -8.87
CA LEU A 152 2.22 31.77 -7.86
C LEU A 152 2.17 30.45 -8.63
N LEU A 153 3.35 29.90 -8.93
CA LEU A 153 3.41 28.70 -9.74
C LEU A 153 3.20 27.46 -8.87
N LEU A 154 3.14 26.32 -9.53
CA LEU A 154 3.07 25.03 -8.86
C LEU A 154 4.29 24.20 -9.25
N THR A 155 5.00 23.67 -8.26
CA THR A 155 6.23 22.94 -8.51
C THR A 155 5.99 21.66 -9.30
N ILE A 156 4.77 21.11 -9.26
CA ILE A 156 4.48 19.87 -9.97
C ILE A 156 4.78 20.02 -11.46
N TYR A 157 4.42 21.16 -12.04
CA TYR A 157 4.62 21.41 -13.46
C TYR A 157 6.00 21.97 -13.78
N LEU A 158 6.84 22.19 -12.78
CA LEU A 158 8.16 22.76 -13.03
C LEU A 158 8.97 21.84 -13.94
N ASP A 159 9.75 22.45 -14.83
CA ASP A 159 10.71 21.68 -15.62
C ASP A 159 12.15 22.07 -15.29
N TYR A 160 12.53 23.33 -15.44
CA TYR A 160 13.87 23.68 -14.98
C TYR A 160 14.01 25.17 -14.80
N ILE A 161 14.82 25.56 -13.83
CA ILE A 161 15.00 26.94 -13.45
C ILE A 161 16.38 27.38 -13.89
N THR A 162 16.44 28.45 -14.68
CA THR A 162 17.70 29.01 -15.12
C THR A 162 17.99 30.24 -14.28
N PHE A 163 19.06 30.18 -13.48
CA PHE A 163 19.49 31.33 -12.72
C PHE A 163 20.44 32.16 -13.58
N ASP A 164 21.03 33.19 -12.98
CA ASP A 164 21.98 33.98 -13.75
C ASP A 164 23.22 34.37 -12.97
N GLU A 165 23.21 34.35 -11.64
CA GLU A 165 24.34 34.84 -10.86
C GLU A 165 25.05 33.73 -10.11
N GLU A 166 24.38 33.08 -9.16
CA GLU A 166 25.02 32.09 -8.29
C GLU A 166 23.93 31.28 -7.60
N ILE A 167 23.89 29.98 -7.85
CA ILE A 167 23.00 29.10 -7.10
C ILE A 167 23.69 28.75 -5.79
N ALA A 168 23.14 29.21 -4.69
CA ALA A 168 23.67 28.86 -3.37
C ALA A 168 23.02 27.57 -2.88
N TYR A 169 23.82 26.52 -2.76
CA TYR A 169 23.31 25.23 -2.34
C TYR A 169 23.85 24.86 -0.96
N MET B 91 4.69 34.54 8.74
CA MET B 91 4.98 33.71 7.58
C MET B 91 4.95 32.24 7.95
N LEU B 92 4.34 31.42 7.11
CA LEU B 92 4.15 30.02 7.43
C LEU B 92 5.49 29.29 7.49
N PRO B 93 5.65 28.23 8.33
CA PRO B 93 6.87 27.46 8.32
C PRO B 93 6.91 26.58 7.09
N ILE B 94 7.93 25.76 6.98
CA ILE B 94 8.13 24.91 5.81
C ILE B 94 7.09 23.81 5.78
N GLU B 95 6.71 23.29 6.96
CA GLU B 95 5.94 22.07 7.07
C GLU B 95 4.45 22.27 6.80
N GLU B 96 3.98 23.50 6.66
CA GLU B 96 2.58 23.73 6.34
C GLU B 96 2.40 24.79 5.26
N SER B 97 3.45 25.14 4.52
CA SER B 97 3.36 26.12 3.45
C SER B 97 2.95 25.40 2.17
N TYR B 98 1.68 25.01 2.12
CA TYR B 98 1.08 24.40 0.94
C TYR B 98 0.32 25.46 0.15
N ILE B 99 -0.27 25.04 -0.96
CA ILE B 99 -0.98 26.00 -1.81
C ILE B 99 -2.23 26.52 -1.11
N GLU B 100 -3.00 25.63 -0.48
CA GLU B 100 -4.28 26.04 0.09
C GLU B 100 -4.10 27.00 1.27
N ASN B 101 -3.05 26.78 2.07
CA ASN B 101 -2.82 27.67 3.20
C ASN B 101 -2.57 29.10 2.74
N ILE B 102 -1.72 29.26 1.72
CA ILE B 102 -1.46 30.60 1.21
C ILE B 102 -2.71 31.19 0.56
N LEU B 103 -3.46 30.38 -0.20
CA LEU B 103 -4.70 30.87 -0.75
C LEU B 103 -5.65 31.35 0.35
N ARG B 104 -5.59 30.72 1.52
CA ARG B 104 -6.41 31.16 2.64
C ARG B 104 -5.84 32.37 3.35
N LEU B 105 -4.55 32.63 3.22
CA LEU B 105 -3.97 33.85 3.80
C LEU B 105 -4.25 35.09 2.96
N ASN B 106 -4.69 34.95 1.72
CA ASN B 106 -4.95 36.11 0.87
C ASN B 106 -6.39 36.19 0.41
N ARG B 107 -7.34 36.02 1.34
CA ARG B 107 -8.75 36.18 1.00
C ARG B 107 -9.03 37.65 0.79
N GLY B 108 -9.18 38.06 -0.47
CA GLY B 108 -9.51 39.44 -0.76
C GLY B 108 -8.55 40.11 -1.72
N LYS B 109 -7.72 39.32 -2.40
CA LYS B 109 -6.74 39.84 -3.34
C LYS B 109 -7.20 39.54 -4.76
N THR B 110 -7.20 40.55 -5.61
CA THR B 110 -7.56 40.36 -7.02
C THR B 110 -6.63 39.35 -7.67
N ALA B 111 -7.16 38.18 -8.02
CA ALA B 111 -6.37 37.11 -8.59
C ALA B 111 -6.98 36.66 -9.90
N THR B 112 -6.11 36.31 -10.85
CA THR B 112 -6.52 35.71 -12.11
C THR B 112 -5.95 34.30 -12.13
N ILE B 113 -6.82 33.31 -12.06
CA ILE B 113 -6.41 31.92 -11.98
C ILE B 113 -6.38 31.35 -13.39
N TYR B 114 -5.23 30.87 -13.83
CA TYR B 114 -5.08 30.19 -15.10
C TYR B 114 -5.25 28.71 -14.81
N MET B 115 -6.37 28.14 -15.26
CA MET B 115 -6.74 26.77 -14.98
C MET B 115 -6.94 26.03 -16.30
N THR B 116 -6.64 24.73 -16.31
CA THR B 116 -6.75 23.92 -17.53
C THR B 116 -7.37 22.57 -17.21
N PHE B 117 -8.53 22.34 -17.80
CA PHE B 117 -9.24 21.06 -17.70
C PHE B 117 -8.66 20.09 -18.71
N GLU B 118 -8.40 18.85 -18.27
CA GLU B 118 -7.53 17.95 -19.00
C GLU B 118 -8.06 17.67 -20.40
N ASN B 119 -9.23 17.04 -20.51
CA ASN B 119 -9.79 16.65 -21.79
C ASN B 119 -11.14 17.33 -22.00
N SER B 120 -11.11 18.45 -22.70
CA SER B 120 -12.33 19.12 -23.14
C SER B 120 -12.17 19.58 -24.58
N LYS B 121 -13.32 19.80 -25.22
CA LYS B 121 -13.35 20.35 -26.56
C LYS B 121 -13.77 21.82 -26.58
N GLU B 122 -14.53 22.28 -25.58
CA GLU B 122 -15.02 23.64 -25.56
C GLU B 122 -14.28 24.54 -24.58
N TRP B 123 -13.93 24.03 -23.40
CA TRP B 123 -13.14 24.81 -22.44
C TRP B 123 -11.92 23.98 -22.06
N ASN B 124 -10.88 24.08 -22.89
CA ASN B 124 -9.64 23.38 -22.59
C ASN B 124 -8.77 24.18 -21.63
N SER B 125 -8.83 25.51 -21.71
CA SER B 125 -8.07 26.38 -20.83
C SER B 125 -8.95 27.57 -20.48
N LYS B 126 -9.04 27.87 -19.20
CA LYS B 126 -9.91 28.92 -18.70
C LYS B 126 -9.11 29.89 -17.84
N ILE B 127 -9.54 31.14 -17.84
CA ILE B 127 -8.90 32.22 -17.11
C ILE B 127 -9.97 32.84 -16.22
N PHE B 128 -9.97 32.47 -14.95
CA PHE B 128 -10.97 32.94 -14.01
C PHE B 128 -10.43 34.15 -13.28
N ARG B 129 -10.94 35.33 -13.61
CA ARG B 129 -10.47 36.57 -13.02
C ARG B 129 -11.46 37.01 -11.95
N GLY B 130 -10.95 37.48 -10.82
CA GLY B 130 -11.88 37.96 -9.81
C GLY B 130 -11.23 38.17 -8.47
N VAL B 131 -12.05 38.09 -7.43
CA VAL B 131 -11.63 38.31 -6.05
C VAL B 131 -11.81 37.00 -5.29
N ILE B 132 -10.74 36.53 -4.68
CA ILE B 132 -10.80 35.28 -3.93
C ILE B 132 -11.56 35.53 -2.64
N GLU B 133 -12.71 34.87 -2.49
CA GLU B 133 -13.54 35.05 -1.31
C GLU B 133 -13.16 34.08 -0.20
N ALA B 134 -12.91 32.82 -0.57
CA ALA B 134 -12.49 31.80 0.39
C ALA B 134 -11.99 30.57 -0.35
N ALA B 135 -10.92 29.96 0.13
CA ALA B 135 -10.34 28.79 -0.52
C ALA B 135 -10.12 27.68 0.49
N GLY B 136 -10.83 26.56 0.32
CA GLY B 136 -10.59 25.37 1.09
C GLY B 136 -9.47 24.54 0.49
N ARG B 137 -9.44 23.27 0.89
CA ARG B 137 -8.40 22.40 0.33
C ARG B 137 -8.85 21.65 -0.92
N ASP B 138 -10.06 21.89 -1.41
CA ASP B 138 -10.46 21.33 -2.70
C ASP B 138 -11.25 22.31 -3.55
N HIS B 139 -11.23 23.59 -3.22
CA HIS B 139 -12.01 24.56 -3.96
C HIS B 139 -11.40 25.93 -3.77
N ILE B 140 -11.66 26.83 -4.72
CA ILE B 140 -11.23 28.21 -4.66
C ILE B 140 -12.41 29.06 -5.09
N ILE B 141 -13.18 29.57 -4.13
CA ILE B 141 -14.40 30.31 -4.45
C ILE B 141 -13.98 31.69 -4.94
N ILE B 142 -13.99 31.88 -6.25
CA ILE B 142 -13.65 33.16 -6.87
C ILE B 142 -14.95 33.91 -7.15
N SER B 143 -15.02 35.17 -6.74
CA SER B 143 -16.22 35.98 -6.89
C SER B 143 -15.92 37.15 -7.83
N ASP B 144 -16.17 36.94 -9.11
CA ASP B 144 -16.01 38.01 -10.09
C ASP B 144 -16.98 39.13 -9.78
N PRO B 145 -16.50 40.37 -9.57
CA PRO B 145 -17.42 41.48 -9.28
C PRO B 145 -17.95 42.19 -10.51
N LYS B 146 -17.42 41.88 -11.70
CA LYS B 146 -17.91 42.53 -12.92
C LYS B 146 -19.36 42.13 -13.21
N THR B 147 -19.67 40.84 -13.11
CA THR B 147 -21.00 40.34 -13.39
C THR B 147 -21.67 39.68 -12.20
N GLY B 148 -20.91 39.27 -11.18
CA GLY B 148 -21.48 38.70 -9.98
C GLY B 148 -21.52 37.18 -9.94
N THR B 149 -20.95 36.49 -10.92
CA THR B 149 -20.97 35.03 -10.93
C THR B 149 -19.87 34.51 -10.03
N ARG B 150 -20.24 33.95 -8.89
CA ARG B 150 -19.28 33.42 -7.93
C ARG B 150 -18.90 32.00 -8.36
N TYR B 151 -17.75 31.88 -9.03
CA TYR B 151 -17.30 30.57 -9.46
C TYR B 151 -16.95 29.70 -8.26
N LEU B 152 -16.78 28.40 -8.53
CA LEU B 152 -16.32 27.44 -7.53
C LEU B 152 -15.41 26.47 -8.28
N LEU B 153 -14.12 26.78 -8.29
CA LEU B 153 -13.19 25.97 -9.05
C LEU B 153 -12.75 24.76 -8.24
N LEU B 154 -11.97 23.89 -8.88
CA LEU B 154 -11.35 22.75 -8.23
C LEU B 154 -9.85 22.88 -8.33
N THR B 155 -9.16 22.76 -7.20
CA THR B 155 -7.72 22.95 -7.16
C THR B 155 -6.97 21.89 -7.96
N ILE B 156 -7.58 20.73 -8.19
CA ILE B 156 -6.91 19.67 -8.93
C ILE B 156 -6.51 20.15 -10.32
N TYR B 157 -7.37 20.91 -10.98
CA TYR B 157 -7.10 21.41 -12.32
C TYR B 157 -6.33 22.73 -12.33
N LEU B 158 -6.00 23.27 -11.16
CA LEU B 158 -5.29 24.54 -11.12
C LEU B 158 -3.94 24.43 -11.81
N ASP B 159 -3.54 25.48 -12.52
CA ASP B 159 -2.19 25.56 -13.05
C ASP B 159 -1.38 26.67 -12.42
N TYR B 160 -1.84 27.92 -12.50
CA TYR B 160 -1.10 28.93 -11.75
C TYR B 160 -1.94 30.18 -11.56
N ILE B 161 -1.73 30.86 -10.44
CA ILE B 161 -2.53 32.01 -10.04
C ILE B 161 -1.64 33.24 -10.18
N THR B 162 -2.10 34.22 -10.94
CA THR B 162 -1.40 35.47 -11.09
C THR B 162 -2.09 36.51 -10.23
N PHE B 163 -1.38 36.99 -9.20
CA PHE B 163 -1.90 38.07 -8.38
C PHE B 163 -1.51 39.40 -9.02
N ASP B 164 -1.80 40.50 -8.32
CA ASP B 164 -1.42 41.79 -8.86
C ASP B 164 -0.84 42.73 -7.83
N GLU B 165 -1.08 42.54 -6.52
CA GLU B 165 -0.67 43.51 -5.53
C GLU B 165 0.43 42.96 -4.62
N GLU B 166 0.14 41.92 -3.84
CA GLU B 166 1.08 41.41 -2.84
C GLU B 166 0.60 40.03 -2.40
N ILE B 167 1.42 39.01 -2.63
CA ILE B 167 1.13 37.68 -2.10
C ILE B 167 1.63 37.66 -0.66
N ALA B 168 0.73 37.54 0.30
CA ALA B 168 1.12 37.43 1.69
C ALA B 168 1.31 35.96 2.04
N TYR B 169 2.55 35.59 2.35
CA TYR B 169 2.87 34.20 2.67
C TYR B 169 3.26 34.06 4.13
N MET C 91 -19.20 28.97 9.18
CA MET C 91 -18.26 28.64 8.11
C MET C 91 -17.45 27.42 8.50
N LEU C 92 -17.26 26.51 7.55
CA LEU C 92 -16.61 25.25 7.83
C LEU C 92 -15.14 25.48 8.20
N PRO C 93 -14.53 24.62 9.06
CA PRO C 93 -13.11 24.74 9.34
C PRO C 93 -12.32 24.23 8.16
N ILE C 94 -11.00 24.20 8.30
CA ILE C 94 -10.12 23.80 7.21
C ILE C 94 -10.23 22.31 6.96
N GLU C 95 -10.42 21.53 8.02
CA GLU C 95 -10.29 20.09 7.97
C GLU C 95 -11.50 19.39 7.38
N GLU C 96 -12.59 20.10 7.12
CA GLU C 96 -13.76 19.49 6.50
C GLU C 96 -14.34 20.35 5.38
N SER C 97 -13.61 21.35 4.90
CA SER C 97 -14.08 22.21 3.82
C SER C 97 -13.72 21.55 2.48
N TYR C 98 -14.45 20.50 2.16
CA TYR C 98 -14.32 19.81 0.88
C TYR C 98 -15.42 20.29 -0.07
N ILE C 99 -15.40 19.75 -1.28
CA ILE C 99 -16.38 20.18 -2.28
C ILE C 99 -17.79 19.76 -1.88
N GLU C 100 -17.95 18.51 -1.43
CA GLU C 100 -19.29 18.00 -1.16
C GLU C 100 -19.95 18.70 0.00
N ASN C 101 -19.17 19.06 1.03
CA ASN C 101 -19.74 19.75 2.17
C ASN C 101 -20.33 21.09 1.76
N ILE C 102 -19.60 21.86 0.96
CA ILE C 102 -20.12 23.14 0.50
C ILE C 102 -21.32 22.94 -0.41
N LEU C 103 -21.26 21.95 -1.30
CA LEU C 103 -22.43 21.67 -2.13
C LEU C 103 -23.64 21.33 -1.28
N ARG C 104 -23.43 20.73 -0.12
CA ARG C 104 -24.53 20.43 0.78
C ARG C 104 -24.97 21.64 1.59
N LEU C 105 -24.11 22.64 1.75
CA LEU C 105 -24.52 23.86 2.42
C LEU C 105 -25.34 24.80 1.53
N ASN C 106 -25.37 24.57 0.22
CA ASN C 106 -26.12 25.45 -0.67
C ASN C 106 -27.19 24.70 -1.45
N ARG C 107 -27.98 23.88 -0.76
CA ARG C 107 -29.10 23.21 -1.40
C ARG C 107 -30.19 24.22 -1.69
N GLY C 108 -30.32 24.62 -2.95
CA GLY C 108 -31.37 25.54 -3.33
C GLY C 108 -30.86 26.78 -4.05
N LYS C 109 -29.62 26.75 -4.51
CA LYS C 109 -29.02 27.87 -5.22
C LYS C 109 -28.92 27.52 -6.71
N THR C 110 -29.38 28.44 -7.55
CA THR C 110 -29.28 28.26 -9.00
C THR C 110 -27.82 28.09 -9.41
N ALA C 111 -27.45 26.90 -9.86
CA ALA C 111 -26.08 26.60 -10.22
C ALA C 111 -26.03 26.05 -11.64
N THR C 112 -24.97 26.42 -12.36
CA THR C 112 -24.69 25.86 -13.66
C THR C 112 -23.38 25.10 -13.55
N ILE C 113 -23.46 23.78 -13.66
CA ILE C 113 -22.30 22.92 -13.48
C ILE C 113 -21.68 22.67 -14.84
N TYR C 114 -20.42 23.04 -15.00
CA TYR C 114 -19.65 22.75 -16.20
C TYR C 114 -18.92 21.44 -15.94
N MET C 115 -19.35 20.38 -16.62
CA MET C 115 -18.85 19.04 -16.41
C MET C 115 -18.30 18.50 -17.74
N THR C 116 -17.27 17.67 -17.66
CA THR C 116 -16.64 17.11 -18.87
C THR C 116 -16.33 15.64 -18.68
N PHE C 117 -16.98 14.83 -19.51
CA PHE C 117 -16.77 13.39 -19.56
C PHE C 117 -15.53 13.10 -20.40
N GLU C 118 -14.67 12.21 -19.90
CA GLU C 118 -13.30 12.11 -20.41
C GLU C 118 -13.28 11.76 -21.89
N ASN C 119 -13.77 10.58 -22.25
CA ASN C 119 -13.73 10.09 -23.62
C ASN C 119 -15.15 9.85 -24.13
N SER C 120 -15.69 10.84 -24.82
CA SER C 120 -16.95 10.70 -25.52
C SER C 120 -16.84 11.34 -26.91
N LYS C 121 -17.74 10.91 -27.79
CA LYS C 121 -17.86 11.50 -29.11
C LYS C 121 -19.07 12.41 -29.23
N GLU C 122 -20.12 12.19 -28.45
CA GLU C 122 -21.34 12.97 -28.55
C GLU C 122 -21.50 14.00 -27.44
N TRP C 123 -21.14 13.66 -26.20
CA TRP C 123 -21.19 14.61 -25.10
C TRP C 123 -19.81 14.65 -24.45
N ASN C 124 -18.92 15.45 -25.01
CA ASN C 124 -17.59 15.61 -24.43
C ASN C 124 -17.60 16.64 -23.32
N SER C 125 -18.43 17.65 -23.43
CA SER C 125 -18.55 18.68 -22.41
C SER C 125 -20.02 19.06 -22.28
N LYS C 126 -20.51 19.08 -21.05
CA LYS C 126 -21.92 19.31 -20.77
C LYS C 126 -22.05 20.45 -19.77
N ILE C 127 -23.15 21.18 -19.88
CA ILE C 127 -23.46 22.32 -19.03
C ILE C 127 -24.82 22.05 -18.41
N PHE C 128 -24.83 21.60 -17.17
CA PHE C 128 -26.06 21.24 -16.48
C PHE C 128 -26.52 22.44 -15.67
N ARG C 129 -27.57 23.11 -16.12
CA ARG C 129 -28.08 24.29 -15.45
C ARG C 129 -29.30 23.91 -14.64
N GLY C 130 -29.41 24.43 -13.43
CA GLY C 130 -30.60 24.13 -12.66
C GLY C 130 -30.48 24.51 -11.20
N VAL C 131 -31.26 23.82 -10.38
CA VAL C 131 -31.33 24.07 -8.94
C VAL C 131 -30.80 22.83 -8.23
N ILE C 132 -29.79 23.02 -7.39
CA ILE C 132 -29.22 21.90 -6.66
C ILE C 132 -30.20 21.47 -5.57
N GLU C 133 -30.70 20.24 -5.68
CA GLU C 133 -31.67 19.74 -4.72
C GLU C 133 -30.98 19.06 -3.54
N ALA C 134 -29.94 18.26 -3.82
CA ALA C 134 -29.18 17.58 -2.78
C ALA C 134 -27.90 17.01 -3.39
N ALA C 135 -26.79 17.09 -2.66
CA ALA C 135 -25.51 16.61 -3.16
C ALA C 135 -24.85 15.74 -2.10
N GLY C 136 -24.68 14.45 -2.42
CA GLY C 136 -23.90 13.55 -1.60
C GLY C 136 -22.43 13.65 -1.92
N ARG C 137 -21.69 12.62 -1.52
CA ARG C 137 -20.26 12.61 -1.82
C ARG C 137 -19.92 11.92 -3.13
N ASP C 138 -20.90 11.44 -3.89
CA ASP C 138 -20.62 10.92 -5.22
C ASP C 138 -21.68 11.34 -6.24
N HIS C 139 -22.51 12.32 -5.92
CA HIS C 139 -23.57 12.72 -6.83
C HIS C 139 -23.98 14.15 -6.52
N ILE C 140 -24.55 14.81 -7.53
CA ILE C 140 -25.08 16.16 -7.38
C ILE C 140 -26.43 16.17 -8.08
N ILE C 141 -27.51 15.99 -7.32
CA ILE C 141 -28.84 15.89 -7.91
C ILE C 141 -29.28 17.29 -8.31
N ILE C 142 -29.16 17.61 -9.59
CA ILE C 142 -29.58 18.89 -10.12
C ILE C 142 -30.98 18.74 -10.71
N SER C 143 -31.87 19.65 -10.34
CA SER C 143 -33.27 19.59 -10.77
C SER C 143 -33.59 20.81 -11.62
N ASP C 144 -33.42 20.66 -12.93
CA ASP C 144 -33.76 21.72 -13.86
C ASP C 144 -35.26 22.00 -13.78
N PRO C 145 -35.69 23.23 -13.49
CA PRO C 145 -37.12 23.52 -13.43
C PRO C 145 -37.74 23.91 -14.75
N LYS C 146 -36.93 24.15 -15.79
CA LYS C 146 -37.47 24.51 -17.09
C LYS C 146 -38.29 23.38 -17.70
N THR C 147 -37.75 22.16 -17.65
CA THR C 147 -38.41 21.00 -18.22
C THR C 147 -38.75 19.92 -17.21
N GLY C 148 -38.10 19.92 -16.04
CA GLY C 148 -38.41 18.97 -15.00
C GLY C 148 -37.51 17.75 -14.93
N THR C 149 -36.47 17.68 -15.76
CA THR C 149 -35.59 16.51 -15.76
C THR C 149 -34.59 16.64 -14.63
N ARG C 150 -34.74 15.83 -13.59
CA ARG C 150 -33.85 15.86 -12.44
C ARG C 150 -32.61 15.03 -12.75
N TYR C 151 -31.53 15.71 -13.15
CA TYR C 151 -30.30 15.00 -13.44
C TYR C 151 -29.72 14.36 -12.19
N LEU C 152 -28.75 13.48 -12.40
CA LEU C 152 -27.99 12.86 -11.30
C LEU C 152 -26.56 12.74 -11.82
N LEU C 153 -25.75 13.75 -11.56
CA LEU C 153 -24.41 13.78 -12.07
C LEU C 153 -23.47 12.98 -11.17
N LEU C 154 -22.23 12.85 -11.61
CA LEU C 154 -21.17 12.22 -10.82
C LEU C 154 -20.07 13.25 -10.58
N THR C 155 -19.68 13.41 -9.32
CA THR C 155 -18.70 14.42 -8.97
C THR C 155 -17.33 14.14 -9.57
N ILE C 156 -17.04 12.89 -9.92
CA ILE C 156 -15.73 12.55 -10.48
C ILE C 156 -15.46 13.36 -11.75
N TYR C 157 -16.48 13.52 -12.59
CA TYR C 157 -16.32 14.25 -13.84
C TYR C 157 -16.54 15.75 -13.69
N LEU C 158 -16.83 16.23 -12.49
CA LEU C 158 -17.07 17.66 -12.30
C LEU C 158 -15.83 18.46 -12.67
N ASP C 159 -16.05 19.62 -13.29
CA ASP C 159 -14.96 20.56 -13.50
C ASP C 159 -15.14 21.84 -12.71
N TYR C 160 -16.25 22.57 -12.90
CA TYR C 160 -16.44 23.72 -12.03
C TYR C 160 -17.89 24.16 -12.04
N ILE C 161 -18.34 24.68 -10.91
CA ILE C 161 -19.72 25.07 -10.71
C ILE C 161 -19.79 26.59 -10.66
N THR C 162 -20.60 27.18 -11.52
CA THR C 162 -20.80 28.62 -11.52
C THR C 162 -22.13 28.91 -10.84
N PHE C 163 -22.07 29.58 -9.70
CA PHE C 163 -23.27 30.02 -9.03
C PHE C 163 -23.68 31.38 -9.58
N ASP C 164 -24.70 31.99 -8.97
CA ASP C 164 -25.09 33.30 -9.43
C ASP C 164 -25.43 34.27 -8.30
N GLU C 165 -25.74 33.79 -7.08
CA GLU C 165 -26.19 34.69 -6.03
C GLU C 165 -25.18 34.79 -4.89
N GLU C 166 -24.91 33.69 -4.19
CA GLU C 166 -24.07 33.72 -3.00
C GLU C 166 -23.65 32.30 -2.66
N ILE C 167 -22.36 32.01 -2.69
CA ILE C 167 -21.87 30.72 -2.22
C ILE C 167 -21.72 30.81 -0.71
N ALA C 168 -22.53 30.06 0.03
CA ALA C 168 -22.42 30.02 1.48
C ALA C 168 -21.44 28.93 1.87
N TYR C 169 -20.31 29.34 2.46
CA TYR C 169 -19.28 28.39 2.86
C TYR C 169 -19.16 28.33 4.37
N MET D 91 -34.20 10.17 4.30
CA MET D 91 -33.08 10.61 3.48
C MET D 91 -31.77 10.08 4.05
N LEU D 92 -30.89 9.61 3.17
CA LEU D 92 -29.67 8.96 3.61
C LEU D 92 -28.75 9.98 4.30
N PRO D 93 -27.91 9.56 5.28
CA PRO D 93 -26.95 10.47 5.87
C PRO D 93 -25.81 10.69 4.90
N ILE D 94 -24.82 11.44 5.33
CA ILE D 94 -23.70 11.80 4.47
C ILE D 94 -22.81 10.58 4.22
N GLU D 95 -22.67 9.71 5.23
CA GLU D 95 -21.68 8.66 5.22
C GLU D 95 -22.07 7.46 4.38
N GLU D 96 -23.30 7.40 3.88
CA GLU D 96 -23.70 6.30 3.01
C GLU D 96 -24.47 6.76 1.78
N SER D 97 -24.44 8.06 1.47
CA SER D 97 -25.13 8.59 0.30
C SER D 97 -24.21 8.47 -0.91
N TYR D 98 -24.06 7.24 -1.38
CA TYR D 98 -23.30 6.93 -2.59
C TYR D 98 -24.26 6.79 -3.75
N ILE D 99 -23.70 6.51 -4.94
CA ILE D 99 -24.52 6.41 -6.13
C ILE D 99 -25.42 5.18 -6.06
N GLU D 100 -24.86 4.04 -5.63
CA GLU D 100 -25.63 2.79 -5.68
C GLU D 100 -26.78 2.80 -4.69
N ASN D 101 -26.59 3.43 -3.53
CA ASN D 101 -27.67 3.47 -2.55
C ASN D 101 -28.87 4.23 -3.10
N ILE D 102 -28.63 5.38 -3.72
CA ILE D 102 -29.73 6.14 -4.30
C ILE D 102 -30.36 5.38 -5.46
N LEU D 103 -29.53 4.75 -6.30
CA LEU D 103 -30.10 3.93 -7.37
C LEU D 103 -30.98 2.83 -6.81
N ARG D 104 -30.67 2.32 -5.62
CA ARG D 104 -31.50 1.31 -4.99
C ARG D 104 -32.73 1.90 -4.31
N LEU D 105 -32.72 3.19 -3.98
CA LEU D 105 -33.91 3.82 -3.43
C LEU D 105 -34.94 4.17 -4.48
N ASN D 106 -34.58 4.16 -5.76
CA ASN D 106 -35.53 4.51 -6.81
C ASN D 106 -35.76 3.37 -7.80
N ARG D 107 -35.99 2.17 -7.30
CA ARG D 107 -36.31 1.05 -8.18
C ARG D 107 -37.72 1.24 -8.71
N GLY D 108 -37.84 1.63 -9.97
CA GLY D 108 -39.13 1.79 -10.59
C GLY D 108 -39.37 3.16 -11.20
N LYS D 109 -38.31 3.94 -11.36
CA LYS D 109 -38.40 5.28 -11.93
C LYS D 109 -37.84 5.26 -13.35
N THR D 110 -38.60 5.81 -14.29
CA THR D 110 -38.15 5.92 -15.66
C THR D 110 -36.85 6.70 -15.73
N ALA D 111 -35.75 6.05 -16.07
CA ALA D 111 -34.45 6.67 -16.12
C ALA D 111 -33.82 6.46 -17.49
N THR D 112 -33.09 7.47 -17.96
CA THR D 112 -32.29 7.37 -19.16
C THR D 112 -30.84 7.54 -18.75
N ILE D 113 -30.07 6.47 -18.84
CA ILE D 113 -28.69 6.45 -18.40
C ILE D 113 -27.80 6.81 -19.58
N TYR D 114 -27.03 7.87 -19.46
CA TYR D 114 -26.05 8.26 -20.46
C TYR D 114 -24.73 7.63 -20.02
N MET D 115 -24.28 6.63 -20.78
CA MET D 115 -23.11 5.84 -20.45
C MET D 115 -22.13 5.92 -21.60
N THR D 116 -20.83 5.87 -21.30
CA THR D 116 -19.79 5.96 -22.32
C THR D 116 -18.69 4.95 -22.06
N PHE D 117 -18.53 4.03 -23.00
CA PHE D 117 -17.47 3.04 -22.98
C PHE D 117 -16.19 3.65 -23.52
N GLU D 118 -15.07 3.41 -22.82
CA GLU D 118 -13.88 4.22 -23.02
C GLU D 118 -13.37 4.14 -24.45
N ASN D 119 -12.96 2.95 -24.89
CA ASN D 119 -12.37 2.78 -26.22
C ASN D 119 -13.21 1.80 -27.03
N SER D 120 -14.11 2.36 -27.84
CA SER D 120 -14.86 1.57 -28.80
C SER D 120 -14.92 2.31 -30.13
N LYS D 121 -15.17 1.55 -31.19
CA LYS D 121 -15.39 2.12 -32.51
C LYS D 121 -16.86 2.13 -32.92
N GLU D 122 -17.67 1.22 -32.38
CA GLU D 122 -19.07 1.12 -32.76
C GLU D 122 -20.03 1.70 -31.73
N TRP D 123 -19.77 1.48 -30.44
CA TRP D 123 -20.60 2.07 -29.38
C TRP D 123 -19.68 2.84 -28.44
N ASN D 124 -19.39 4.08 -28.80
CA ASN D 124 -18.57 4.92 -27.94
C ASN D 124 -19.40 5.59 -26.87
N SER D 125 -20.66 5.91 -27.17
CA SER D 125 -21.57 6.51 -26.22
C SER D 125 -22.94 5.91 -26.43
N LYS D 126 -23.56 5.47 -25.34
CA LYS D 126 -24.84 4.78 -25.39
C LYS D 126 -25.83 5.47 -24.45
N ILE D 127 -27.10 5.40 -24.82
CA ILE D 127 -28.19 6.01 -24.08
C ILE D 127 -29.19 4.90 -23.77
N PHE D 128 -29.14 4.37 -22.56
CA PHE D 128 -30.00 3.26 -22.16
C PHE D 128 -31.23 3.83 -21.49
N ARG D 129 -32.36 3.79 -22.17
CA ARG D 129 -33.60 4.33 -21.65
C ARG D 129 -34.46 3.18 -21.13
N GLY D 130 -35.09 3.39 -19.97
CA GLY D 130 -35.96 2.33 -19.49
C GLY D 130 -36.36 2.51 -18.04
N VAL D 131 -36.69 1.40 -17.40
CA VAL D 131 -37.16 1.36 -16.03
C VAL D 131 -36.14 0.61 -15.20
N ILE D 132 -35.63 1.26 -14.16
CA ILE D 132 -34.64 0.63 -13.29
C ILE D 132 -35.32 -0.44 -12.46
N GLU D 133 -34.93 -1.70 -12.67
CA GLU D 133 -35.55 -2.80 -11.93
C GLU D 133 -34.81 -3.08 -10.63
N ALA D 134 -33.48 -3.05 -10.66
CA ALA D 134 -32.67 -3.26 -9.47
C ALA D 134 -31.23 -2.88 -9.76
N ALA D 135 -30.56 -2.22 -8.81
CA ALA D 135 -29.18 -1.79 -9.00
C ALA D 135 -28.34 -2.21 -7.81
N GLY D 136 -27.36 -3.08 -8.07
CA GLY D 136 -26.36 -3.43 -7.09
C GLY D 136 -25.23 -2.43 -7.07
N ARG D 137 -24.10 -2.86 -6.50
CA ARG D 137 -22.95 -1.96 -6.46
C ARG D 137 -22.02 -2.13 -7.66
N ASP D 138 -22.34 -3.00 -8.62
CA ASP D 138 -21.57 -3.07 -9.85
C ASP D 138 -22.45 -3.26 -11.08
N HIS D 139 -23.75 -3.01 -10.97
CA HIS D 139 -24.63 -3.22 -12.09
C HIS D 139 -25.87 -2.37 -11.91
N ILE D 140 -26.53 -2.06 -13.01
CA ILE D 140 -27.80 -1.33 -13.01
C ILE D 140 -28.71 -2.05 -14.00
N ILE D 141 -29.57 -2.93 -13.50
CA ILE D 141 -30.43 -3.74 -14.37
C ILE D 141 -31.54 -2.84 -14.88
N ILE D 142 -31.41 -2.35 -16.10
CA ILE D 142 -32.43 -1.52 -16.73
C ILE D 142 -33.30 -2.39 -17.61
N SER D 143 -34.62 -2.27 -17.46
CA SER D 143 -35.57 -3.10 -18.19
C SER D 143 -36.40 -2.22 -19.12
N ASP D 144 -35.95 -2.06 -20.34
CA ASP D 144 -36.69 -1.31 -21.34
C ASP D 144 -38.02 -2.00 -21.61
N PRO D 145 -39.15 -1.33 -21.43
CA PRO D 145 -40.45 -1.96 -21.69
C PRO D 145 -40.92 -1.85 -23.13
N LYS D 146 -40.25 -1.05 -23.96
CA LYS D 146 -40.65 -0.91 -25.35
C LYS D 146 -40.47 -2.22 -26.11
N THR D 147 -39.32 -2.86 -25.94
CA THR D 147 -39.02 -4.11 -26.63
C THR D 147 -38.79 -5.29 -25.69
N GLY D 148 -38.51 -5.06 -24.42
CA GLY D 148 -38.36 -6.11 -23.46
C GLY D 148 -36.94 -6.56 -23.18
N THR D 149 -35.94 -5.89 -23.76
CA THR D 149 -34.55 -6.28 -23.55
C THR D 149 -34.06 -5.72 -22.22
N ARG D 150 -33.87 -6.60 -21.23
CA ARG D 150 -33.42 -6.18 -19.90
C ARG D 150 -31.91 -6.05 -19.93
N TYR D 151 -31.42 -4.82 -20.07
CA TYR D 151 -29.98 -4.59 -20.08
C TYR D 151 -29.38 -4.92 -18.72
N LEU D 152 -28.05 -5.00 -18.69
CA LEU D 152 -27.29 -5.18 -17.46
C LEU D 152 -26.02 -4.35 -17.63
N LEU D 153 -26.07 -3.10 -17.21
CA LEU D 153 -24.95 -2.21 -17.41
C LEU D 153 -23.91 -2.39 -16.31
N LEU D 154 -22.80 -1.69 -16.46
CA LEU D 154 -21.75 -1.64 -15.44
C LEU D 154 -21.58 -0.21 -14.98
N THR D 155 -21.61 -0.01 -13.66
CA THR D 155 -21.54 1.34 -13.10
C THR D 155 -20.21 2.00 -13.38
N ILE D 156 -19.15 1.23 -13.65
CA ILE D 156 -17.84 1.82 -13.89
C ILE D 156 -17.89 2.78 -15.07
N TYR D 157 -18.61 2.41 -16.13
CA TYR D 157 -18.72 3.24 -17.32
C TYR D 157 -19.83 4.27 -17.24
N LEU D 158 -20.57 4.33 -16.14
CA LEU D 158 -21.67 5.29 -16.03
C LEU D 158 -21.14 6.71 -16.11
N ASP D 159 -21.90 7.58 -16.78
CA ASP D 159 -21.60 9.00 -16.76
C ASP D 159 -22.68 9.80 -16.04
N TYR D 160 -23.93 9.74 -16.48
CA TYR D 160 -24.94 10.41 -15.69
C TYR D 160 -26.33 9.91 -16.03
N ILE D 161 -27.20 9.89 -15.04
CA ILE D 161 -28.54 9.34 -15.16
C ILE D 161 -29.53 10.49 -15.13
N THR D 162 -30.36 10.59 -16.16
CA THR D 162 -31.40 11.61 -16.23
C THR D 162 -32.72 10.96 -15.87
N PHE D 163 -33.29 11.37 -14.75
CA PHE D 163 -34.61 10.90 -14.36
C PHE D 163 -35.66 11.81 -15.01
N ASP D 164 -36.92 11.61 -14.66
CA ASP D 164 -37.95 12.46 -15.21
C ASP D 164 -39.00 12.87 -14.19
N GLU D 165 -39.17 12.16 -13.07
CA GLU D 165 -40.26 12.46 -12.16
C GLU D 165 -39.76 13.00 -10.83
N GLU D 166 -39.02 12.19 -10.06
CA GLU D 166 -38.59 12.58 -8.71
C GLU D 166 -37.48 11.66 -8.28
N ILE D 167 -36.30 12.21 -8.02
CA ILE D 167 -35.22 11.43 -7.43
C ILE D 167 -35.44 11.39 -5.92
N ALA D 168 -35.73 10.21 -5.39
CA ALA D 168 -35.89 10.06 -3.95
C ALA D 168 -34.53 9.75 -3.33
N TYR D 169 -34.03 10.66 -2.51
CA TYR D 169 -32.73 10.49 -1.87
C TYR D 169 -32.89 10.31 -0.37
N MET E 91 -33.30 -13.03 -3.61
CA MET E 91 -32.56 -11.90 -4.16
C MET E 91 -31.33 -11.61 -3.31
N LEU E 92 -30.20 -11.34 -3.96
CA LEU E 92 -28.95 -11.17 -3.24
C LEU E 92 -28.98 -9.91 -2.39
N PRO E 93 -28.27 -9.87 -1.22
CA PRO E 93 -28.19 -8.65 -0.46
C PRO E 93 -27.28 -7.67 -1.15
N ILE E 94 -27.05 -6.53 -0.50
CA ILE E 94 -26.25 -5.47 -1.09
C ILE E 94 -24.78 -5.87 -1.12
N GLU E 95 -24.34 -6.60 -0.11
CA GLU E 95 -22.92 -6.84 0.12
C GLU E 95 -22.33 -7.91 -0.78
N GLU E 96 -23.14 -8.63 -1.54
CA GLU E 96 -22.61 -9.62 -2.46
C GLU E 96 -23.27 -9.56 -3.84
N SER E 97 -23.98 -8.48 -4.15
CA SER E 97 -24.62 -8.32 -5.45
C SER E 97 -23.62 -7.71 -6.42
N TYR E 98 -22.66 -8.53 -6.84
CA TYR E 98 -21.66 -8.16 -7.84
C TYR E 98 -22.09 -8.70 -9.19
N ILE E 99 -21.28 -8.42 -10.21
CA ILE E 99 -21.63 -8.85 -11.56
C ILE E 99 -21.58 -10.38 -11.68
N GLU E 100 -20.53 -10.99 -11.12
CA GLU E 100 -20.34 -12.43 -11.32
C GLU E 100 -21.42 -13.24 -10.61
N ASN E 101 -21.86 -12.79 -9.44
CA ASN E 101 -22.90 -13.52 -8.73
C ASN E 101 -24.19 -13.57 -9.54
N ILE E 102 -24.59 -12.43 -10.12
CA ILE E 102 -25.79 -12.43 -10.94
C ILE E 102 -25.60 -13.25 -12.20
N LEU E 103 -24.43 -13.15 -12.83
CA LEU E 103 -24.17 -13.99 -13.99
C LEU E 103 -24.28 -15.47 -13.63
N ARG E 104 -23.95 -15.83 -12.39
CA ARG E 104 -24.07 -17.21 -11.96
C ARG E 104 -25.51 -17.57 -11.57
N LEU E 105 -26.34 -16.59 -11.26
CA LEU E 105 -27.75 -16.87 -10.99
C LEU E 105 -28.56 -17.07 -12.26
N ASN E 106 -28.04 -16.71 -13.43
CA ASN E 106 -28.80 -16.86 -14.67
C ASN E 106 -28.09 -17.77 -15.67
N ARG E 107 -27.62 -18.93 -15.21
CA ARG E 107 -27.02 -19.90 -16.13
C ARG E 107 -28.13 -20.52 -16.96
N GLY E 108 -28.22 -20.11 -18.22
CA GLY E 108 -29.20 -20.69 -19.13
C GLY E 108 -30.11 -19.67 -19.78
N LYS E 109 -29.74 -18.40 -19.72
CA LYS E 109 -30.52 -17.33 -20.32
C LYS E 109 -29.82 -16.82 -21.56
N THR E 110 -30.57 -16.72 -22.66
CA THR E 110 -30.03 -16.18 -23.90
C THR E 110 -29.51 -14.78 -23.69
N ALA E 111 -28.20 -14.60 -23.76
CA ALA E 111 -27.58 -13.30 -23.53
C ALA E 111 -26.70 -12.93 -24.70
N THR E 112 -26.69 -11.63 -25.01
CA THR E 112 -25.79 -11.07 -26.01
C THR E 112 -24.85 -10.13 -25.28
N ILE E 113 -23.58 -10.50 -25.19
CA ILE E 113 -22.60 -9.73 -24.45
C ILE E 113 -21.92 -8.77 -25.41
N TYR E 114 -22.00 -7.48 -25.12
CA TYR E 114 -21.29 -6.46 -25.88
C TYR E 114 -19.99 -6.22 -25.15
N MET E 115 -18.89 -6.64 -25.78
CA MET E 115 -17.56 -6.61 -25.18
C MET E 115 -16.64 -5.81 -26.09
N THR E 116 -15.67 -5.11 -25.50
CA THR E 116 -14.75 -4.27 -26.26
C THR E 116 -13.32 -4.45 -25.75
N PHE E 117 -12.46 -4.95 -26.62
CA PHE E 117 -11.04 -5.11 -26.35
C PHE E 117 -10.34 -3.79 -26.60
N GLU E 118 -9.46 -3.41 -25.66
CA GLU E 118 -9.00 -2.02 -25.59
C GLU E 118 -8.29 -1.59 -26.87
N ASN E 119 -7.17 -2.23 -27.20
CA ASN E 119 -6.37 -1.84 -28.35
C ASN E 119 -6.27 -3.01 -29.33
N SER E 120 -7.15 -3.01 -30.32
CA SER E 120 -7.07 -3.96 -31.42
C SER E 120 -7.32 -3.23 -32.73
N LYS E 121 -6.86 -3.85 -33.81
CA LYS E 121 -7.13 -3.37 -35.16
C LYS E 121 -8.18 -4.19 -35.89
N GLU E 122 -8.35 -5.45 -35.53
CA GLU E 122 -9.29 -6.32 -36.21
C GLU E 122 -10.57 -6.58 -35.42
N TRP E 123 -10.48 -6.76 -34.11
CA TRP E 123 -11.67 -6.93 -33.28
C TRP E 123 -11.61 -5.89 -32.17
N ASN E 124 -12.08 -4.69 -32.47
CA ASN E 124 -12.13 -3.64 -31.45
C ASN E 124 -13.38 -3.75 -30.61
N SER E 125 -14.48 -4.22 -31.18
CA SER E 125 -15.73 -4.40 -30.47
C SER E 125 -16.38 -5.68 -30.97
N LYS E 126 -16.78 -6.55 -30.04
CA LYS E 126 -17.33 -7.84 -30.37
C LYS E 126 -18.68 -8.02 -29.69
N ILE E 127 -19.55 -8.79 -30.34
CA ILE E 127 -20.90 -9.05 -29.86
C ILE E 127 -21.03 -10.57 -29.78
N PHE E 128 -20.90 -11.11 -28.57
CA PHE E 128 -20.95 -12.56 -28.37
C PHE E 128 -22.37 -12.94 -27.99
N ARG E 129 -23.09 -13.56 -28.91
CA ARG E 129 -24.47 -13.95 -28.70
C ARG E 129 -24.53 -15.42 -28.36
N GLY E 130 -25.34 -15.79 -27.38
CA GLY E 130 -25.45 -17.21 -27.10
C GLY E 130 -26.14 -17.49 -25.78
N VAL E 131 -25.82 -18.66 -25.22
CA VAL E 131 -26.42 -19.15 -23.98
C VAL E 131 -25.32 -19.22 -22.93
N ILE E 132 -25.52 -18.55 -21.81
CA ILE E 132 -24.53 -18.56 -20.74
C ILE E 132 -24.56 -19.93 -20.06
N GLU E 133 -23.45 -20.66 -20.16
CA GLU E 133 -23.38 -21.99 -19.58
C GLU E 133 -22.89 -21.94 -18.14
N ALA E 134 -21.87 -21.11 -17.87
CA ALA E 134 -21.34 -20.95 -16.52
C ALA E 134 -20.42 -19.74 -16.49
N ALA E 135 -20.48 -18.95 -15.42
CA ALA E 135 -19.66 -17.75 -15.30
C ALA E 135 -18.96 -17.74 -13.95
N GLY E 136 -17.63 -17.80 -13.98
CA GLY E 136 -16.83 -17.61 -12.78
C GLY E 136 -16.58 -16.14 -12.53
N ARG E 137 -15.56 -15.87 -11.71
CA ARG E 137 -15.23 -14.48 -11.43
C ARG E 137 -14.19 -13.90 -12.38
N ASP E 138 -13.73 -14.66 -13.37
CA ASP E 138 -12.86 -14.09 -14.41
C ASP E 138 -13.19 -14.60 -15.80
N HIS E 139 -14.36 -15.20 -15.98
CA HIS E 139 -14.71 -15.76 -17.28
C HIS E 139 -16.22 -15.85 -17.39
N ILE E 140 -16.71 -15.87 -18.62
CA ILE E 140 -18.13 -16.04 -18.91
C ILE E 140 -18.22 -17.03 -20.06
N ILE E 141 -18.42 -18.30 -19.76
CA ILE E 141 -18.42 -19.34 -20.79
C ILE E 141 -19.75 -19.23 -21.55
N ILE E 142 -19.71 -18.61 -22.72
CA ILE E 142 -20.89 -18.48 -23.57
C ILE E 142 -20.85 -19.60 -24.60
N SER E 143 -21.97 -20.30 -24.76
CA SER E 143 -22.06 -21.43 -25.68
C SER E 143 -23.07 -21.11 -26.78
N ASP E 144 -22.59 -20.56 -27.87
CA ASP E 144 -23.43 -20.28 -29.02
C ASP E 144 -23.98 -21.59 -29.57
N PRO E 145 -25.30 -21.76 -29.66
CA PRO E 145 -25.86 -23.00 -30.20
C PRO E 145 -26.03 -23.01 -31.71
N LYS E 146 -25.85 -21.87 -32.37
CA LYS E 146 -25.99 -21.83 -33.82
C LYS E 146 -24.90 -22.65 -34.50
N THR E 147 -23.65 -22.51 -34.07
CA THR E 147 -22.53 -23.21 -34.66
C THR E 147 -21.81 -24.13 -33.69
N GLY E 148 -21.97 -23.94 -32.38
CA GLY E 148 -21.37 -24.81 -31.40
C GLY E 148 -20.07 -24.34 -30.81
N THR E 149 -19.60 -23.14 -31.14
CA THR E 149 -18.34 -22.64 -30.63
C THR E 149 -18.56 -22.08 -29.23
N ARG E 150 -18.05 -22.78 -28.22
CA ARG E 150 -18.21 -22.35 -26.83
C ARG E 150 -17.12 -21.35 -26.51
N TYR E 151 -17.47 -20.06 -26.56
CA TYR E 151 -16.50 -19.02 -26.25
C TYR E 151 -16.09 -19.09 -24.79
N LEU E 152 -15.02 -18.37 -24.46
CA LEU E 152 -14.56 -18.20 -23.08
C LEU E 152 -14.06 -16.77 -22.97
N LEU E 153 -14.95 -15.87 -22.58
CA LEU E 153 -14.60 -14.45 -22.54
C LEU E 153 -13.89 -14.12 -21.24
N LEU E 154 -13.43 -12.88 -21.13
CA LEU E 154 -12.84 -12.35 -19.91
C LEU E 154 -13.68 -11.17 -19.44
N THR E 155 -14.07 -11.21 -18.16
CA THR E 155 -14.95 -10.17 -17.62
C THR E 155 -14.27 -8.81 -17.60
N ILE E 156 -12.95 -8.75 -17.61
CA ILE E 156 -12.25 -7.46 -17.56
C ILE E 156 -12.66 -6.59 -18.73
N TYR E 157 -12.80 -7.17 -19.92
CA TYR E 157 -13.17 -6.43 -21.11
C TYR E 157 -14.67 -6.29 -21.30
N LEU E 158 -15.48 -6.83 -20.40
CA LEU E 158 -16.93 -6.75 -20.54
C LEU E 158 -17.38 -5.30 -20.52
N ASP E 159 -18.37 -4.98 -21.35
CA ASP E 159 -19.02 -3.68 -21.28
C ASP E 159 -20.47 -3.78 -20.84
N TYR E 160 -21.31 -4.53 -21.55
CA TYR E 160 -22.66 -4.71 -21.01
C TYR E 160 -23.34 -5.90 -21.65
N ILE E 161 -24.18 -6.56 -20.87
CA ILE E 161 -24.85 -7.78 -21.28
C ILE E 161 -26.32 -7.46 -21.50
N THR E 162 -26.83 -7.75 -22.69
CA THR E 162 -28.23 -7.57 -23.00
C THR E 162 -28.91 -8.92 -22.94
N PHE E 163 -29.82 -9.08 -21.98
CA PHE E 163 -30.62 -10.29 -21.90
C PHE E 163 -31.86 -10.12 -22.77
N ASP E 164 -32.77 -11.09 -22.71
CA ASP E 164 -33.98 -10.96 -23.49
C ASP E 164 -35.23 -11.39 -22.73
N GLU E 165 -35.13 -12.19 -21.68
CA GLU E 165 -36.33 -12.74 -21.03
C GLU E 165 -36.51 -12.19 -19.63
N GLU E 166 -35.59 -12.47 -18.71
CA GLU E 166 -35.74 -12.09 -17.30
C GLU E 166 -34.40 -12.20 -16.61
N ILE E 167 -33.89 -11.09 -16.10
CA ILE E 167 -32.69 -11.14 -15.28
C ILE E 167 -33.11 -11.49 -13.86
N ALA E 168 -32.71 -12.66 -13.39
CA ALA E 168 -33.00 -13.07 -12.03
C ALA E 168 -31.89 -12.59 -11.11
N TYR E 169 -32.21 -11.67 -10.21
CA TYR E 169 -31.22 -11.10 -9.30
C TYR E 169 -31.51 -11.53 -7.87
N MET F 91 -16.92 -29.80 -10.84
CA MET F 91 -16.94 -28.39 -11.23
C MET F 91 -16.33 -27.53 -10.13
N LEU F 92 -15.51 -26.56 -10.50
CA LEU F 92 -14.78 -25.77 -9.53
C LEU F 92 -15.74 -24.90 -8.71
N PRO F 93 -15.43 -24.59 -7.43
CA PRO F 93 -16.27 -23.68 -6.67
C PRO F 93 -16.04 -22.27 -7.16
N ILE F 94 -16.68 -21.32 -6.49
CA ILE F 94 -16.61 -19.92 -6.90
C ILE F 94 -15.23 -19.36 -6.60
N GLU F 95 -14.62 -19.79 -5.50
CA GLU F 95 -13.44 -19.15 -4.95
C GLU F 95 -12.16 -19.53 -5.68
N GLU F 96 -12.20 -20.50 -6.60
CA GLU F 96 -11.01 -20.84 -7.37
C GLU F 96 -11.31 -21.02 -8.85
N SER F 97 -12.46 -20.54 -9.33
CA SER F 97 -12.81 -20.63 -10.75
C SER F 97 -12.23 -19.43 -11.47
N TYR F 98 -10.91 -19.44 -11.65
CA TYR F 98 -10.20 -18.43 -12.40
C TYR F 98 -9.93 -18.94 -13.81
N ILE F 99 -9.30 -18.10 -14.63
CA ILE F 99 -9.06 -18.48 -16.02
C ILE F 99 -8.06 -19.63 -16.11
N GLU F 100 -6.98 -19.56 -15.32
CA GLU F 100 -5.91 -20.55 -15.46
C GLU F 100 -6.37 -21.93 -15.00
N ASN F 101 -7.21 -21.99 -13.96
CA ASN F 101 -7.69 -23.29 -13.50
C ASN F 101 -8.50 -24.00 -14.58
N ILE F 102 -9.41 -23.26 -15.24
CA ILE F 102 -10.18 -23.87 -16.31
C ILE F 102 -9.29 -24.25 -17.48
N LEU F 103 -8.34 -23.38 -17.84
CA LEU F 103 -7.40 -23.74 -18.89
C LEU F 103 -6.65 -25.01 -18.56
N ARG F 104 -6.40 -25.26 -17.26
CA ARG F 104 -5.74 -26.48 -16.85
C ARG F 104 -6.68 -27.68 -16.80
N LEU F 105 -7.99 -27.45 -16.69
CA LEU F 105 -8.95 -28.55 -16.75
C LEU F 105 -9.21 -29.04 -18.17
N ASN F 106 -8.81 -28.29 -19.20
CA ASN F 106 -9.07 -28.70 -20.57
C ASN F 106 -7.80 -28.85 -21.37
N ARG F 107 -6.80 -29.55 -20.81
CA ARG F 107 -5.58 -29.83 -21.56
C ARG F 107 -5.89 -30.88 -22.61
N GLY F 108 -5.98 -30.46 -23.87
CA GLY F 108 -6.21 -31.39 -24.95
C GLY F 108 -7.41 -31.04 -25.81
N LYS F 109 -7.92 -29.82 -25.68
CA LYS F 109 -9.08 -29.37 -26.44
C LYS F 109 -8.61 -28.39 -27.52
N THR F 110 -9.06 -28.62 -28.75
CA THR F 110 -8.74 -27.71 -29.85
C THR F 110 -9.24 -26.31 -29.54
N ALA F 111 -8.33 -25.37 -29.32
CA ALA F 111 -8.69 -24.02 -28.97
C ALA F 111 -8.04 -23.04 -29.92
N THR F 112 -8.76 -21.96 -30.23
CA THR F 112 -8.22 -20.85 -31.01
C THR F 112 -8.22 -19.64 -30.09
N ILE F 113 -7.04 -19.18 -29.72
CA ILE F 113 -6.89 -18.08 -28.79
C ILE F 113 -6.77 -16.79 -29.58
N TYR F 114 -7.68 -15.86 -29.34
CA TYR F 114 -7.63 -14.54 -29.92
C TYR F 114 -6.91 -13.65 -28.92
N MET F 115 -5.68 -13.25 -29.28
CA MET F 115 -4.80 -12.50 -28.40
C MET F 115 -4.41 -11.20 -29.09
N THR F 116 -4.21 -10.15 -28.31
CA THR F 116 -3.86 -8.83 -28.85
C THR F 116 -2.76 -8.18 -28.03
N PHE F 117 -1.63 -7.95 -28.68
CA PHE F 117 -0.49 -7.26 -28.10
C PHE F 117 -0.72 -5.76 -28.18
N GLU F 118 -0.46 -5.05 -27.09
CA GLU F 118 -0.95 -3.69 -26.93
C GLU F 118 -0.45 -2.76 -28.03
N ASN F 119 0.86 -2.55 -28.08
CA ASN F 119 1.46 -1.63 -29.04
C ASN F 119 2.44 -2.35 -29.95
N SER F 120 1.94 -2.76 -31.12
CA SER F 120 2.78 -3.31 -32.16
C SER F 120 2.38 -2.72 -33.50
N LYS F 121 3.32 -2.79 -34.44
CA LYS F 121 3.07 -2.39 -35.82
C LYS F 121 2.89 -3.59 -36.76
N GLU F 122 3.48 -4.73 -36.43
CA GLU F 122 3.41 -5.90 -37.30
C GLU F 122 2.45 -6.97 -36.81
N TRP F 123 2.38 -7.23 -35.52
CA TRP F 123 1.41 -8.18 -34.97
C TRP F 123 0.62 -7.46 -33.88
N ASN F 124 -0.42 -6.76 -34.30
CA ASN F 124 -1.28 -6.09 -33.33
C ASN F 124 -2.34 -7.04 -32.78
N SER F 125 -2.79 -7.99 -33.59
CA SER F 125 -3.76 -8.98 -33.17
C SER F 125 -3.39 -10.31 -33.79
N LYS F 126 -3.34 -11.36 -32.97
CA LYS F 126 -2.90 -12.67 -33.40
C LYS F 126 -3.96 -13.70 -33.03
N ILE F 127 -4.04 -14.74 -33.85
CA ILE F 127 -4.99 -15.82 -33.69
C ILE F 127 -4.19 -17.12 -33.62
N PHE F 128 -3.97 -17.63 -32.41
CA PHE F 128 -3.17 -18.82 -32.20
C PHE F 128 -4.09 -20.02 -32.15
N ARG F 129 -4.09 -20.83 -33.20
CA ARG F 129 -4.96 -21.99 -33.29
C ARG F 129 -4.15 -23.23 -32.96
N GLY F 130 -4.73 -24.14 -32.19
CA GLY F 130 -4.00 -25.37 -31.91
C GLY F 130 -4.60 -26.16 -30.79
N VAL F 131 -3.75 -26.96 -30.15
CA VAL F 131 -4.13 -27.87 -29.08
C VAL F 131 -3.44 -27.41 -27.81
N ILE F 132 -4.21 -27.13 -26.77
CA ILE F 132 -3.64 -26.69 -25.51
C ILE F 132 -2.95 -27.87 -24.84
N GLU F 133 -1.63 -27.78 -24.68
CA GLU F 133 -0.86 -28.86 -24.08
C GLU F 133 -0.78 -28.71 -22.56
N ALA F 134 -0.56 -27.49 -22.08
CA ALA F 134 -0.50 -27.21 -20.65
C ALA F 134 -0.54 -25.71 -20.43
N ALA F 135 -1.27 -25.25 -19.41
CA ALA F 135 -1.40 -23.84 -19.12
C ALA F 135 -1.12 -23.57 -17.65
N GLY F 136 -0.06 -22.84 -17.37
CA GLY F 136 0.23 -22.35 -16.04
C GLY F 136 -0.53 -21.07 -15.74
N ARG F 137 -0.06 -20.35 -14.73
CA ARG F 137 -0.71 -19.09 -14.39
C ARG F 137 -0.10 -17.89 -15.09
N ASP F 138 0.90 -18.08 -15.94
CA ASP F 138 1.42 -16.98 -16.76
C ASP F 138 1.73 -17.40 -18.19
N HIS F 139 1.24 -18.55 -18.62
CA HIS F 139 1.55 -19.04 -19.96
C HIS F 139 0.47 -20.00 -20.41
N ILE F 140 0.32 -20.15 -21.71
CA ILE F 140 -0.61 -21.11 -22.31
C ILE F 140 0.15 -21.79 -23.45
N ILE F 141 0.72 -22.96 -23.18
CA ILE F 141 1.55 -23.64 -24.18
C ILE F 141 0.60 -24.26 -25.20
N ILE F 142 0.46 -23.59 -26.34
CA ILE F 142 -0.36 -24.08 -27.44
C ILE F 142 0.53 -24.81 -28.43
N SER F 143 0.13 -26.01 -28.83
CA SER F 143 0.94 -26.84 -29.73
C SER F 143 0.16 -27.06 -31.02
N ASP F 144 0.39 -26.19 -31.99
CA ASP F 144 -0.21 -26.33 -33.30
C ASP F 144 0.27 -27.62 -33.95
N PRO F 145 -0.62 -28.53 -34.33
CA PRO F 145 -0.19 -29.78 -34.97
C PRO F 145 -0.03 -29.70 -36.47
N LYS F 146 -0.47 -28.61 -37.10
CA LYS F 146 -0.34 -28.46 -38.54
C LYS F 146 1.12 -28.38 -38.96
N THR F 147 1.91 -27.56 -38.25
CA THR F 147 3.31 -27.37 -38.56
C THR F 147 4.26 -27.79 -37.45
N GLY F 148 3.77 -27.91 -36.22
CA GLY F 148 4.58 -28.36 -35.11
C GLY F 148 5.19 -27.28 -34.25
N THR F 149 4.87 -26.02 -34.49
CA THR F 149 5.44 -24.93 -33.70
C THR F 149 4.67 -24.80 -32.39
N ARG F 150 5.30 -25.18 -31.29
CA ARG F 150 4.66 -25.11 -29.97
C ARG F 150 4.83 -23.70 -29.43
N TYR F 151 3.78 -22.89 -29.57
CA TYR F 151 3.83 -21.53 -29.07
C TYR F 151 3.91 -21.53 -27.54
N LEU F 152 4.23 -20.35 -26.99
CA LEU F 152 4.23 -20.13 -25.55
C LEU F 152 3.71 -18.71 -25.35
N LEU F 153 2.41 -18.58 -25.18
CA LEU F 153 1.81 -17.27 -25.08
C LEU F 153 1.90 -16.74 -23.65
N LEU F 154 1.47 -15.50 -23.46
CA LEU F 154 1.38 -14.89 -22.14
C LEU F 154 -0.07 -14.52 -21.89
N THR F 155 -0.59 -14.95 -20.73
CA THR F 155 -2.00 -14.72 -20.40
C THR F 155 -2.32 -13.24 -20.25
N ILE F 156 -1.34 -12.41 -19.96
CA ILE F 156 -1.60 -10.98 -19.78
C ILE F 156 -2.25 -10.38 -21.02
N TYR F 157 -1.76 -10.78 -22.20
CA TYR F 157 -2.28 -10.25 -23.45
C TYR F 157 -3.49 -11.01 -23.98
N LEU F 158 -3.95 -12.05 -23.27
CA LEU F 158 -5.08 -12.83 -23.73
C LEU F 158 -6.32 -11.96 -23.84
N ASP F 159 -7.12 -12.20 -24.87
CA ASP F 159 -8.42 -11.57 -24.97
C ASP F 159 -9.57 -12.58 -24.86
N TYR F 160 -9.62 -13.59 -25.73
CA TYR F 160 -10.65 -14.60 -25.50
C TYR F 160 -10.32 -15.86 -26.27
N ILE F 161 -10.71 -16.99 -25.69
CA ILE F 161 -10.40 -18.31 -26.23
C ILE F 161 -11.68 -18.91 -26.78
N THR F 162 -11.67 -19.29 -28.04
CA THR F 162 -12.81 -19.94 -28.67
C THR F 162 -12.51 -21.43 -28.74
N PHE F 163 -13.28 -22.22 -28.01
CA PHE F 163 -13.17 -23.67 -28.10
C PHE F 163 -14.07 -24.16 -29.23
N ASP F 164 -14.18 -25.48 -29.35
CA ASP F 164 -15.05 -26.01 -30.39
C ASP F 164 -15.89 -27.19 -29.94
N GLU F 165 -15.51 -27.91 -28.88
CA GLU F 165 -16.20 -29.13 -28.50
C GLU F 165 -16.95 -28.99 -27.19
N GLU F 166 -16.25 -28.78 -26.08
CA GLU F 166 -16.86 -28.75 -24.75
C GLU F 166 -15.88 -28.12 -23.77
N ILE F 167 -16.25 -27.01 -23.17
CA ILE F 167 -15.46 -26.42 -22.10
C ILE F 167 -15.83 -27.15 -20.81
N ALA F 168 -14.88 -27.89 -20.25
CA ALA F 168 -15.12 -28.56 -18.97
C ALA F 168 -14.72 -27.63 -17.84
N TYR F 169 -15.71 -27.22 -17.04
CA TYR F 169 -15.47 -26.29 -15.95
C TYR F 169 -15.67 -26.99 -14.61
N MET G 91 7.28 -32.28 -14.02
CA MET G 91 6.47 -31.13 -14.42
C MET G 91 6.21 -30.23 -13.22
N LEU G 92 6.32 -28.93 -13.42
CA LEU G 92 6.21 -27.98 -12.31
C LEU G 92 4.79 -27.98 -11.74
N PRO G 93 4.61 -27.72 -10.43
CA PRO G 93 3.26 -27.60 -9.88
C PRO G 93 2.66 -26.28 -10.33
N ILE G 94 1.46 -26.01 -9.83
CA ILE G 94 0.73 -24.80 -10.22
C ILE G 94 1.39 -23.57 -9.63
N GLU G 95 1.92 -23.69 -8.42
CA GLU G 95 2.35 -22.55 -7.62
C GLU G 95 3.70 -21.99 -8.05
N GLU G 96 4.43 -22.66 -8.93
CA GLU G 96 5.69 -22.12 -9.41
C GLU G 96 5.84 -22.23 -10.92
N SER G 97 4.75 -22.49 -11.65
CA SER G 97 4.81 -22.58 -13.11
C SER G 97 4.64 -21.19 -13.70
N TYR G 98 5.69 -20.40 -13.58
CA TYR G 98 5.76 -19.07 -14.16
C TYR G 98 6.53 -19.13 -15.48
N ILE G 99 6.65 -17.98 -16.14
CA ILE G 99 7.33 -17.96 -17.43
C ILE G 99 8.82 -18.26 -17.27
N GLU G 100 9.47 -17.66 -16.27
CA GLU G 100 10.91 -17.79 -16.16
C GLU G 100 11.33 -19.21 -15.80
N ASN G 101 10.52 -19.89 -14.97
CA ASN G 101 10.87 -21.26 -14.61
C ASN G 101 10.88 -22.17 -15.84
N ILE G 102 9.86 -22.05 -16.69
CA ILE G 102 9.83 -22.86 -17.91
C ILE G 102 10.96 -22.47 -18.84
N LEU G 103 11.23 -21.16 -18.99
CA LEU G 103 12.37 -20.76 -19.80
C LEU G 103 13.66 -21.35 -19.29
N ARG G 104 13.76 -21.56 -17.97
CA ARG G 104 14.95 -22.19 -17.41
C ARG G 104 14.94 -23.70 -17.55
N LEU G 105 13.78 -24.32 -17.75
CA LEU G 105 13.73 -25.75 -18.00
C LEU G 105 14.08 -26.12 -19.44
N ASN G 106 14.12 -25.15 -20.36
CA ASN G 106 14.42 -25.45 -21.75
C ASN G 106 15.66 -24.70 -22.24
N ARG G 107 16.74 -24.73 -21.47
CA ARG G 107 17.99 -24.13 -21.92
C ARG G 107 18.59 -25.01 -23.00
N GLY G 108 18.48 -24.57 -24.25
CA GLY G 108 19.08 -25.29 -25.35
C GLY G 108 18.10 -25.63 -26.46
N LYS G 109 16.93 -24.99 -26.46
CA LYS G 109 15.92 -25.22 -27.47
C LYS G 109 15.87 -24.04 -28.42
N THR G 110 15.89 -24.33 -29.72
CA THR G 110 15.79 -23.28 -30.73
C THR G 110 14.49 -22.51 -30.56
N ALA G 111 14.58 -21.26 -30.15
CA ALA G 111 13.39 -20.45 -29.89
C ALA G 111 13.48 -19.16 -30.70
N THR G 112 12.32 -18.70 -31.17
CA THR G 112 12.19 -17.40 -31.82
C THR G 112 11.28 -16.56 -30.95
N ILE G 113 11.85 -15.54 -30.33
CA ILE G 113 11.11 -14.70 -29.39
C ILE G 113 10.55 -13.51 -30.15
N TYR G 114 9.23 -13.36 -30.13
CA TYR G 114 8.57 -12.20 -30.70
C TYR G 114 8.40 -11.20 -29.58
N MET G 115 9.16 -10.09 -29.65
CA MET G 115 9.21 -9.09 -28.61
C MET G 115 8.85 -7.75 -29.21
N THR G 116 8.22 -6.89 -28.41
CA THR G 116 7.76 -5.57 -28.88
C THR G 116 8.06 -4.50 -27.84
N PHE G 117 8.91 -3.56 -28.22
CA PHE G 117 9.26 -2.41 -27.41
C PHE G 117 8.18 -1.34 -27.57
N GLU G 118 7.74 -0.76 -26.44
CA GLU G 118 6.50 -0.01 -26.42
C GLU G 118 6.52 1.16 -27.38
N ASN G 119 7.41 2.12 -27.14
CA ASN G 119 7.46 3.34 -27.94
C ASN G 119 8.84 3.46 -28.61
N SER G 120 8.91 3.00 -29.85
CA SER G 120 10.09 3.20 -30.67
C SER G 120 9.67 3.60 -32.08
N LYS G 121 10.61 4.23 -32.78
CA LYS G 121 10.42 4.56 -34.19
C LYS G 121 11.20 3.65 -35.12
N GLU G 122 12.29 3.05 -34.67
CA GLU G 122 13.11 2.20 -35.51
C GLU G 122 12.94 0.71 -35.24
N TRP G 123 12.81 0.30 -33.99
CA TRP G 123 12.55 -1.10 -33.66
C TRP G 123 11.30 -1.15 -32.79
N ASN G 124 10.14 -1.17 -33.43
CA ASN G 124 8.89 -1.28 -32.69
C ASN G 124 8.56 -2.74 -32.39
N SER G 125 8.95 -3.65 -33.26
CA SER G 125 8.73 -5.07 -33.07
C SER G 125 9.96 -5.83 -33.57
N LYS G 126 10.48 -6.73 -32.74
CA LYS G 126 11.69 -7.44 -33.05
C LYS G 126 11.45 -8.94 -32.92
N ILE G 127 12.19 -9.70 -33.72
CA ILE G 127 12.08 -11.15 -33.77
C ILE G 127 13.48 -11.70 -33.50
N PHE G 128 13.73 -12.13 -32.27
CA PHE G 128 15.05 -12.62 -31.88
C PHE G 128 15.07 -14.13 -32.02
N ARG G 129 15.75 -14.62 -33.03
CA ARG G 129 15.82 -16.05 -33.30
C ARG G 129 17.14 -16.58 -32.78
N GLY G 130 17.10 -17.76 -32.15
CA GLY G 130 18.37 -18.32 -31.70
C GLY G 130 18.19 -19.46 -30.73
N VAL G 131 19.22 -19.66 -29.92
CA VAL G 131 19.28 -20.73 -28.94
C VAL G 131 19.30 -20.12 -27.56
N ILE G 132 18.35 -20.50 -26.71
CA ILE G 132 18.28 -19.97 -25.36
C ILE G 132 19.41 -20.57 -24.54
N GLU G 133 20.34 -19.73 -24.09
CA GLU G 133 21.48 -20.20 -23.33
C GLU G 133 21.17 -20.23 -21.83
N ALA G 134 20.51 -19.20 -21.32
CA ALA G 134 20.11 -19.12 -19.93
C ALA G 134 19.12 -17.99 -19.73
N ALA G 135 18.09 -18.20 -18.91
CA ALA G 135 17.07 -17.19 -18.67
C ALA G 135 16.86 -17.01 -17.18
N GLY G 136 17.17 -15.82 -16.67
CA GLY G 136 16.84 -15.45 -15.32
C GLY G 136 15.43 -14.93 -15.22
N ARG G 137 15.15 -14.21 -14.13
CA ARG G 137 13.82 -13.65 -13.96
C ARG G 137 13.68 -12.24 -14.52
N ASP G 138 14.72 -11.68 -15.12
CA ASP G 138 14.59 -10.40 -15.81
C ASP G 138 15.36 -10.37 -17.14
N HIS G 139 15.76 -11.51 -17.66
CA HIS G 139 16.55 -11.53 -18.88
C HIS G 139 16.39 -12.88 -19.55
N ILE G 140 16.61 -12.92 -20.85
CA ILE G 140 16.59 -14.16 -21.63
C ILE G 140 17.80 -14.10 -22.56
N ILE G 141 18.91 -14.71 -22.17
CA ILE G 141 20.14 -14.63 -22.94
C ILE G 141 19.99 -15.54 -24.14
N ILE G 142 19.68 -14.96 -25.29
CA ILE G 142 19.55 -15.70 -26.55
C ILE G 142 20.87 -15.61 -27.30
N SER G 143 21.38 -16.75 -27.77
CA SER G 143 22.66 -16.80 -28.45
C SER G 143 22.44 -17.27 -29.88
N ASP G 144 22.26 -16.31 -30.78
CA ASP G 144 22.12 -16.62 -32.20
C ASP G 144 23.41 -17.28 -32.70
N PRO G 145 23.35 -18.49 -33.26
CA PRO G 145 24.57 -19.12 -33.77
C PRO G 145 24.91 -18.77 -35.20
N LYS G 146 24.02 -18.09 -35.93
CA LYS G 146 24.30 -17.71 -37.31
C LYS G 146 25.45 -16.71 -37.38
N THR G 147 25.42 -15.69 -36.52
CA THR G 147 26.44 -14.66 -36.52
C THR G 147 27.22 -14.57 -35.22
N GLY G 148 26.69 -15.12 -34.12
CA GLY G 148 27.39 -15.12 -32.86
C GLY G 148 27.03 -14.02 -31.90
N THR G 149 26.06 -13.18 -32.21
CA THR G 149 25.68 -12.08 -31.33
C THR G 149 24.77 -12.60 -30.23
N ARG G 150 25.28 -12.67 -29.01
CA ARG G 150 24.51 -13.16 -27.87
C ARG G 150 23.67 -12.03 -27.32
N TYR G 151 22.40 -12.00 -27.70
CA TYR G 151 21.50 -10.96 -27.22
C TYR G 151 21.28 -11.10 -25.71
N LEU G 152 20.71 -10.07 -25.12
CA LEU G 152 20.31 -10.06 -23.71
C LEU G 152 19.00 -9.28 -23.65
N LEU G 153 17.88 -9.99 -23.78
CA LEU G 153 16.60 -9.32 -23.83
C LEU G 153 16.09 -9.03 -22.43
N LEU G 154 14.97 -8.33 -22.35
CA LEU G 154 14.28 -8.08 -21.09
C LEU G 154 12.88 -8.69 -21.17
N THR G 155 12.54 -9.48 -20.16
CA THR G 155 11.26 -10.19 -20.16
C THR G 155 10.08 -9.25 -20.11
N ILE G 156 10.26 -8.02 -19.61
CA ILE G 156 9.16 -7.08 -19.51
C ILE G 156 8.53 -6.83 -20.87
N TYR G 157 9.35 -6.70 -21.90
CA TYR G 157 8.86 -6.43 -23.25
C TYR G 157 8.50 -7.70 -24.02
N LEU G 158 8.65 -8.88 -23.42
CA LEU G 158 8.35 -10.12 -24.12
C LEU G 158 6.88 -10.16 -24.51
N ASP G 159 6.60 -10.71 -25.70
CA ASP G 159 5.22 -10.97 -26.09
C ASP G 159 4.96 -12.46 -26.23
N TYR G 160 5.68 -13.18 -27.08
CA TYR G 160 5.48 -14.62 -27.07
C TYR G 160 6.65 -15.33 -27.74
N ILE G 161 6.94 -16.53 -27.25
CA ILE G 161 8.08 -17.31 -27.69
C ILE G 161 7.57 -18.48 -28.50
N THR G 162 8.05 -18.62 -29.72
CA THR G 162 7.68 -19.74 -30.58
C THR G 162 8.84 -20.72 -30.57
N PHE G 163 8.59 -21.90 -30.03
CA PHE G 163 9.57 -22.98 -30.07
C PHE G 163 9.40 -23.75 -31.35
N ASP G 164 10.15 -24.84 -31.50
CA ASP G 164 9.99 -25.64 -32.69
C ASP G 164 10.00 -27.15 -32.42
N GLU G 165 10.54 -27.62 -31.29
CA GLU G 165 10.68 -29.05 -31.08
C GLU G 165 9.77 -29.55 -29.96
N GLU G 166 9.98 -29.10 -28.73
CA GLU G 166 9.26 -29.63 -27.58
C GLU G 166 9.44 -28.67 -26.41
N ILE G 167 8.35 -28.09 -25.92
CA ILE G 167 8.41 -27.30 -24.70
C ILE G 167 8.33 -28.25 -23.52
N ALA G 168 9.41 -28.35 -22.75
CA ALA G 168 9.41 -29.18 -21.56
C ALA G 168 8.93 -28.35 -20.37
N TYR G 169 7.77 -28.71 -19.82
CA TYR G 169 7.19 -27.99 -18.71
C TYR G 169 7.21 -28.83 -17.44
N MET H 91 27.96 -19.31 -11.65
CA MET H 91 26.72 -18.84 -12.24
C MET H 91 25.74 -18.44 -11.14
N LEU H 92 25.07 -17.31 -11.32
CA LEU H 92 24.20 -16.78 -10.28
C LEU H 92 23.01 -17.71 -10.04
N PRO H 93 22.46 -17.78 -8.81
CA PRO H 93 21.25 -18.56 -8.58
C PRO H 93 20.06 -17.82 -9.16
N ILE H 94 18.88 -18.38 -8.95
CA ILE H 94 17.66 -17.82 -9.51
C ILE H 94 17.30 -16.53 -8.79
N GLU H 95 17.55 -16.46 -7.49
CA GLU H 95 17.03 -15.41 -6.63
C GLU H 95 17.80 -14.10 -6.75
N GLU H 96 18.93 -14.08 -7.45
CA GLU H 96 19.67 -12.84 -7.64
C GLU H 96 20.13 -12.64 -9.07
N SER H 97 19.59 -13.40 -10.03
CA SER H 97 19.96 -13.26 -11.44
C SER H 97 19.08 -12.18 -12.06
N TYR H 98 19.38 -10.93 -11.72
CA TYR H 98 18.73 -9.77 -12.28
C TYR H 98 19.60 -9.19 -13.39
N ILE H 99 19.11 -8.12 -14.02
CA ILE H 99 19.85 -7.52 -15.13
C ILE H 99 21.15 -6.89 -14.64
N GLU H 100 21.09 -6.17 -13.52
CA GLU H 100 22.26 -5.41 -13.08
C GLU H 100 23.39 -6.34 -12.62
N ASN H 101 23.05 -7.46 -12.00
CA ASN H 101 24.08 -8.39 -11.55
C ASN H 101 24.86 -8.93 -12.73
N ILE H 102 24.17 -9.34 -13.80
CA ILE H 102 24.86 -9.84 -14.98
C ILE H 102 25.67 -8.73 -15.63
N LEU H 103 25.09 -7.52 -15.73
CA LEU H 103 25.87 -6.42 -16.27
C LEU H 103 27.14 -6.17 -15.48
N ARG H 104 27.11 -6.44 -14.18
CA ARG H 104 28.29 -6.30 -13.35
C ARG H 104 29.25 -7.48 -13.47
N LEU H 105 28.76 -8.64 -13.91
CA LEU H 105 29.65 -9.78 -14.16
C LEU H 105 30.42 -9.66 -15.48
N ASN H 106 30.02 -8.76 -16.37
CA ASN H 106 30.69 -8.64 -17.66
C ASN H 106 31.27 -7.25 -17.87
N ARG H 107 31.97 -6.72 -16.87
CA ARG H 107 32.64 -5.43 -17.03
C ARG H 107 33.85 -5.63 -17.94
N GLY H 108 33.73 -5.18 -19.19
CA GLY H 108 34.83 -5.26 -20.12
C GLY H 108 34.50 -5.97 -21.42
N LYS H 109 33.21 -6.16 -21.69
CA LYS H 109 32.75 -6.83 -22.90
C LYS H 109 32.17 -5.80 -23.85
N THR H 110 32.60 -5.83 -25.11
CA THR H 110 32.06 -4.94 -26.12
C THR H 110 30.56 -5.14 -26.26
N ALA H 111 29.78 -4.15 -25.86
CA ALA H 111 28.33 -4.25 -25.89
C ALA H 111 27.76 -3.08 -26.66
N THR H 112 26.68 -3.35 -27.39
CA THR H 112 25.90 -2.32 -28.07
C THR H 112 24.52 -2.31 -27.43
N ILE H 113 24.21 -1.26 -26.71
CA ILE H 113 22.96 -1.15 -25.97
C ILE H 113 21.95 -0.44 -26.85
N TYR H 114 20.83 -1.11 -27.13
CA TYR H 114 19.72 -0.53 -27.85
C TYR H 114 18.77 0.02 -26.80
N MET H 115 18.69 1.35 -26.71
CA MET H 115 17.93 2.04 -25.70
C MET H 115 16.92 2.96 -26.38
N THR H 116 15.76 3.16 -25.76
CA THR H 116 14.70 3.99 -26.33
C THR H 116 14.07 4.88 -25.26
N PHE H 117 14.22 6.18 -25.45
CA PHE H 117 13.64 7.20 -24.59
C PHE H 117 12.18 7.40 -25.01
N GLU H 118 11.29 7.46 -24.01
CA GLU H 118 9.87 7.29 -24.28
C GLU H 118 9.34 8.36 -25.22
N ASN H 119 9.38 9.62 -24.80
CA ASN H 119 8.83 10.73 -25.60
C ASN H 119 9.93 11.73 -25.93
N SER H 120 10.50 11.57 -27.12
CA SER H 120 11.44 12.54 -27.65
C SER H 120 11.13 12.79 -29.12
N LYS H 121 11.59 13.94 -29.60
CA LYS H 121 11.50 14.27 -31.02
C LYS H 121 12.83 14.13 -31.75
N GLU H 122 13.95 14.25 -31.05
CA GLU H 122 15.26 14.18 -31.69
C GLU H 122 15.99 12.88 -31.45
N TRP H 123 15.91 12.30 -30.24
CA TRP H 123 16.52 11.00 -29.97
C TRP H 123 15.42 10.10 -29.39
N ASN H 124 14.66 9.47 -30.28
CA ASN H 124 13.65 8.54 -29.84
C ASN H 124 14.22 7.16 -29.60
N SER H 125 15.24 6.78 -30.36
CA SER H 125 15.91 5.50 -30.20
C SER H 125 17.40 5.71 -30.41
N LYS H 126 18.20 5.20 -29.47
CA LYS H 126 19.63 5.40 -29.49
C LYS H 126 20.34 4.06 -29.39
N ILE H 127 21.52 4.00 -30.01
CA ILE H 127 22.34 2.79 -30.06
C ILE H 127 23.70 3.17 -29.48
N PHE H 128 23.92 2.83 -28.22
CA PHE H 128 25.17 3.18 -27.53
C PHE H 128 26.13 2.01 -27.65
N ARG H 129 27.15 2.17 -28.48
CA ARG H 129 28.12 1.12 -28.71
C ARG H 129 29.37 1.41 -27.91
N GLY H 130 29.95 0.39 -27.28
CA GLY H 130 31.18 0.65 -26.56
C GLY H 130 31.57 -0.48 -25.63
N VAL H 131 32.33 -0.13 -24.60
CA VAL H 131 32.86 -1.08 -23.63
C VAL H 131 32.24 -0.76 -22.28
N ILE H 132 31.59 -1.74 -21.67
CA ILE H 132 30.96 -1.53 -20.37
C ILE H 132 32.05 -1.43 -19.31
N GLU H 133 32.16 -0.27 -18.68
CA GLU H 133 33.18 -0.06 -17.67
C GLU H 133 32.69 -0.47 -16.28
N ALA H 134 31.44 -0.11 -15.96
CA ALA H 134 30.85 -0.46 -14.67
C ALA H 134 29.35 -0.19 -14.72
N ALA H 135 28.54 -1.08 -14.15
CA ALA H 135 27.10 -0.92 -14.16
C ALA H 135 26.54 -1.11 -12.76
N GLY H 136 25.96 -0.04 -12.21
CA GLY H 136 25.23 -0.12 -10.96
C GLY H 136 23.80 -0.57 -11.20
N ARG H 137 22.95 -0.31 -10.20
CA ARG H 137 21.56 -0.68 -10.34
C ARG H 137 20.69 0.42 -10.93
N ASP H 138 21.26 1.57 -11.30
CA ASP H 138 20.50 2.59 -12.02
C ASP H 138 21.31 3.24 -13.12
N HIS H 139 22.42 2.65 -13.53
CA HIS H 139 23.26 3.26 -14.55
C HIS H 139 24.08 2.18 -15.21
N ILE H 140 24.53 2.45 -16.44
CA ILE H 140 25.41 1.57 -17.19
C ILE H 140 26.47 2.46 -17.82
N ILE H 141 27.62 2.58 -17.18
CA ILE H 141 28.66 3.49 -17.65
C ILE H 141 29.33 2.83 -18.86
N ILE H 142 28.95 3.26 -20.06
CA ILE H 142 29.54 2.76 -21.29
C ILE H 142 30.62 3.72 -21.73
N SER H 143 31.79 3.18 -22.06
CA SER H 143 32.95 4.00 -22.43
C SER H 143 33.33 3.68 -23.88
N ASP H 144 32.78 4.44 -24.80
CA ASP H 144 33.12 4.30 -26.21
C ASP H 144 34.60 4.62 -26.41
N PRO H 145 35.40 3.71 -26.96
CA PRO H 145 36.81 4.00 -27.16
C PRO H 145 37.14 4.67 -28.50
N LYS H 146 36.15 4.76 -29.40
CA LYS H 146 36.39 5.41 -30.69
C LYS H 146 36.68 6.89 -30.51
N THR H 147 35.87 7.57 -29.69
CA THR H 147 36.02 9.01 -29.48
C THR H 147 36.32 9.37 -28.03
N GLY H 148 36.05 8.49 -27.08
CA GLY H 148 36.36 8.73 -25.69
C GLY H 148 35.23 9.27 -24.84
N THR H 149 34.02 9.38 -25.38
CA THR H 149 32.90 9.92 -24.62
C THR H 149 32.32 8.81 -23.75
N ARG H 150 32.53 8.90 -22.44
CA ARG H 150 32.04 7.90 -21.50
C ARG H 150 30.59 8.23 -21.17
N TYR H 151 29.66 7.53 -21.82
CA TYR H 151 28.25 7.76 -21.56
C TYR H 151 27.89 7.32 -20.14
N LEU H 152 26.70 7.72 -19.71
CA LEU H 152 26.14 7.29 -18.43
C LEU H 152 24.64 7.12 -18.67
N LEU H 153 24.24 5.91 -19.04
CA LEU H 153 22.86 5.68 -19.38
C LEU H 153 22.03 5.42 -18.13
N LEU H 154 20.72 5.28 -18.32
CA LEU H 154 19.80 4.91 -17.25
C LEU H 154 19.12 3.60 -17.64
N THR H 155 19.15 2.64 -16.71
CA THR H 155 18.61 1.31 -17.00
C THR H 155 17.11 1.34 -17.22
N ILE H 156 16.41 2.35 -16.71
CA ILE H 156 14.97 2.43 -16.87
C ILE H 156 14.57 2.41 -18.34
N TYR H 157 15.32 3.14 -19.17
CA TYR H 157 15.03 3.23 -20.59
C TYR H 157 15.68 2.12 -21.41
N LEU H 158 16.40 1.20 -20.78
CA LEU H 158 17.06 0.13 -21.51
C LEU H 158 16.03 -0.73 -22.22
N ASP H 159 16.37 -1.17 -23.43
CA ASP H 159 15.55 -2.16 -24.12
C ASP H 159 16.27 -3.48 -24.29
N TYR H 160 17.43 -3.50 -24.95
CA TYR H 160 18.16 -4.76 -24.97
C TYR H 160 19.61 -4.54 -25.35
N ILE H 161 20.48 -5.38 -24.80
CA ILE H 161 21.92 -5.25 -24.96
C ILE H 161 22.39 -6.38 -25.85
N THR H 162 23.06 -6.04 -26.94
CA THR H 162 23.63 -7.03 -27.84
C THR H 162 25.12 -7.12 -27.56
N PHE H 163 25.57 -8.27 -27.07
CA PHE H 163 26.98 -8.51 -26.88
C PHE H 163 27.57 -9.06 -28.17
N ASP H 164 28.83 -9.47 -28.12
CA ASP H 164 29.43 -10.03 -29.31
C ASP H 164 30.30 -11.25 -29.03
N GLU H 165 30.79 -11.45 -27.82
CA GLU H 165 31.75 -12.53 -27.55
C GLU H 165 31.16 -13.60 -26.66
N GLU H 166 30.81 -13.28 -25.41
CA GLU H 166 30.36 -14.29 -24.45
C GLU H 166 29.69 -13.57 -23.28
N ILE H 167 28.42 -13.82 -23.05
CA ILE H 167 27.75 -13.31 -21.86
C ILE H 167 28.06 -14.27 -20.72
N ALA H 168 28.80 -13.80 -19.73
CA ALA H 168 29.09 -14.61 -18.55
C ALA H 168 28.00 -14.40 -17.52
N TYR H 169 27.24 -15.45 -17.24
CA TYR H 169 26.14 -15.37 -16.29
C TYR H 169 26.44 -16.19 -15.05
N MET I 91 18.78 20.76 39.02
CA MET I 91 18.68 19.87 37.87
C MET I 91 18.25 18.48 38.31
N LEU I 92 17.34 17.87 37.57
CA LEU I 92 16.78 16.59 37.97
C LEU I 92 17.85 15.49 37.93
N PRO I 93 17.76 14.45 38.79
CA PRO I 93 18.70 13.34 38.70
C PRO I 93 18.34 12.48 37.51
N ILE I 94 19.05 11.38 37.35
CA ILE I 94 18.87 10.50 36.20
C ILE I 94 17.55 9.75 36.32
N GLU I 95 17.17 9.40 37.54
CA GLU I 95 16.07 8.46 37.79
C GLU I 95 14.70 9.09 37.65
N GLU I 96 14.60 10.42 37.51
CA GLU I 96 13.31 11.06 37.32
C GLU I 96 13.33 12.10 36.20
N SER I 97 14.37 12.11 35.35
CA SER I 97 14.45 13.05 34.26
C SER I 97 13.72 12.47 33.05
N TYR I 98 12.39 12.49 33.13
CA TYR I 98 11.52 12.06 32.05
C TYR I 98 11.02 13.30 31.30
N ILE I 99 10.22 13.07 30.26
CA ILE I 99 9.74 14.17 29.45
C ILE I 99 8.79 15.06 30.24
N GLU I 100 7.86 14.45 30.99
CA GLU I 100 6.83 15.23 31.66
C GLU I 100 7.40 16.10 32.76
N ASN I 101 8.42 15.60 33.47
CA ASN I 101 9.02 16.39 34.54
C ASN I 101 9.64 17.67 33.99
N ILE I 102 10.38 17.55 32.89
CA ILE I 102 10.97 18.75 32.28
C ILE I 102 9.89 19.66 31.74
N LEU I 103 8.87 19.11 31.09
CA LEU I 103 7.77 19.96 30.65
C LEU I 103 7.13 20.71 31.81
N ARG I 104 7.12 20.11 33.00
CA ARG I 104 6.59 20.78 34.17
C ARG I 104 7.57 21.78 34.77
N LEU I 105 8.86 21.64 34.50
CA LEU I 105 9.83 22.63 34.96
C LEU I 105 9.85 23.89 34.10
N ASN I 106 9.26 23.88 32.92
CA ASN I 106 9.28 25.04 32.05
C ASN I 106 7.87 25.54 31.73
N ARG I 107 7.02 25.67 32.74
CA ARG I 107 5.70 26.25 32.54
C ARG I 107 5.84 27.74 32.29
N GLY I 108 5.70 28.16 31.04
CA GLY I 108 5.75 29.57 30.70
C GLY I 108 6.77 29.91 29.64
N LYS I 109 7.26 28.90 28.92
CA LYS I 109 8.24 29.09 27.86
C LYS I 109 7.56 28.91 26.51
N THR I 110 7.78 29.87 25.61
CA THR I 110 7.23 29.77 24.26
C THR I 110 7.74 28.52 23.58
N ALA I 111 6.85 27.56 23.33
CA ALA I 111 7.23 26.30 22.73
C ALA I 111 6.37 26.04 21.51
N THR I 112 6.99 25.42 20.50
CA THR I 112 6.29 24.96 19.31
C THR I 112 6.41 23.44 19.29
N ILE I 113 5.30 22.76 19.50
CA ILE I 113 5.28 21.31 19.59
C ILE I 113 4.99 20.74 18.21
N TYR I 114 5.90 19.94 17.69
CA TYR I 114 5.69 19.22 16.44
C TYR I 114 5.13 17.86 16.81
N MET I 115 3.86 17.65 16.50
CA MET I 115 3.12 16.46 16.87
C MET I 115 2.57 15.80 15.61
N THR I 116 2.48 14.48 15.62
CA THR I 116 2.00 13.71 14.47
C THR I 116 1.04 12.61 14.90
N PHE I 117 -0.20 12.73 14.43
CA PHE I 117 -1.23 11.74 14.67
C PHE I 117 -1.07 10.62 13.65
N GLU I 118 -1.16 9.37 14.12
CA GLU I 118 -0.68 8.23 13.35
C GLU I 118 -1.41 8.11 12.01
N ASN I 119 -2.71 7.86 12.05
CA ASN I 119 -3.50 7.64 10.84
C ASN I 119 -4.61 8.68 10.73
N SER I 120 -4.31 9.74 9.99
CA SER I 120 -5.31 10.74 9.64
C SER I 120 -5.18 11.11 8.17
N LYS I 121 -6.27 11.64 7.63
CA LYS I 121 -6.28 12.18 6.28
C LYS I 121 -6.25 13.70 6.23
N GLU I 122 -6.72 14.37 7.28
CA GLU I 122 -6.77 15.83 7.29
C GLU I 122 -5.70 16.47 8.15
N TRP I 123 -5.40 15.90 9.32
CA TRP I 123 -4.32 16.42 10.15
C TRP I 123 -3.36 15.26 10.44
N ASN I 124 -2.43 15.04 9.52
CA ASN I 124 -1.44 14.00 9.74
C ASN I 124 -0.27 14.51 10.57
N SER I 125 0.06 15.79 10.44
CA SER I 125 1.13 16.41 11.20
C SER I 125 0.69 17.82 11.58
N LYS I 126 0.82 18.15 12.85
CA LYS I 126 0.36 19.41 13.39
C LYS I 126 1.51 20.11 14.12
N ILE I 127 1.46 21.43 14.10
CA ILE I 127 2.47 22.29 14.72
C ILE I 127 1.73 23.20 15.68
N PHE I 128 1.75 22.86 16.96
CA PHE I 128 1.04 23.63 17.98
C PHE I 128 2.00 24.63 18.60
N ARG I 129 1.84 25.90 18.25
CA ARG I 129 2.70 26.95 18.75
C ARG I 129 2.01 27.68 19.89
N GLY I 130 2.75 27.99 20.94
CA GLY I 130 2.12 28.75 22.01
C GLY I 130 2.94 28.76 23.28
N VAL I 131 2.25 28.95 24.39
CA VAL I 131 2.85 29.05 25.71
C VAL I 131 2.37 27.88 26.54
N ILE I 132 3.32 27.10 27.07
CA ILE I 132 2.97 25.95 27.88
C ILE I 132 2.45 26.43 29.22
N GLU I 133 1.18 26.15 29.51
CA GLU I 133 0.57 26.59 30.75
C GLU I 133 0.77 25.55 31.86
N ALA I 134 0.59 24.28 31.53
CA ALA I 134 0.78 23.19 32.49
C ALA I 134 0.81 21.86 31.75
N ALA I 135 1.69 20.96 32.16
CA ALA I 135 1.82 19.66 31.51
C ALA I 135 1.81 18.55 32.54
N GLY I 136 0.79 17.70 32.49
CA GLY I 136 0.74 16.50 33.29
C GLY I 136 1.49 15.37 32.62
N ARG I 137 1.20 14.15 33.06
CA ARG I 137 1.86 13.00 32.46
C ARG I 137 1.09 12.41 31.28
N ASP I 138 -0.05 12.98 30.90
CA ASP I 138 -0.73 12.55 29.68
C ASP I 138 -1.29 13.72 28.87
N HIS I 139 -0.84 14.94 29.14
CA HIS I 139 -1.38 16.09 28.44
C HIS I 139 -0.36 17.22 28.51
N ILE I 140 -0.45 18.13 27.54
CA ILE I 140 0.38 19.33 27.50
C ILE I 140 -0.54 20.48 27.15
N ILE I 141 -1.01 21.21 28.16
CA ILE I 141 -1.98 22.28 27.93
C ILE I 141 -1.22 23.47 27.33
N ILE I 142 -1.31 23.63 26.03
CA ILE I 142 -0.68 24.75 25.33
C ILE I 142 -1.72 25.85 25.14
N SER I 143 -1.36 27.07 25.49
CA SER I 143 -2.29 28.20 25.42
C SER I 143 -1.76 29.21 24.41
N ASP I 144 -2.18 29.08 23.17
CA ASP I 144 -1.82 30.02 22.13
C ASP I 144 -2.37 31.41 22.48
N PRO I 145 -1.53 32.43 22.59
CA PRO I 145 -2.03 33.77 22.91
C PRO I 145 -2.46 34.59 21.71
N LYS I 146 -2.18 34.13 20.50
CA LYS I 146 -2.57 34.87 19.30
C LYS I 146 -4.09 34.93 19.17
N THR I 147 -4.76 33.79 19.36
CA THR I 147 -6.21 33.71 19.22
C THR I 147 -6.91 33.30 20.51
N GLY I 148 -6.20 32.70 21.45
CA GLY I 148 -6.79 32.33 22.73
C GLY I 148 -7.27 30.90 22.85
N THR I 149 -7.04 30.06 21.85
CA THR I 149 -7.49 28.67 21.90
C THR I 149 -6.51 27.85 22.72
N ARG I 150 -6.91 27.44 23.91
CA ARG I 150 -6.05 26.66 24.80
C ARG I 150 -6.15 25.20 24.39
N TYR I 151 -5.18 24.72 23.62
CA TYR I 151 -5.18 23.33 23.21
C TYR I 151 -4.99 22.41 24.41
N LEU I 152 -5.24 21.13 24.19
CA LEU I 152 -4.98 20.08 25.18
C LEU I 152 -4.49 18.87 24.39
N LEU I 153 -3.17 18.77 24.23
CA LEU I 153 -2.61 17.71 23.42
C LEU I 153 -2.47 16.44 24.25
N LEU I 154 -2.06 15.37 23.57
CA LEU I 154 -1.74 14.10 24.21
C LEU I 154 -0.28 13.78 23.96
N THR I 155 0.46 13.47 25.03
CA THR I 155 1.88 13.21 24.92
C THR I 155 2.19 11.97 24.09
N ILE I 156 1.24 11.04 23.97
CA ILE I 156 1.49 9.82 23.22
C ILE I 156 1.87 10.14 21.78
N TYR I 157 1.20 11.11 21.17
CA TYR I 157 1.47 11.49 19.79
C TYR I 157 2.59 12.51 19.64
N LEU I 158 3.19 12.95 20.75
CA LEU I 158 4.25 13.96 20.67
C LEU I 158 5.42 13.43 19.86
N ASP I 159 6.03 14.30 19.06
CA ASP I 159 7.28 13.96 18.40
C ASP I 159 8.45 14.79 18.90
N TYR I 160 8.38 16.12 18.82
CA TYR I 160 9.46 16.88 19.44
C TYR I 160 9.04 18.32 19.65
N ILE I 161 9.57 18.91 20.72
CA ILE I 161 9.20 20.25 21.14
C ILE I 161 10.38 21.16 20.87
N THR I 162 10.16 22.22 20.12
CA THR I 162 11.20 23.21 19.84
C THR I 162 10.94 24.43 20.72
N PHE I 163 11.85 24.68 21.64
CA PHE I 163 11.78 25.87 22.46
C PHE I 163 12.47 27.02 21.73
N ASP I 164 12.60 28.16 22.41
CA ASP I 164 13.28 29.26 21.78
C ASP I 164 14.23 30.01 22.71
N GLU I 165 14.07 29.92 24.03
CA GLU I 165 14.87 30.73 24.95
C GLU I 165 15.83 29.88 25.77
N GLU I 166 15.33 29.00 26.62
CA GLU I 166 16.16 28.24 27.54
C GLU I 166 15.36 27.07 28.08
N ILE I 167 15.81 25.85 27.82
CA ILE I 167 15.20 24.68 28.44
C ILE I 167 15.82 24.51 29.82
N ALA I 168 15.02 24.70 30.87
CA ALA I 168 15.50 24.49 32.22
C ALA I 168 15.29 23.03 32.61
N TYR I 169 16.38 22.32 32.81
CA TYR I 169 16.31 20.90 33.17
C TYR I 169 16.79 20.67 34.59
N MET J 91 35.48 3.04 -4.86
CA MET J 91 34.33 2.74 -5.71
C MET J 91 33.14 2.32 -4.85
N LEU J 92 31.96 2.83 -5.20
CA LEU J 92 30.78 2.60 -4.38
C LEU J 92 30.38 1.11 -4.41
N PRO J 93 29.78 0.57 -3.33
CA PRO J 93 29.29 -0.79 -3.38
C PRO J 93 28.03 -0.86 -4.21
N ILE J 94 27.43 -2.04 -4.26
CA ILE J 94 26.25 -2.26 -5.09
C ILE J 94 25.04 -1.54 -4.49
N GLU J 95 24.97 -1.50 -3.17
CA GLU J 95 23.76 -1.09 -2.47
C GLU J 95 23.57 0.42 -2.42
N GLU J 96 24.55 1.21 -2.84
CA GLU J 96 24.39 2.65 -2.88
C GLU J 96 24.89 3.27 -4.17
N SER J 97 25.12 2.46 -5.21
CA SER J 97 25.57 2.98 -6.50
C SER J 97 24.35 3.39 -7.33
N TYR J 98 23.76 4.50 -6.94
CA TYR J 98 22.64 5.10 -7.66
C TYR J 98 23.17 6.23 -8.54
N ILE J 99 22.24 6.86 -9.27
CA ILE J 99 22.66 7.92 -10.19
C ILE J 99 23.18 9.13 -9.43
N GLU J 100 22.48 9.53 -8.36
CA GLU J 100 22.83 10.77 -7.68
C GLU J 100 24.18 10.66 -6.97
N ASN J 101 24.48 9.48 -6.42
CA ASN J 101 25.77 9.31 -5.75
C ASN J 101 26.93 9.50 -6.71
N ILE J 102 26.83 8.90 -7.90
CA ILE J 102 27.89 9.08 -8.89
C ILE J 102 27.95 10.52 -9.38
N LEU J 103 26.79 11.14 -9.61
CA LEU J 103 26.80 12.55 -9.98
C LEU J 103 27.48 13.40 -8.91
N ARG J 104 27.38 13.00 -7.65
CA ARG J 104 28.06 13.72 -6.58
C ARG J 104 29.53 13.38 -6.47
N LEU J 105 29.96 12.22 -7.00
CA LEU J 105 31.38 11.90 -7.03
C LEU J 105 32.14 12.61 -8.13
N ASN J 106 31.45 13.20 -9.11
CA ASN J 106 32.13 13.87 -10.21
C ASN J 106 31.75 15.34 -10.30
N ARG J 107 31.79 16.06 -9.18
CA ARG J 107 31.54 17.50 -9.20
C ARG J 107 32.75 18.18 -9.82
N GLY J 108 32.62 18.62 -11.07
CA GLY J 108 33.68 19.34 -11.73
C GLY J 108 34.10 18.75 -13.05
N LYS J 109 33.28 17.86 -13.61
CA LYS J 109 33.56 17.21 -14.88
C LYS J 109 32.65 17.79 -15.95
N THR J 110 33.24 18.18 -17.08
CA THR J 110 32.48 18.70 -18.19
C THR J 110 31.47 17.66 -18.66
N ALA J 111 30.18 17.92 -18.46
CA ALA J 111 29.14 16.98 -18.81
C ALA J 111 28.11 17.66 -19.71
N THR J 112 27.59 16.89 -20.66
CA THR J 112 26.49 17.32 -21.50
C THR J 112 25.31 16.42 -21.19
N ILE J 113 24.29 16.98 -20.57
CA ILE J 113 23.13 16.21 -20.13
C ILE J 113 22.08 16.28 -21.22
N TYR J 114 21.68 15.12 -21.74
CA TYR J 114 20.60 15.01 -22.71
C TYR J 114 19.34 14.73 -21.89
N MET J 115 18.46 15.73 -21.85
CA MET J 115 17.25 15.68 -21.03
C MET J 115 16.04 15.89 -21.94
N THR J 116 14.92 15.27 -21.59
CA THR J 116 13.69 15.36 -22.39
C THR J 116 12.48 15.56 -21.50
N PHE J 117 11.83 16.70 -21.67
CA PHE J 117 10.59 17.03 -20.98
C PHE J 117 9.43 16.38 -21.71
N GLU J 118 8.52 15.76 -20.95
CA GLU J 118 7.57 14.81 -21.52
C GLU J 118 6.69 15.46 -22.57
N ASN J 119 5.88 16.43 -22.18
CA ASN J 119 4.92 17.07 -23.08
C ASN J 119 5.21 18.57 -23.16
N SER J 120 5.96 18.94 -24.19
CA SER J 120 6.19 20.33 -24.52
C SER J 120 6.07 20.54 -26.03
N LYS J 121 5.82 21.79 -26.41
CA LYS J 121 5.80 22.17 -27.80
C LYS J 121 7.04 22.94 -28.21
N GLU J 122 7.69 23.63 -27.28
CA GLU J 122 8.86 24.44 -27.61
C GLU J 122 10.18 23.82 -27.19
N TRP J 123 10.24 23.17 -26.03
CA TRP J 123 11.46 22.46 -25.61
C TRP J 123 11.07 21.02 -25.29
N ASN J 124 11.03 20.19 -26.32
CA ASN J 124 10.74 18.78 -26.11
C ASN J 124 11.98 18.00 -25.73
N SER J 125 13.14 18.42 -26.23
CA SER J 125 14.41 17.78 -25.91
C SER J 125 15.47 18.87 -25.78
N LYS J 126 16.21 18.83 -24.69
CA LYS J 126 17.19 19.85 -24.38
C LYS J 126 18.55 19.20 -24.13
N ILE J 127 19.61 19.94 -24.45
CA ILE J 127 20.98 19.49 -24.30
C ILE J 127 21.68 20.52 -23.43
N PHE J 128 21.84 20.23 -22.15
CA PHE J 128 22.45 21.15 -21.21
C PHE J 128 23.93 20.83 -21.10
N ARG J 129 24.76 21.67 -21.68
CA ARG J 129 26.21 21.45 -21.67
C ARG J 129 26.83 22.33 -20.61
N GLY J 130 27.79 21.79 -19.86
CA GLY J 130 28.44 22.64 -18.88
C GLY J 130 29.26 21.86 -17.88
N VAL J 131 29.44 22.47 -16.70
CA VAL J 131 30.24 21.91 -15.63
C VAL J 131 29.33 21.62 -14.46
N ILE J 132 29.33 20.37 -14.01
CA ILE J 132 28.47 19.99 -12.88
C ILE J 132 29.05 20.59 -11.61
N GLU J 133 28.31 21.49 -10.98
CA GLU J 133 28.78 22.13 -9.76
C GLU J 133 28.39 21.35 -8.51
N ALA J 134 27.16 20.83 -8.48
CA ALA J 134 26.68 20.03 -7.37
C ALA J 134 25.38 19.36 -7.75
N ALA J 135 25.19 18.09 -7.36
CA ALA J 135 23.99 17.35 -7.70
C ALA J 135 23.42 16.70 -6.45
N GLY J 136 22.21 17.11 -6.07
CA GLY J 136 21.47 16.46 -5.02
C GLY J 136 20.69 15.28 -5.55
N ARG J 137 19.70 14.85 -4.77
CA ARG J 137 18.88 13.73 -5.22
C ARG J 137 17.64 14.15 -6.01
N ASP J 138 17.44 15.45 -6.25
CA ASP J 138 16.37 15.89 -7.13
C ASP J 138 16.79 17.03 -8.04
N HIS J 139 18.09 17.28 -8.19
CA HIS J 139 18.54 18.40 -8.99
C HIS J 139 19.97 18.14 -9.44
N ILE J 140 20.36 18.77 -10.53
CA ILE J 140 21.73 18.70 -11.06
C ILE J 140 22.11 20.12 -11.45
N ILE J 141 22.80 20.83 -10.56
CA ILE J 141 23.12 22.23 -10.80
C ILE J 141 24.26 22.26 -11.82
N ILE J 142 23.93 22.52 -13.08
CA ILE J 142 24.92 22.65 -14.14
C ILE J 142 25.25 24.11 -14.34
N SER J 143 26.53 24.43 -14.38
CA SER J 143 26.99 25.82 -14.50
C SER J 143 27.73 25.98 -15.82
N ASP J 144 27.02 26.37 -16.86
CA ASP J 144 27.63 26.64 -18.15
C ASP J 144 28.61 27.81 -18.01
N PRO J 145 29.88 27.64 -18.35
CA PRO J 145 30.83 28.75 -18.24
C PRO J 145 30.90 29.63 -19.47
N LYS J 146 30.27 29.23 -20.57
CA LYS J 146 30.29 30.06 -21.78
C LYS J 146 29.57 31.38 -21.56
N THR J 147 28.38 31.33 -20.97
CA THR J 147 27.57 32.52 -20.73
C THR J 147 27.32 32.80 -19.26
N GLY J 148 27.47 31.81 -18.39
CA GLY J 148 27.31 32.02 -16.96
C GLY J 148 25.96 31.65 -16.40
N THR J 149 25.05 31.10 -17.19
CA THR J 149 23.72 30.73 -16.71
C THR J 149 23.80 29.41 -15.98
N ARG J 150 23.66 29.44 -14.66
CA ARG J 150 23.72 28.23 -13.84
C ARG J 150 22.35 27.57 -13.85
N TYR J 151 22.18 26.56 -14.70
CA TYR J 151 20.91 25.85 -14.75
C TYR J 151 20.64 25.12 -13.44
N LEU J 152 19.40 24.66 -13.30
CA LEU J 152 19.00 23.81 -12.16
C LEU J 152 17.99 22.82 -12.73
N LEU J 153 18.49 21.67 -13.18
CA LEU J 153 17.65 20.69 -13.82
C LEU J 153 16.94 19.83 -12.78
N LEU J 154 16.05 18.97 -13.26
CA LEU J 154 15.38 17.98 -12.42
C LEU J 154 15.73 16.59 -12.93
N THR J 155 16.17 15.73 -12.01
CA THR J 155 16.63 14.39 -12.40
C THR J 155 15.50 13.54 -12.95
N ILE J 156 14.24 13.86 -12.62
CA ILE J 156 13.11 13.06 -13.10
C ILE J 156 13.10 13.02 -14.62
N TYR J 157 13.37 14.15 -15.27
CA TYR J 157 13.36 14.23 -16.73
C TYR J 157 14.68 13.84 -17.36
N LEU J 158 15.69 13.47 -16.57
CA LEU J 158 16.99 13.12 -17.12
C LEU J 158 16.85 11.91 -18.04
N ASP J 159 17.61 11.92 -19.14
CA ASP J 159 17.71 10.73 -19.98
C ASP J 159 19.11 10.15 -19.97
N TYR J 160 20.14 10.92 -20.35
CA TYR J 160 21.48 10.36 -20.20
C TYR J 160 22.52 11.46 -20.24
N ILE J 161 23.60 11.24 -19.50
CA ILE J 161 24.65 12.22 -19.33
C ILE J 161 25.88 11.73 -20.08
N THR J 162 26.39 12.54 -21.00
CA THR J 162 27.60 12.21 -21.74
C THR J 162 28.74 13.00 -21.13
N PHE J 163 29.69 12.30 -20.54
CA PHE J 163 30.89 12.93 -20.03
C PHE J 163 31.93 13.01 -21.15
N ASP J 164 33.14 13.46 -20.82
CA ASP J 164 34.16 13.51 -21.84
C ASP J 164 35.53 13.03 -21.35
N GLU J 165 35.80 13.02 -20.05
CA GLU J 165 37.14 12.70 -19.56
C GLU J 165 37.19 11.38 -18.82
N GLU J 166 36.50 11.27 -17.69
CA GLU J 166 36.58 10.09 -16.83
C GLU J 166 35.42 10.10 -15.86
N ILE J 167 34.55 9.10 -15.92
CA ILE J 167 33.52 8.95 -14.92
C ILE J 167 34.13 8.23 -13.72
N ALA J 168 34.23 8.93 -12.60
CA ALA J 168 34.73 8.31 -11.38
C ALA J 168 33.57 7.68 -10.61
N TYR J 169 33.57 6.36 -10.51
CA TYR J 169 32.50 5.64 -9.83
C TYR J 169 33.00 5.02 -8.54
N MET K 91 -5.50 22.63 41.99
CA MET K 91 -4.82 22.02 40.86
C MET K 91 -4.37 20.60 41.22
N LEU K 92 -4.56 19.67 40.29
CA LEU K 92 -4.28 18.27 40.57
C LEU K 92 -2.78 18.05 40.79
N PRO K 93 -2.36 17.07 41.63
CA PRO K 93 -0.95 16.76 41.74
C PRO K 93 -0.49 16.02 40.52
N ILE K 94 0.77 15.60 40.54
CA ILE K 94 1.38 14.95 39.39
C ILE K 94 0.80 13.54 39.22
N GLU K 95 0.50 12.88 40.33
CA GLU K 95 0.19 11.46 40.32
C GLU K 95 -1.23 11.14 39.88
N GLU K 96 -2.08 12.15 39.71
CA GLU K 96 -3.43 11.91 39.21
C GLU K 96 -3.85 12.88 38.13
N SER K 97 -2.91 13.62 37.54
CA SER K 97 -3.22 14.56 36.46
C SER K 97 -3.20 13.82 35.13
N TYR K 98 -4.24 13.02 34.92
CA TYR K 98 -4.47 12.30 33.68
C TYR K 98 -5.46 13.07 32.82
N ILE K 99 -5.74 12.55 31.63
CA ILE K 99 -6.64 13.24 30.71
C ILE K 99 -8.06 13.26 31.27
N GLU K 100 -8.53 12.13 31.79
CA GLU K 100 -9.93 12.05 32.20
C GLU K 100 -10.22 12.92 33.40
N ASN K 101 -9.27 13.06 34.33
CA ASN K 101 -9.49 13.90 35.49
C ASN K 101 -9.70 15.35 35.08
N ILE K 102 -8.85 15.85 34.17
CA ILE K 102 -9.02 17.23 33.71
C ILE K 102 -10.31 17.38 32.93
N LEU K 103 -10.64 16.41 32.07
CA LEU K 103 -11.92 16.47 31.37
C LEU K 103 -13.08 16.53 32.35
N ARG K 104 -12.94 15.90 33.51
CA ARG K 104 -13.98 15.96 34.53
C ARG K 104 -13.95 17.26 35.33
N LEU K 105 -12.82 17.96 35.35
CA LEU K 105 -12.78 19.26 36.01
C LEU K 105 -13.37 20.38 35.17
N ASN K 106 -13.60 20.16 33.88
CA ASN K 106 -14.14 21.21 33.03
C ASN K 106 -15.46 20.80 32.39
N ARG K 107 -16.39 20.27 33.18
CA ARG K 107 -17.72 19.95 32.67
C ARG K 107 -18.48 21.26 32.45
N GLY K 108 -18.62 21.66 31.19
CA GLY K 108 -19.37 22.84 30.87
C GLY K 108 -18.61 23.85 30.06
N LYS K 109 -17.48 23.45 29.47
CA LYS K 109 -16.66 24.32 28.66
C LYS K 109 -16.82 23.95 27.20
N THR K 110 -17.07 24.95 26.36
CA THR K 110 -17.18 24.72 24.92
C THR K 110 -15.90 24.13 24.39
N ALA K 111 -15.94 22.87 23.96
CA ALA K 111 -14.77 22.17 23.47
C ALA K 111 -15.04 21.61 22.08
N THR K 112 -14.00 21.63 21.25
CA THR K 112 -14.03 21.00 19.94
C THR K 112 -13.01 19.88 19.96
N ILE K 113 -13.48 18.64 19.93
CA ILE K 113 -12.62 17.47 20.03
C ILE K 113 -12.25 17.03 18.63
N TYR K 114 -10.95 17.00 18.33
CA TYR K 114 -10.44 16.48 17.08
C TYR K 114 -10.11 15.02 17.33
N MET K 115 -10.91 14.13 16.74
CA MET K 115 -10.80 12.70 16.95
C MET K 115 -10.59 12.01 15.61
N THR K 116 -9.85 10.90 15.61
CA THR K 116 -9.55 10.17 14.38
C THR K 116 -9.68 8.66 14.61
N PHE K 117 -10.61 8.08 13.87
CA PHE K 117 -10.84 6.64 13.87
C PHE K 117 -9.85 5.98 12.93
N GLU K 118 -9.24 4.89 13.39
CA GLU K 118 -8.03 4.38 12.75
C GLU K 118 -8.27 4.01 11.29
N ASN K 119 -9.13 3.03 11.04
CA ASN K 119 -9.37 2.54 9.69
C ASN K 119 -10.84 2.72 9.32
N SER K 120 -11.13 3.82 8.65
CA SER K 120 -12.45 4.05 8.07
C SER K 120 -12.30 4.61 6.67
N LYS K 121 -13.37 4.46 5.89
CA LYS K 121 -13.44 5.03 4.57
C LYS K 121 -14.34 6.27 4.51
N GLU K 122 -15.32 6.38 5.42
CA GLU K 122 -16.25 7.49 5.40
C GLU K 122 -15.98 8.53 6.47
N TRP K 123 -15.62 8.12 7.69
CA TRP K 123 -15.26 9.07 8.73
C TRP K 123 -13.87 8.69 9.25
N ASN K 124 -12.84 9.19 8.56
CA ASN K 124 -11.48 8.94 9.00
C ASN K 124 -11.05 9.94 10.07
N SER K 125 -11.57 11.16 9.99
CA SER K 125 -11.26 12.19 10.97
C SER K 125 -12.53 12.99 11.24
N LYS K 126 -12.86 13.17 12.50
CA LYS K 126 -14.10 13.83 12.90
C LYS K 126 -13.79 14.96 13.86
N ILE K 127 -14.63 15.98 13.81
CA ILE K 127 -14.48 17.18 14.64
C ILE K 127 -15.79 17.34 15.40
N PHE K 128 -15.80 16.92 16.66
CA PHE K 128 -17.01 16.97 17.48
C PHE K 128 -17.00 18.25 18.28
N ARG K 129 -17.84 19.21 17.89
CA ARG K 129 -17.91 20.50 18.56
C ARG K 129 -19.10 20.51 19.50
N GLY K 130 -18.92 21.06 20.70
CA GLY K 130 -20.06 21.15 21.59
C GLY K 130 -19.67 21.48 23.01
N VAL K 131 -20.52 21.07 23.94
CA VAL K 131 -20.37 21.35 25.36
C VAL K 131 -20.17 20.02 26.07
N ILE K 132 -19.06 19.90 26.81
CA ILE K 132 -18.77 18.68 27.53
C ILE K 132 -19.72 18.57 28.72
N GLU K 133 -20.57 17.55 28.71
CA GLU K 133 -21.53 17.38 29.79
C GLU K 133 -20.96 16.54 30.92
N ALA K 134 -20.24 15.46 30.58
CA ALA K 134 -19.61 14.59 31.57
C ALA K 134 -18.63 13.66 30.87
N ALA K 135 -17.48 13.42 31.47
CA ALA K 135 -16.46 12.56 30.88
C ALA K 135 -15.98 11.54 31.90
N GLY K 136 -16.24 10.27 31.63
CA GLY K 136 -15.68 9.18 32.42
C GLY K 136 -14.29 8.83 31.94
N ARG K 137 -13.85 7.63 32.32
CA ARG K 137 -12.52 7.19 31.89
C ARG K 137 -12.54 6.42 30.58
N ASP K 138 -13.69 6.24 29.95
CA ASP K 138 -13.73 5.64 28.62
C ASP K 138 -14.72 6.34 27.69
N HIS K 139 -15.18 7.54 28.04
CA HIS K 139 -16.17 8.22 27.22
C HIS K 139 -16.09 9.71 27.49
N ILE K 140 -16.54 10.50 26.53
CA ILE K 140 -16.62 11.95 26.66
C ILE K 140 -17.98 12.36 26.10
N ILE K 141 -18.98 12.52 26.96
CA ILE K 141 -20.33 12.81 26.51
C ILE K 141 -20.37 14.27 26.09
N ILE K 142 -20.30 14.52 24.79
CA ILE K 142 -20.37 15.87 24.24
C ILE K 142 -21.80 16.14 23.80
N SER K 143 -22.35 17.27 24.22
CA SER K 143 -23.73 17.63 23.93
C SER K 143 -23.76 18.87 23.05
N ASP K 144 -23.79 18.67 21.74
CA ASP K 144 -23.89 19.77 20.80
C ASP K 144 -25.22 20.49 21.01
N PRO K 145 -25.23 21.78 21.29
CA PRO K 145 -26.50 22.50 21.48
C PRO K 145 -27.11 23.05 20.20
N LYS K 146 -26.38 23.01 19.09
CA LYS K 146 -26.92 23.51 17.83
C LYS K 146 -28.10 22.66 17.36
N THR K 147 -27.94 21.33 17.40
CA THR K 147 -28.98 20.42 16.94
C THR K 147 -29.51 19.50 18.04
N GLY K 148 -28.77 19.33 19.13
CA GLY K 148 -29.24 18.53 20.24
C GLY K 148 -28.74 17.10 20.27
N THR K 149 -27.87 16.70 19.35
CA THR K 149 -27.38 15.33 19.32
C THR K 149 -26.27 15.16 20.36
N ARG K 150 -26.55 14.45 21.43
CA ARG K 150 -25.57 14.22 22.49
C ARG K 150 -24.68 13.07 22.09
N TYR K 151 -23.50 13.37 21.57
CA TYR K 151 -22.56 12.33 21.18
C TYR K 151 -22.07 11.57 22.40
N LEU K 152 -21.43 10.42 22.15
CA LEU K 152 -20.78 9.62 23.18
C LEU K 152 -19.51 9.06 22.54
N LEU K 153 -18.42 9.80 22.68
CA LEU K 153 -17.19 9.41 22.03
C LEU K 153 -16.45 8.38 22.87
N LEU K 154 -15.34 7.87 22.33
CA LEU K 154 -14.45 6.98 23.04
C LEU K 154 -13.08 7.62 23.13
N THR K 155 -12.53 7.68 24.33
CA THR K 155 -11.25 8.35 24.55
C THR K 155 -10.10 7.67 23.83
N ILE K 156 -10.24 6.37 23.50
CA ILE K 156 -9.16 5.66 22.84
C ILE K 156 -8.80 6.33 21.52
N TYR K 157 -9.80 6.77 20.77
CA TYR K 157 -9.56 7.41 19.48
C TYR K 157 -9.31 8.90 19.58
N LEU K 158 -9.32 9.48 20.78
CA LEU K 158 -9.11 10.91 20.93
C LEU K 158 -7.73 11.29 20.41
N ASP K 159 -7.66 12.46 19.77
CA ASP K 159 -6.36 13.03 19.40
C ASP K 159 -6.07 14.32 20.15
N TYR K 160 -6.92 15.34 20.03
CA TYR K 160 -6.67 16.50 20.87
C TYR K 160 -7.91 17.36 20.97
N ILE K 161 -8.06 18.00 22.12
CA ILE K 161 -9.25 18.78 22.44
C ILE K 161 -8.85 20.25 22.43
N THR K 162 -9.54 21.05 21.62
CA THR K 162 -9.30 22.49 21.57
C THR K 162 -10.39 23.17 22.37
N PHE K 163 -10.03 23.81 23.47
CA PHE K 163 -10.97 24.60 24.24
C PHE K 163 -11.00 26.01 23.67
N ASP K 164 -11.73 26.91 24.34
CA ASP K 164 -11.76 28.28 23.86
C ASP K 164 -11.67 29.31 24.98
N GLU K 165 -11.98 28.96 26.23
CA GLU K 165 -12.03 29.97 27.28
C GLU K 165 -10.92 29.78 28.32
N GLU K 166 -10.92 28.66 29.05
CA GLU K 166 -9.98 28.44 30.14
C GLU K 166 -9.98 26.97 30.51
N ILE K 167 -8.84 26.31 30.36
CA ILE K 167 -8.71 24.93 30.84
C ILE K 167 -8.39 25.00 32.33
N ALA K 168 -9.30 24.53 33.16
CA ALA K 168 -9.05 24.49 34.59
C ALA K 168 -8.39 23.16 34.94
N TYR K 169 -7.15 23.22 35.40
CA TYR K 169 -6.41 22.01 35.74
C TYR K 169 -6.17 21.94 37.23
N MET L 91 -25.84 9.14 39.42
CA MET L 91 -24.73 9.22 38.48
C MET L 91 -23.58 8.33 38.94
N LEU L 92 -22.99 7.59 38.01
CA LEU L 92 -21.97 6.61 38.36
C LEU L 92 -20.72 7.32 38.91
N PRO L 93 -19.95 6.68 39.83
CA PRO L 93 -18.70 7.26 40.27
C PRO L 93 -17.66 7.12 39.19
N ILE L 94 -16.45 7.54 39.49
CA ILE L 94 -15.36 7.54 38.52
C ILE L 94 -14.92 6.11 38.24
N GLU L 95 -14.95 5.26 39.25
CA GLU L 95 -14.31 3.95 39.21
C GLU L 95 -15.12 2.90 38.46
N GLU L 96 -16.37 3.21 38.08
CA GLU L 96 -17.17 2.27 37.31
C GLU L 96 -17.88 2.94 36.14
N SER L 97 -17.50 4.16 35.76
CA SER L 97 -18.13 4.85 34.65
C SER L 97 -17.41 4.45 33.36
N TYR L 98 -17.68 3.22 32.93
CA TYR L 98 -17.18 2.68 31.67
C TYR L 98 -18.26 2.81 30.60
N ILE L 99 -17.93 2.37 29.38
CA ILE L 99 -18.88 2.49 28.29
C ILE L 99 -20.08 1.59 28.50
N GLU L 100 -19.86 0.35 28.92
CA GLU L 100 -20.95 -0.62 29.00
C GLU L 100 -21.94 -0.24 30.10
N ASN L 101 -21.45 0.31 31.21
CA ASN L 101 -22.35 0.69 32.29
C ASN L 101 -23.32 1.77 31.82
N ILE L 102 -22.82 2.78 31.13
CA ILE L 102 -23.70 3.83 30.62
C ILE L 102 -24.64 3.28 29.56
N LEU L 103 -24.14 2.42 28.67
CA LEU L 103 -25.03 1.80 27.71
C LEU L 103 -26.15 1.02 28.40
N ARG L 104 -25.87 0.46 29.57
CA ARG L 104 -26.89 -0.24 30.32
C ARG L 104 -27.81 0.70 31.09
N LEU L 105 -27.38 1.92 31.36
CA LEU L 105 -28.26 2.89 32.00
C LEU L 105 -29.25 3.53 31.03
N ASN L 106 -29.05 3.38 29.72
CA ASN L 106 -29.95 4.00 28.75
C ASN L 106 -30.61 2.96 27.84
N ARG L 107 -31.14 1.88 28.42
CA ARG L 107 -31.86 0.90 27.63
C ARG L 107 -33.21 1.50 27.23
N GLY L 108 -33.33 1.89 25.96
CA GLY L 108 -34.58 2.43 25.47
C GLY L 108 -34.46 3.79 24.83
N LYS L 109 -33.24 4.22 24.52
CA LYS L 109 -32.99 5.51 23.91
C LYS L 109 -32.61 5.31 22.45
N THR L 110 -33.27 6.05 21.56
CA THR L 110 -32.96 5.99 20.14
C THR L 110 -31.49 6.36 19.91
N ALA L 111 -30.69 5.39 19.49
CA ALA L 111 -29.27 5.61 19.29
C ALA L 111 -28.88 5.19 17.89
N THR L 112 -27.94 5.93 17.31
CA THR L 112 -27.33 5.58 16.04
C THR L 112 -25.86 5.30 16.30
N ILE L 113 -25.46 4.05 16.17
CA ILE L 113 -24.10 3.64 16.48
C ILE L 113 -23.28 3.69 15.21
N TYR L 114 -22.22 4.48 15.20
CA TYR L 114 -21.28 4.53 14.10
C TYR L 114 -20.17 3.54 14.44
N MET L 115 -20.12 2.44 13.69
CA MET L 115 -19.21 1.34 13.94
C MET L 115 -18.38 1.11 12.69
N THR L 116 -17.12 0.67 12.88
CA THR L 116 -16.21 0.44 11.76
C THR L 116 -15.44 -0.85 11.96
N PHE L 117 -15.66 -1.79 11.03
CA PHE L 117 -14.96 -3.06 11.00
C PHE L 117 -13.62 -2.87 10.32
N GLU L 118 -12.55 -3.43 10.91
CA GLU L 118 -11.20 -3.02 10.57
C GLU L 118 -10.89 -3.26 9.10
N ASN L 119 -10.90 -4.52 8.67
CA ASN L 119 -10.53 -4.88 7.30
C ASN L 119 -11.70 -5.58 6.62
N SER L 120 -12.48 -4.79 5.88
CA SER L 120 -13.53 -5.32 5.02
C SER L 120 -13.50 -4.61 3.69
N LYS L 121 -14.08 -5.28 2.68
CA LYS L 121 -14.26 -4.69 1.37
C LYS L 121 -15.69 -4.25 1.11
N GLU L 122 -16.67 -4.86 1.76
CA GLU L 122 -18.07 -4.54 1.51
C GLU L 122 -18.70 -3.69 2.61
N TRP L 123 -18.38 -3.95 3.88
CA TRP L 123 -18.89 -3.13 4.98
C TRP L 123 -17.68 -2.67 5.80
N ASN L 124 -17.08 -1.57 5.36
CA ASN L 124 -15.96 -1.01 6.09
C ASN L 124 -16.44 -0.09 7.21
N SER L 125 -17.56 0.58 7.02
CA SER L 125 -18.16 1.44 8.02
C SER L 125 -19.66 1.29 7.98
N LYS L 126 -20.26 1.06 9.14
CA LYS L 126 -21.68 0.78 9.24
C LYS L 126 -22.31 1.75 10.24
N ILE L 127 -23.59 2.05 9.99
CA ILE L 127 -24.36 2.98 10.82
C ILE L 127 -25.60 2.22 11.26
N PHE L 128 -25.59 1.72 12.49
CA PHE L 128 -26.69 0.93 13.02
C PHE L 128 -27.62 1.85 13.78
N ARG L 129 -28.78 2.14 13.21
CA ARG L 129 -29.74 3.04 13.83
C ARG L 129 -30.84 2.21 14.48
N GLY L 130 -31.26 2.60 15.68
CA GLY L 130 -32.34 1.86 16.29
C GLY L 130 -32.52 2.18 17.75
N VAL L 131 -33.09 1.23 18.47
CA VAL L 131 -33.41 1.35 19.89
C VAL L 131 -32.57 0.34 20.64
N ILE L 132 -31.79 0.82 21.61
CA ILE L 132 -30.95 -0.07 22.39
C ILE L 132 -31.82 -0.87 23.34
N GLU L 133 -31.85 -2.19 23.15
CA GLU L 133 -32.68 -3.04 23.98
C GLU L 133 -31.94 -3.51 25.23
N ALA L 134 -30.66 -3.89 25.07
CA ALA L 134 -29.83 -4.33 26.18
C ALA L 134 -28.38 -4.38 25.73
N ALA L 135 -27.46 -3.96 26.59
CA ALA L 135 -26.04 -3.95 26.25
C ALA L 135 -25.23 -4.60 27.37
N GLY L 136 -24.59 -5.72 27.06
CA GLY L 136 -23.65 -6.35 27.95
C GLY L 136 -22.27 -5.73 27.81
N ARG L 137 -21.27 -6.46 28.29
CA ARG L 137 -19.91 -5.96 28.17
C ARG L 137 -19.19 -6.41 26.91
N ASP L 138 -19.86 -7.16 26.03
CA ASP L 138 -19.28 -7.48 24.73
C ASP L 138 -20.29 -7.41 23.60
N HIS L 139 -21.44 -6.78 23.82
CA HIS L 139 -22.47 -6.73 22.79
C HIS L 139 -23.37 -5.55 23.06
N ILE L 140 -24.03 -5.06 22.01
CA ILE L 140 -25.02 -3.99 22.11
C ILE L 140 -26.20 -4.40 21.24
N ILE L 141 -27.22 -5.00 21.86
CA ILE L 141 -28.36 -5.51 21.11
C ILE L 141 -29.20 -4.32 20.68
N ILE L 142 -29.06 -3.92 19.43
CA ILE L 142 -29.84 -2.83 18.86
C ILE L 142 -31.02 -3.42 18.11
N SER L 143 -32.22 -2.90 18.38
CA SER L 143 -33.45 -3.41 17.78
C SER L 143 -34.07 -2.34 16.91
N ASP L 144 -33.73 -2.34 15.63
CA ASP L 144 -34.31 -1.41 14.68
C ASP L 144 -35.81 -1.68 14.57
N PRO L 145 -36.66 -0.68 14.83
CA PRO L 145 -38.11 -0.90 14.72
C PRO L 145 -38.67 -0.68 13.33
N LYS L 146 -37.89 -0.13 12.40
CA LYS L 146 -38.37 0.10 11.06
C LYS L 146 -38.67 -1.21 10.33
N THR L 147 -37.76 -2.17 10.43
CA THR L 147 -37.91 -3.46 9.77
C THR L 147 -37.96 -4.63 10.72
N GLY L 148 -37.48 -4.48 11.96
CA GLY L 148 -37.54 -5.52 12.95
C GLY L 148 -36.30 -6.37 13.10
N THR L 149 -35.21 -6.03 12.41
CA THR L 149 -33.99 -6.83 12.50
C THR L 149 -33.23 -6.42 13.75
N ARG L 150 -33.19 -7.29 14.75
CA ARG L 150 -32.51 -7.01 16.01
C ARG L 150 -31.04 -7.35 15.83
N TYR L 151 -30.22 -6.32 15.58
CA TYR L 151 -28.79 -6.54 15.42
C TYR L 151 -28.18 -7.01 16.74
N LEU L 152 -26.94 -7.49 16.64
CA LEU L 152 -26.14 -7.86 17.80
C LEU L 152 -24.70 -7.47 17.48
N LEU L 153 -24.34 -6.24 17.85
CA LEU L 153 -23.03 -5.74 17.50
C LEU L 153 -21.98 -6.21 18.50
N LEU L 154 -20.72 -5.88 18.21
CA LEU L 154 -19.62 -6.14 19.12
C LEU L 154 -18.98 -4.82 19.50
N THR L 155 -18.81 -4.59 20.80
CA THR L 155 -18.29 -3.33 21.29
C THR L 155 -16.85 -3.09 20.86
N ILE L 156 -16.11 -4.15 20.53
CA ILE L 156 -14.70 -3.99 20.13
C ILE L 156 -14.59 -3.07 18.92
N TYR L 157 -15.50 -3.22 17.96
CA TYR L 157 -15.47 -2.41 16.74
C TYR L 157 -16.22 -1.09 16.89
N LEU L 158 -16.79 -0.80 18.05
CA LEU L 158 -17.53 0.44 18.22
C LEU L 158 -16.62 1.64 18.02
N ASP L 159 -17.15 2.68 17.39
CA ASP L 159 -16.45 3.96 17.32
C ASP L 159 -17.15 5.05 18.10
N TYR L 160 -18.41 5.35 17.79
CA TYR L 160 -19.09 6.32 18.65
C TYR L 160 -20.59 6.25 18.46
N ILE L 161 -21.31 6.51 19.53
CA ILE L 161 -22.77 6.38 19.57
C ILE L 161 -23.35 7.78 19.63
N THR L 162 -24.22 8.11 18.69
CA THR L 162 -24.91 9.39 18.68
C THR L 162 -26.32 9.16 19.19
N PHE L 163 -26.63 9.75 20.33
CA PHE L 163 -27.97 9.72 20.87
C PHE L 163 -28.77 10.87 20.28
N ASP L 164 -29.99 11.06 20.77
CA ASP L 164 -30.77 12.18 20.28
C ASP L 164 -31.54 12.91 21.38
N GLU L 165 -31.79 12.30 22.54
CA GLU L 165 -32.64 12.92 23.54
C GLU L 165 -31.86 13.30 24.79
N GLU L 166 -31.31 12.32 25.51
CA GLU L 166 -30.67 12.58 26.80
C GLU L 166 -29.83 11.37 27.17
N ILE L 167 -28.52 11.55 27.29
CA ILE L 167 -27.66 10.48 27.80
C ILE L 167 -27.73 10.54 29.32
N ALA L 168 -28.30 9.51 29.94
CA ALA L 168 -28.35 9.43 31.39
C ALA L 168 -27.09 8.73 31.89
N TYR L 169 -26.26 9.47 32.61
CA TYR L 169 -25.00 8.92 33.13
C TYR L 169 -25.04 8.81 34.65
N MET M 91 -32.72 -13.37 32.50
CA MET M 91 -31.75 -12.52 31.84
C MET M 91 -30.41 -12.60 32.55
N LEU M 92 -29.32 -12.70 31.78
CA LEU M 92 -28.01 -12.90 32.36
C LEU M 92 -27.59 -11.67 33.17
N PRO M 93 -26.77 -11.83 34.25
CA PRO M 93 -26.26 -10.68 34.96
C PRO M 93 -25.16 -10.02 34.13
N ILE M 94 -24.55 -9.00 34.70
CA ILE M 94 -23.53 -8.23 33.99
C ILE M 94 -22.26 -9.06 33.83
N GLU M 95 -21.95 -9.88 34.83
CA GLU M 95 -20.65 -10.53 34.94
C GLU M 95 -20.50 -11.74 34.04
N GLU M 96 -21.56 -12.20 33.38
CA GLU M 96 -21.47 -13.32 32.47
C GLU M 96 -22.21 -13.08 31.16
N SER M 97 -22.59 -11.83 30.86
CA SER M 97 -23.29 -11.51 29.63
C SER M 97 -22.25 -11.24 28.54
N TYR M 98 -21.64 -12.32 28.06
CA TYR M 98 -20.69 -12.27 26.97
C TYR M 98 -21.40 -12.69 25.68
N ILE M 99 -20.65 -12.67 24.57
CA ILE M 99 -21.26 -13.00 23.29
C ILE M 99 -21.67 -14.47 23.24
N GLU M 100 -20.80 -15.36 23.71
CA GLU M 100 -21.07 -16.79 23.56
C GLU M 100 -22.26 -17.23 24.40
N ASN M 101 -22.42 -16.65 25.59
CA ASN M 101 -23.55 -17.03 26.43
C ASN M 101 -24.88 -16.70 25.74
N ILE M 102 -24.98 -15.50 25.17
CA ILE M 102 -26.21 -15.14 24.47
C ILE M 102 -26.40 -16.01 23.23
N LEU M 103 -25.33 -16.27 22.49
CA LEU M 103 -25.45 -17.17 21.35
C LEU M 103 -25.96 -18.54 21.78
N ARG M 104 -25.61 -18.97 23.00
CA ARG M 104 -26.10 -20.23 23.51
C ARG M 104 -27.52 -20.15 24.03
N LEU M 105 -27.99 -18.95 24.39
CA LEU M 105 -29.38 -18.79 24.80
C LEU M 105 -30.36 -18.76 23.62
N ASN M 106 -29.88 -18.59 22.39
CA ASN M 106 -30.77 -18.52 21.24
C ASN M 106 -30.47 -19.61 20.22
N ARG M 107 -30.32 -20.85 20.67
CA ARG M 107 -30.13 -21.97 19.75
C ARG M 107 -31.45 -22.25 19.05
N GLY M 108 -31.56 -21.84 17.79
CA GLY M 108 -32.75 -22.11 17.02
C GLY M 108 -33.38 -20.88 16.40
N LYS M 109 -32.65 -19.78 16.38
CA LYS M 109 -33.13 -18.52 15.82
C LYS M 109 -32.45 -18.27 14.48
N THR M 110 -33.25 -17.96 13.47
CA THR M 110 -32.71 -17.63 12.15
C THR M 110 -31.77 -16.44 12.25
N ALA M 111 -30.48 -16.66 12.04
CA ALA M 111 -29.49 -15.62 12.16
C ALA M 111 -28.67 -15.54 10.88
N THR M 112 -28.30 -14.31 10.52
CA THR M 112 -27.38 -14.06 9.42
C THR M 112 -26.13 -13.43 10.01
N ILE M 113 -25.04 -14.16 9.99
CA ILE M 113 -23.79 -13.71 10.60
C ILE M 113 -22.96 -13.02 9.55
N TYR M 114 -22.63 -11.76 9.77
CA TYR M 114 -21.73 -11.00 8.91
C TYR M 114 -20.34 -11.16 9.49
N MET M 115 -19.49 -11.90 8.79
CA MET M 115 -18.16 -12.26 9.25
C MET M 115 -17.15 -11.78 8.22
N THR M 116 -15.95 -11.41 8.69
CA THR M 116 -14.90 -10.90 7.81
C THR M 116 -13.55 -11.48 8.19
N PHE M 117 -12.98 -12.23 7.25
CA PHE M 117 -11.65 -12.81 7.40
C PHE M 117 -10.61 -11.76 7.03
N GLU M 118 -9.57 -11.64 7.84
CA GLU M 118 -8.71 -10.46 7.82
C GLU M 118 -8.05 -10.29 6.45
N ASN M 119 -7.21 -11.23 6.05
CA ASN M 119 -6.46 -11.12 4.81
C ASN M 119 -6.81 -12.28 3.87
N SER M 120 -7.74 -12.03 2.98
CA SER M 120 -8.07 -12.96 1.91
C SER M 120 -8.23 -12.22 0.60
N LYS M 121 -8.09 -12.96 -0.49
CA LYS M 121 -8.34 -12.44 -1.82
C LYS M 121 -9.66 -12.92 -2.40
N GLU M 122 -10.16 -14.07 -1.98
CA GLU M 122 -11.39 -14.62 -2.53
C GLU M 122 -12.59 -14.47 -1.61
N TRP M 123 -12.42 -14.66 -0.30
CA TRP M 123 -13.52 -14.45 0.65
C TRP M 123 -13.03 -13.47 1.70
N ASN M 124 -13.16 -12.17 1.39
CA ASN M 124 -12.78 -11.15 2.36
C ASN M 124 -13.91 -10.86 3.33
N SER M 125 -15.15 -10.99 2.88
CA SER M 125 -16.32 -10.78 3.72
C SER M 125 -17.37 -11.81 3.34
N LYS M 126 -17.91 -12.50 4.34
CA LYS M 126 -18.86 -13.58 4.13
C LYS M 126 -20.11 -13.33 4.94
N ILE M 127 -21.22 -13.82 4.42
CA ILE M 127 -22.54 -13.65 5.03
C ILE M 127 -23.11 -15.06 5.20
N PHE M 128 -23.02 -15.60 6.40
CA PHE M 128 -23.48 -16.96 6.68
C PHE M 128 -24.90 -16.88 7.20
N ARG M 129 -25.86 -17.28 6.38
CA ARG M 129 -27.26 -17.23 6.75
C ARG M 129 -27.73 -18.62 7.15
N GLY M 130 -28.51 -18.72 8.23
CA GLY M 130 -29.00 -20.03 8.59
C GLY M 130 -29.60 -20.07 9.96
N VAL M 131 -29.58 -21.27 10.54
CA VAL M 131 -30.16 -21.54 11.85
C VAL M 131 -29.03 -21.93 12.80
N ILE M 132 -28.90 -21.21 13.90
CA ILE M 132 -27.86 -21.51 14.86
C ILE M 132 -28.22 -22.79 15.60
N GLU M 133 -27.40 -23.83 15.43
CA GLU M 133 -27.66 -25.11 16.07
C GLU M 133 -27.03 -25.19 17.44
N ALA M 134 -25.79 -24.70 17.58
CA ALA M 134 -25.09 -24.69 18.85
C ALA M 134 -23.86 -23.80 18.75
N ALA M 135 -23.57 -23.02 19.79
CA ALA M 135 -22.43 -22.12 19.77
C ALA M 135 -21.62 -22.30 21.05
N GLY M 136 -20.38 -22.76 20.90
CA GLY M 136 -19.43 -22.80 21.99
C GLY M 136 -18.73 -21.48 22.16
N ARG M 137 -17.59 -21.52 22.86
CA ARG M 137 -16.84 -20.28 23.05
C ARG M 137 -15.78 -20.05 21.97
N ASP M 138 -15.67 -20.93 20.98
CA ASP M 138 -14.79 -20.66 19.85
C ASP M 138 -15.41 -21.07 18.51
N HIS M 139 -16.71 -21.29 18.47
CA HIS M 139 -17.34 -21.73 17.23
C HIS M 139 -18.82 -21.38 17.28
N ILE M 140 -19.41 -21.25 16.10
CA ILE M 140 -20.84 -21.01 15.96
C ILE M 140 -21.34 -21.93 14.86
N ILE M 141 -21.88 -23.09 15.24
CA ILE M 141 -22.30 -24.08 14.26
C ILE M 141 -23.60 -23.60 13.64
N ILE M 142 -23.51 -23.03 12.45
CA ILE M 142 -24.67 -22.57 11.71
C ILE M 142 -25.08 -23.65 10.72
N SER M 143 -26.37 -23.99 10.70
CA SER M 143 -26.88 -25.06 9.85
C SER M 143 -27.86 -24.46 8.84
N ASP M 144 -27.36 -24.09 7.68
CA ASP M 144 -28.20 -23.59 6.61
C ASP M 144 -29.17 -24.68 6.17
N PRO M 145 -30.48 -24.45 6.22
CA PRO M 145 -31.43 -25.48 5.79
C PRO M 145 -31.76 -25.46 4.31
N LYS M 146 -31.32 -24.42 3.58
CA LYS M 146 -31.59 -24.36 2.15
C LYS M 146 -30.87 -25.49 1.40
N THR M 147 -29.60 -25.71 1.71
CA THR M 147 -28.80 -26.73 1.04
C THR M 147 -28.29 -27.81 1.97
N GLY M 148 -28.26 -27.56 3.28
CA GLY M 148 -27.85 -28.56 4.24
C GLY M 148 -26.40 -28.50 4.68
N THR M 149 -25.65 -27.49 4.25
CA THR M 149 -24.24 -27.39 4.62
C THR M 149 -24.13 -26.77 6.01
N ARG M 150 -23.75 -27.57 7.00
CA ARG M 150 -23.63 -27.11 8.38
C ARG M 150 -22.26 -26.46 8.54
N TYR M 151 -22.21 -25.13 8.46
CA TYR M 151 -20.96 -24.43 8.64
C TYR M 151 -20.43 -24.60 10.06
N LEU M 152 -19.17 -24.22 10.25
CA LEU M 152 -18.54 -24.19 11.57
C LEU M 152 -17.62 -22.97 11.57
N LEU M 153 -18.16 -21.84 11.99
CA LEU M 153 -17.40 -20.60 11.94
C LEU M 153 -16.50 -20.48 13.16
N LEU M 154 -15.68 -19.42 13.16
CA LEU M 154 -14.84 -19.09 14.29
C LEU M 154 -15.23 -17.70 14.79
N THR M 155 -15.48 -17.60 16.10
CA THR M 155 -15.94 -16.35 16.68
C THR M 155 -14.90 -15.24 16.57
N ILE M 156 -13.62 -15.59 16.43
CA ILE M 156 -12.58 -14.57 16.36
C ILE M 156 -12.83 -13.62 15.19
N TYR M 157 -13.25 -14.16 14.05
CA TYR M 157 -13.51 -13.35 12.86
C TYR M 157 -14.91 -12.77 12.81
N LEU M 158 -15.75 -13.04 13.82
CA LEU M 158 -17.11 -12.53 13.81
C LEU M 158 -17.11 -11.00 13.80
N ASP M 159 -18.04 -10.42 13.06
CA ASP M 159 -18.26 -8.98 13.14
C ASP M 159 -19.62 -8.64 13.72
N TYR M 160 -20.72 -9.11 13.13
CA TYR M 160 -21.98 -8.87 13.81
C TYR M 160 -23.05 -9.80 13.29
N ILE M 161 -23.98 -10.16 14.17
CA ILE M 161 -25.02 -11.14 13.88
C ILE M 161 -26.34 -10.40 13.79
N THR M 162 -27.03 -10.54 12.67
CA THR M 162 -28.34 -9.94 12.49
C THR M 162 -29.38 -11.02 12.68
N PHE M 163 -30.19 -10.89 13.72
CA PHE M 163 -31.30 -11.80 13.93
C PHE M 163 -32.51 -11.28 13.18
N ASP M 164 -33.65 -11.94 13.37
CA ASP M 164 -34.85 -11.45 12.71
C ASP M 164 -36.10 -11.48 13.60
N GLU M 165 -36.13 -12.27 14.68
CA GLU M 165 -37.35 -12.42 15.46
C GLU M 165 -37.22 -11.81 16.84
N GLU M 166 -36.32 -12.35 17.68
CA GLU M 166 -36.22 -11.92 19.08
C GLU M 166 -34.90 -12.42 19.64
N ILE M 167 -34.03 -11.51 20.05
CA ILE M 167 -32.82 -11.90 20.76
C ILE M 167 -33.18 -12.10 22.22
N ALA M 168 -33.09 -13.33 22.70
CA ALA M 168 -33.35 -13.61 24.11
C ALA M 168 -32.05 -13.47 24.89
N TYR M 169 -32.00 -12.48 25.78
CA TYR M 169 -30.79 -12.23 26.56
C TYR M 169 -31.03 -12.54 28.03
N MET N 91 -22.93 -34.38 24.47
CA MET N 91 -22.56 -33.04 24.03
C MET N 91 -21.62 -32.39 25.03
N LEU N 92 -20.59 -31.72 24.52
CA LEU N 92 -19.57 -31.17 25.39
C LEU N 92 -20.14 -30.05 26.25
N PRO N 93 -19.61 -29.82 27.50
CA PRO N 93 -20.06 -28.69 28.28
C PRO N 93 -19.47 -27.42 27.72
N ILE N 94 -19.72 -26.31 28.40
CA ILE N 94 -19.28 -25.01 27.93
C ILE N 94 -17.77 -24.87 28.07
N GLU N 95 -17.21 -25.46 29.13
CA GLU N 95 -15.84 -25.20 29.53
C GLU N 95 -14.81 -25.96 28.69
N GLU N 96 -15.23 -26.88 27.83
CA GLU N 96 -14.29 -27.58 26.96
C GLU N 96 -14.79 -27.67 25.52
N SER N 97 -15.78 -26.87 25.14
CA SER N 97 -16.29 -26.89 23.77
C SER N 97 -15.46 -25.91 22.94
N TYR N 98 -14.23 -26.32 22.63
CA TYR N 98 -13.33 -25.58 21.77
C TYR N 98 -13.39 -26.16 20.37
N ILE N 99 -12.62 -25.57 19.46
CA ILE N 99 -12.65 -26.02 18.07
C ILE N 99 -12.05 -27.42 17.94
N GLU N 100 -10.92 -27.67 18.62
CA GLU N 100 -10.23 -28.94 18.42
C GLU N 100 -11.02 -30.11 18.98
N ASN N 101 -11.72 -29.90 20.09
CA ASN N 101 -12.51 -30.99 20.66
C ASN N 101 -13.61 -31.43 19.70
N ILE N 102 -14.31 -30.47 19.09
CA ILE N 102 -15.34 -30.84 18.13
C ILE N 102 -14.73 -31.48 16.90
N LEU N 103 -13.62 -30.94 16.41
CA LEU N 103 -12.95 -31.58 15.28
C LEU N 103 -12.58 -33.02 15.61
N ARG N 104 -12.27 -33.31 16.87
CA ARG N 104 -11.97 -34.67 17.27
C ARG N 104 -13.20 -35.52 17.47
N LEU N 105 -14.37 -34.91 17.69
CA LEU N 105 -15.60 -35.67 17.78
C LEU N 105 -16.16 -36.08 16.42
N ASN N 106 -15.67 -35.49 15.33
CA ASN N 106 -16.18 -35.82 14.00
C ASN N 106 -15.09 -36.37 13.09
N ARG N 107 -14.31 -37.32 13.57
CA ARG N 107 -13.30 -37.97 12.73
C ARG N 107 -14.02 -38.89 11.75
N GLY N 108 -14.12 -38.47 10.50
CA GLY N 108 -14.72 -39.30 9.48
C GLY N 108 -15.85 -38.63 8.73
N LYS N 109 -15.96 -37.31 8.86
CA LYS N 109 -16.99 -36.54 8.19
C LYS N 109 -16.38 -35.76 7.04
N THR N 110 -17.01 -35.87 5.86
CA THR N 110 -16.54 -35.11 4.70
C THR N 110 -16.58 -33.62 4.99
N ALA N 111 -15.41 -32.99 5.08
CA ALA N 111 -15.31 -31.59 5.41
C ALA N 111 -14.49 -30.87 4.34
N THR N 112 -14.89 -29.64 4.06
CA THR N 112 -14.14 -28.75 3.19
C THR N 112 -13.68 -27.57 4.04
N ILE N 113 -12.38 -27.49 4.28
CA ILE N 113 -11.81 -26.47 5.15
C ILE N 113 -11.40 -25.29 4.29
N TYR N 114 -11.97 -24.12 4.58
CA TYR N 114 -11.59 -22.88 3.93
C TYR N 114 -10.52 -22.24 4.82
N MET N 115 -9.29 -22.23 4.32
CA MET N 115 -8.13 -21.77 5.08
C MET N 115 -7.45 -20.66 4.30
N THR N 116 -6.85 -19.70 5.01
CA THR N 116 -6.20 -18.56 4.38
C THR N 116 -4.87 -18.25 5.06
N PHE N 117 -3.80 -18.39 4.30
CA PHE N 117 -2.45 -18.06 4.74
C PHE N 117 -2.23 -16.56 4.60
N GLU N 118 -1.65 -15.95 5.64
CA GLU N 118 -1.71 -14.50 5.78
C GLU N 118 -1.07 -13.79 4.60
N ASN N 119 0.23 -13.97 4.40
CA ASN N 119 0.98 -13.28 3.37
C ASN N 119 1.59 -14.29 2.40
N SER N 120 0.88 -14.54 1.30
CA SER N 120 1.41 -15.33 0.21
C SER N 120 1.06 -14.67 -1.12
N LYS N 121 1.82 -15.03 -2.14
CA LYS N 121 1.56 -14.60 -3.50
C LYS N 121 0.95 -15.69 -4.36
N GLU N 122 1.19 -16.95 -4.05
CA GLU N 122 0.69 -18.05 -4.86
C GLU N 122 -0.50 -18.78 -4.24
N TRP N 123 -0.50 -18.99 -2.92
CA TRP N 123 -1.64 -19.60 -2.24
C TRP N 123 -2.06 -18.67 -1.11
N ASN N 124 -2.89 -17.69 -1.45
CA ASN N 124 -3.41 -16.79 -0.44
C ASN N 124 -4.63 -17.36 0.25
N SER N 125 -5.43 -18.14 -0.47
CA SER N 125 -6.60 -18.79 0.08
C SER N 125 -6.71 -20.18 -0.51
N LYS N 126 -6.89 -21.17 0.34
CA LYS N 126 -6.91 -22.57 -0.06
C LYS N 126 -8.19 -23.23 0.44
N ILE N 127 -8.64 -24.22 -0.31
CA ILE N 127 -9.86 -24.96 -0.01
C ILE N 127 -9.47 -26.43 0.04
N PHE N 128 -9.29 -26.96 1.24
CA PHE N 128 -8.86 -28.34 1.42
C PHE N 128 -10.09 -29.20 1.62
N ARG N 129 -10.45 -29.98 0.60
CA ARG N 129 -11.62 -30.84 0.65
C ARG N 129 -11.19 -32.26 0.96
N GLY N 130 -11.93 -32.94 1.83
CA GLY N 130 -11.57 -34.33 2.07
C GLY N 130 -12.26 -34.90 3.30
N VAL N 131 -11.62 -35.90 3.88
CA VAL N 131 -12.14 -36.63 5.03
C VAL N 131 -11.21 -36.39 6.20
N ILE N 132 -11.75 -35.88 7.30
CA ILE N 132 -10.94 -35.61 8.48
C ILE N 132 -10.57 -36.94 9.13
N GLU N 133 -9.27 -37.24 9.16
CA GLU N 133 -8.80 -38.49 9.73
C GLU N 133 -8.52 -38.36 11.22
N ALA N 134 -7.90 -37.25 11.62
CA ALA N 134 -7.61 -36.99 13.02
C ALA N 134 -7.18 -35.53 13.18
N ALA N 135 -7.62 -34.87 14.25
CA ALA N 135 -7.30 -33.47 14.49
C ALA N 135 -6.80 -33.29 15.91
N GLY N 136 -5.54 -32.90 16.04
CA GLY N 136 -4.99 -32.51 17.33
C GLY N 136 -5.30 -31.05 17.63
N ARG N 137 -4.53 -30.49 18.57
CA ARG N 137 -4.73 -29.09 18.91
C ARG N 137 -3.87 -28.13 18.11
N ASP N 138 -3.06 -28.63 17.16
CA ASP N 138 -2.34 -27.75 16.25
C ASP N 138 -2.32 -28.27 14.82
N HIS N 139 -3.17 -29.23 14.49
CA HIS N 139 -3.17 -29.79 13.15
C HIS N 139 -4.52 -30.40 12.86
N ILE N 140 -4.84 -30.52 11.58
CA ILE N 140 -6.07 -31.15 11.11
C ILE N 140 -5.67 -32.05 9.95
N ILE N 141 -5.45 -33.33 10.20
CA ILE N 141 -4.98 -34.24 9.17
C ILE N 141 -6.17 -34.55 8.26
N ILE N 142 -6.22 -33.90 7.10
CA ILE N 142 -7.26 -34.13 6.12
C ILE N 142 -6.74 -35.11 5.09
N SER N 143 -7.51 -36.14 4.78
CA SER N 143 -7.09 -37.19 3.85
C SER N 143 -8.02 -37.17 2.64
N ASP N 144 -7.65 -36.43 1.62
CA ASP N 144 -8.40 -36.40 0.38
C ASP N 144 -8.41 -37.79 -0.26
N PRO N 145 -9.57 -38.40 -0.51
CA PRO N 145 -9.58 -39.73 -1.13
C PRO N 145 -9.57 -39.71 -2.65
N LYS N 146 -9.72 -38.54 -3.27
CA LYS N 146 -9.71 -38.47 -4.73
C LYS N 146 -8.34 -38.83 -5.28
N THR N 147 -7.28 -38.28 -4.69
CA THR N 147 -5.92 -38.52 -5.15
C THR N 147 -5.04 -39.19 -4.11
N GLY N 148 -5.40 -39.14 -2.84
CA GLY N 148 -4.65 -39.81 -1.79
C GLY N 148 -3.66 -38.95 -1.04
N THR N 149 -3.61 -37.65 -1.30
CA THR N 149 -2.67 -36.77 -0.63
C THR N 149 -3.22 -36.40 0.75
N ARG N 150 -2.62 -36.94 1.80
CA ARG N 150 -3.06 -36.66 3.16
C ARG N 150 -2.44 -35.35 3.62
N TYR N 151 -3.20 -34.27 3.55
CA TYR N 151 -2.70 -32.98 3.99
C TYR N 151 -2.46 -32.99 5.49
N LEU N 152 -1.75 -31.95 5.96
CA LEU N 152 -1.53 -31.72 7.39
C LEU N 152 -1.57 -30.20 7.57
N LEU N 153 -2.77 -29.69 7.86
CA LEU N 153 -2.93 -28.25 7.96
C LEU N 153 -2.53 -27.76 9.35
N LEU N 154 -2.55 -26.45 9.53
CA LEU N 154 -2.32 -25.83 10.82
C LEU N 154 -3.56 -25.03 11.19
N THR N 155 -4.06 -25.26 12.42
CA THR N 155 -5.28 -24.62 12.85
C THR N 155 -5.15 -23.11 12.98
N ILE N 156 -3.93 -22.60 13.13
CA ILE N 156 -3.73 -21.16 13.28
C ILE N 156 -4.29 -20.41 12.08
N TYR N 157 -4.08 -20.95 10.87
CA TYR N 157 -4.55 -20.31 9.65
C TYR N 157 -5.98 -20.69 9.29
N LEU N 158 -6.64 -21.52 10.08
CA LEU N 158 -8.00 -21.94 9.76
C LEU N 158 -8.93 -20.74 9.74
N ASP N 159 -9.87 -20.74 8.80
CA ASP N 159 -10.94 -19.75 8.81
C ASP N 159 -12.29 -20.36 9.07
N TYR N 160 -12.74 -21.31 8.25
CA TYR N 160 -13.99 -21.98 8.61
C TYR N 160 -14.15 -23.29 7.88
N ILE N 161 -14.78 -24.24 8.54
CA ILE N 161 -14.93 -25.60 8.04
C ILE N 161 -16.40 -25.79 7.65
N THR N 162 -16.63 -26.18 6.39
CA THR N 162 -17.97 -26.46 5.92
C THR N 162 -18.14 -27.97 5.88
N PHE N 163 -19.03 -28.49 6.72
CA PHE N 163 -19.37 -29.90 6.69
C PHE N 163 -20.48 -30.12 5.67
N ASP N 164 -20.99 -31.34 5.61
CA ASP N 164 -22.09 -31.60 4.69
C ASP N 164 -23.18 -32.48 5.28
N GLU N 165 -22.93 -33.25 6.32
CA GLU N 165 -23.92 -34.21 6.81
C GLU N 165 -24.44 -33.83 8.19
N GLU N 166 -23.59 -33.82 9.22
CA GLU N 166 -24.03 -33.60 10.59
C GLU N 166 -22.80 -33.27 11.44
N ILE N 167 -22.77 -32.09 12.03
CA ILE N 167 -21.73 -31.76 13.00
C ILE N 167 -22.16 -32.32 14.34
N ALA N 168 -21.42 -33.31 14.84
CA ALA N 168 -21.71 -33.86 16.15
C ALA N 168 -20.94 -33.07 17.20
N TYR N 169 -21.67 -32.38 18.07
CA TYR N 169 -21.04 -31.55 19.10
C TYR N 169 -21.32 -32.13 20.48
N MET O 91 -1.03 -44.05 19.09
CA MET O 91 -1.50 -42.73 18.72
C MET O 91 -1.35 -41.77 19.91
N LEU O 92 -0.89 -40.56 19.64
CA LEU O 92 -0.59 -39.62 20.71
C LEU O 92 -1.88 -39.19 21.40
N PRO O 93 -1.84 -38.86 22.73
CA PRO O 93 -3.02 -38.33 23.38
C PRO O 93 -3.25 -36.90 22.95
N ILE O 94 -4.25 -36.27 23.55
CA ILE O 94 -4.62 -34.91 23.17
C ILE O 94 -3.57 -33.92 23.64
N GLU O 95 -2.97 -34.18 24.81
CA GLU O 95 -2.15 -33.21 25.50
C GLU O 95 -0.75 -33.08 24.93
N GLU O 96 -0.35 -33.95 24.01
CA GLU O 96 0.96 -33.83 23.38
C GLU O 96 0.92 -34.00 21.86
N SER O 97 -0.27 -33.93 21.26
CA SER O 97 -0.41 -34.06 19.81
C SER O 97 -0.21 -32.68 19.17
N TYR O 98 1.04 -32.25 19.16
CA TYR O 98 1.44 -31.00 18.51
C TYR O 98 2.01 -31.32 17.14
N ILE O 99 2.40 -30.27 16.42
CA ILE O 99 2.91 -30.46 15.06
C ILE O 99 4.25 -31.19 15.09
N GLU O 100 5.15 -30.80 16.00
CA GLU O 100 6.51 -31.36 15.98
C GLU O 100 6.50 -32.84 16.36
N ASN O 101 5.63 -33.24 17.29
CA ASN O 101 5.59 -34.64 17.67
C ASN O 101 5.20 -35.52 16.50
N ILE O 102 4.17 -35.11 15.74
CA ILE O 102 3.78 -35.89 14.57
C ILE O 102 4.87 -35.88 13.51
N LEU O 103 5.49 -34.71 13.29
CA LEU O 103 6.61 -34.67 12.34
C LEU O 103 7.72 -35.63 12.76
N ARG O 104 7.89 -35.83 14.06
CA ARG O 104 8.89 -36.78 14.54
C ARG O 104 8.41 -38.23 14.47
N LEU O 105 7.10 -38.46 14.41
CA LEU O 105 6.61 -39.82 14.23
C LEU O 105 6.69 -40.30 12.78
N ASN O 106 6.91 -39.40 11.82
CA ASN O 106 6.96 -39.80 10.42
C ASN O 106 8.30 -39.46 9.78
N ARG O 107 9.40 -39.80 10.44
CA ARG O 107 10.72 -39.61 9.86
C ARG O 107 10.91 -40.64 8.75
N GLY O 108 10.82 -40.20 7.50
CA GLY O 108 11.04 -41.09 6.38
C GLY O 108 9.91 -41.14 5.39
N LYS O 109 8.99 -40.18 5.47
CA LYS O 109 7.85 -40.11 4.57
C LYS O 109 8.05 -38.98 3.59
N THR O 110 7.85 -39.27 2.30
CA THR O 110 7.96 -38.25 1.26
C THR O 110 6.96 -37.13 1.53
N ALA O 111 7.47 -35.95 1.87
CA ALA O 111 6.61 -34.82 2.19
C ALA O 111 6.99 -33.62 1.33
N THR O 112 5.98 -32.86 0.95
CA THR O 112 6.17 -31.59 0.26
C THR O 112 5.66 -30.49 1.18
N ILE O 113 6.55 -29.69 1.70
CA ILE O 113 6.22 -28.65 2.67
C ILE O 113 5.95 -27.36 1.91
N TYR O 114 4.75 -26.81 2.05
CA TYR O 114 4.41 -25.52 1.48
C TYR O 114 4.66 -24.50 2.59
N MET O 115 5.70 -23.68 2.38
CA MET O 115 6.17 -22.72 3.37
C MET O 115 6.15 -21.34 2.76
N THR O 116 5.89 -20.32 3.57
CA THR O 116 5.81 -18.93 3.09
C THR O 116 6.51 -17.99 4.05
N PHE O 117 7.56 -17.36 3.55
CA PHE O 117 8.32 -16.34 4.27
C PHE O 117 7.60 -15.00 4.17
N GLU O 118 7.47 -14.31 5.30
CA GLU O 118 6.51 -13.22 5.41
C GLU O 118 6.79 -12.12 4.40
N ASN O 119 7.94 -11.46 4.50
CA ASN O 119 8.27 -10.34 3.64
C ASN O 119 9.54 -10.64 2.86
N SER O 120 9.35 -11.12 1.63
CA SER O 120 10.44 -11.29 0.68
C SER O 120 10.01 -10.80 -0.69
N LYS O 121 11.01 -10.50 -1.51
CA LYS O 121 10.78 -10.14 -2.89
C LYS O 121 11.15 -11.26 -3.86
N GLU O 122 12.06 -12.15 -3.48
CA GLU O 122 12.49 -13.22 -4.37
C GLU O 122 11.91 -14.58 -4.02
N TRP O 123 11.80 -14.92 -2.74
CA TRP O 123 11.17 -16.17 -2.33
C TRP O 123 10.07 -15.83 -1.33
N ASN O 124 8.89 -15.51 -1.86
CA ASN O 124 7.74 -15.24 -1.00
C ASN O 124 7.04 -16.51 -0.60
N SER O 125 7.04 -17.52 -1.47
CA SER O 125 6.44 -18.80 -1.19
C SER O 125 7.31 -19.89 -1.78
N LYS O 126 7.63 -20.89 -0.97
CA LYS O 126 8.54 -21.95 -1.35
C LYS O 126 7.88 -23.31 -1.14
N ILE O 127 8.26 -24.27 -1.97
CA ILE O 127 7.73 -25.62 -1.94
C ILE O 127 8.92 -26.55 -1.78
N PHE O 128 9.16 -27.02 -0.56
CA PHE O 128 10.31 -27.88 -0.28
C PHE O 128 9.86 -29.33 -0.35
N ARG O 129 10.26 -30.02 -1.42
CA ARG O 129 9.86 -31.40 -1.62
C ARG O 129 11.01 -32.30 -1.21
N GLY O 130 10.71 -33.40 -0.52
CA GLY O 130 11.78 -34.31 -0.18
C GLY O 130 11.38 -35.33 0.86
N VAL O 131 12.38 -35.82 1.58
CA VAL O 131 12.22 -36.86 2.59
C VAL O 131 12.57 -36.26 3.94
N ILE O 132 11.63 -36.32 4.89
CA ILE O 132 11.87 -35.78 6.21
C ILE O 132 12.86 -36.69 6.95
N GLU O 133 14.03 -36.14 7.26
CA GLU O 133 15.05 -36.93 7.94
C GLU O 133 14.90 -36.85 9.46
N ALA O 134 14.64 -35.65 9.97
CA ALA O 134 14.44 -35.45 11.41
C ALA O 134 13.85 -34.07 11.64
N ALA O 135 12.91 -33.95 12.57
CA ALA O 135 12.25 -32.68 12.86
C ALA O 135 12.26 -32.42 14.35
N GLY O 136 12.96 -31.37 14.77
CA GLY O 136 12.91 -30.89 16.13
C GLY O 136 11.72 -29.97 16.35
N ARG O 137 11.80 -29.20 17.43
CA ARG O 137 10.72 -28.25 17.70
C ARG O 137 10.94 -26.87 17.10
N ASP O 138 12.04 -26.66 16.36
CA ASP O 138 12.22 -25.42 15.63
C ASP O 138 12.82 -25.62 14.25
N HIS O 139 12.81 -26.85 13.74
CA HIS O 139 13.42 -27.12 12.45
C HIS O 139 12.79 -28.37 11.86
N ILE O 140 12.86 -28.49 10.54
CA ILE O 140 12.39 -29.68 9.82
C ILE O 140 13.46 -29.98 8.78
N ILE O 141 14.37 -30.90 9.10
CA ILE O 141 15.48 -31.21 8.21
C ILE O 141 14.93 -32.05 7.06
N ILE O 142 14.70 -31.42 5.91
CA ILE O 142 14.22 -32.10 4.72
C ILE O 142 15.41 -32.42 3.84
N SER O 143 15.52 -33.66 3.38
CA SER O 143 16.65 -34.11 2.58
C SER O 143 16.15 -34.50 1.20
N ASP O 144 16.17 -33.57 0.28
CA ASP O 144 15.80 -33.84 -1.10
C ASP O 144 16.76 -34.84 -1.70
N PRO O 145 16.30 -35.99 -2.20
CA PRO O 145 17.21 -36.97 -2.79
C PRO O 145 17.49 -36.75 -4.27
N LYS O 146 16.77 -35.85 -4.92
CA LYS O 146 17.00 -35.59 -6.34
C LYS O 146 18.39 -34.98 -6.57
N THR O 147 18.75 -33.99 -5.76
CA THR O 147 20.03 -33.30 -5.91
C THR O 147 20.93 -33.44 -4.69
N GLY O 148 20.38 -33.79 -3.53
CA GLY O 148 21.16 -34.00 -2.33
C GLY O 148 21.26 -32.82 -1.39
N THR O 149 20.55 -31.72 -1.65
CA THR O 149 20.62 -30.55 -0.79
C THR O 149 19.71 -30.77 0.41
N ARG O 150 20.30 -30.97 1.59
CA ARG O 150 19.54 -31.20 2.82
C ARG O 150 19.14 -29.85 3.39
N TYR O 151 17.90 -29.44 3.14
CA TYR O 151 17.41 -28.18 3.66
C TYR O 151 17.33 -28.23 5.18
N LEU O 152 17.15 -27.05 5.78
CA LEU O 152 16.91 -26.92 7.22
C LEU O 152 15.92 -25.77 7.37
N LEU O 153 14.63 -26.11 7.37
CA LEU O 153 13.61 -25.10 7.42
C LEU O 153 13.36 -24.65 8.86
N LEU O 154 12.51 -23.64 9.00
CA LEU O 154 12.06 -23.17 10.31
C LEU O 154 10.55 -23.34 10.40
N THR O 155 10.09 -23.98 11.48
CA THR O 155 8.67 -24.27 11.62
C THR O 155 7.83 -23.01 11.75
N ILE O 156 8.42 -21.90 12.17
CA ILE O 156 7.67 -20.66 12.34
C ILE O 156 6.99 -20.25 11.03
N TYR O 157 7.71 -20.39 9.92
CA TYR O 157 7.18 -20.01 8.62
C TYR O 157 6.38 -21.11 7.95
N LEU O 158 6.24 -22.28 8.58
CA LEU O 158 5.51 -23.38 7.97
C LEU O 158 4.06 -22.98 7.71
N ASP O 159 3.51 -23.43 6.59
CA ASP O 159 2.09 -23.29 6.35
C ASP O 159 1.37 -24.62 6.31
N TYR O 160 1.76 -25.54 5.42
CA TYR O 160 1.14 -26.86 5.50
C TYR O 160 1.97 -27.89 4.77
N ILE O 161 1.93 -29.12 5.28
CA ILE O 161 2.74 -30.20 4.76
C ILE O 161 1.82 -31.18 4.06
N THR O 162 2.09 -31.47 2.80
CA THR O 162 1.33 -32.44 2.03
C THR O 162 2.14 -33.72 1.98
N PHE O 163 1.62 -34.78 2.60
CA PHE O 163 2.23 -36.09 2.51
C PHE O 163 1.69 -36.79 1.27
N ASP O 164 2.06 -38.06 1.11
CA ASP O 164 1.55 -38.80 -0.03
C ASP O 164 1.14 -40.23 0.30
N GLU O 165 1.62 -40.83 1.39
CA GLU O 165 1.36 -42.23 1.65
C GLU O 165 0.47 -42.43 2.88
N GLU O 166 0.93 -42.04 4.07
CA GLU O 166 0.20 -42.30 5.31
C GLU O 166 0.78 -41.43 6.41
N ILE O 167 -0.02 -40.55 6.98
CA ILE O 167 0.40 -39.79 8.14
C ILE O 167 0.16 -40.66 9.37
N ALA O 168 1.24 -41.06 10.03
CA ALA O 168 1.12 -41.84 11.25
C ALA O 168 1.03 -40.89 12.45
N TYR O 169 -0.12 -40.89 13.11
CA TYR O 169 -0.33 -40.00 14.25
C TYR O 169 -0.44 -40.79 15.54
N MET P 91 22.71 -37.87 18.87
CA MET P 91 21.61 -37.05 18.40
C MET P 91 20.91 -36.37 19.57
N LEU P 92 20.58 -35.09 19.40
CA LEU P 92 20.03 -34.31 20.50
C LEU P 92 18.65 -34.84 20.89
N PRO P 93 18.23 -34.72 22.18
CA PRO P 93 16.88 -35.09 22.54
C PRO P 93 15.91 -34.05 22.06
N ILE P 94 14.64 -34.22 22.41
CA ILE P 94 13.60 -33.33 21.94
C ILE P 94 13.70 -31.98 22.63
N GLU P 95 14.12 -31.98 23.89
CA GLU P 95 14.02 -30.80 24.75
C GLU P 95 15.13 -29.78 24.50
N GLU P 96 16.13 -30.11 23.70
CA GLU P 96 17.19 -29.15 23.38
C GLU P 96 17.52 -29.12 21.90
N SER P 97 16.68 -29.70 21.04
CA SER P 97 16.93 -29.69 19.60
C SER P 97 16.35 -28.41 19.01
N TYR P 98 17.04 -27.31 19.27
CA TYR P 98 16.71 -26.00 18.72
C TYR P 98 17.60 -25.73 17.51
N ILE P 99 17.38 -24.57 16.89
CA ILE P 99 18.15 -24.24 15.68
C ILE P 99 19.62 -24.02 16.02
N GLU P 100 19.90 -23.29 17.11
CA GLU P 100 21.28 -22.92 17.39
C GLU P 100 22.12 -24.14 17.78
N ASN P 101 21.52 -25.10 18.49
CA ASN P 101 22.28 -26.28 18.88
C ASN P 101 22.73 -27.06 17.65
N ILE P 102 21.85 -27.25 16.67
CA ILE P 102 22.23 -27.95 15.46
C ILE P 102 23.25 -27.15 14.68
N LEU P 103 23.06 -25.82 14.58
CA LEU P 103 24.07 -25.01 13.91
C LEU P 103 25.43 -25.15 14.58
N ARG P 104 25.45 -25.38 15.89
CA ARG P 104 26.71 -25.59 16.58
C ARG P 104 27.25 -27.00 16.43
N LEU P 105 26.40 -27.97 16.08
CA LEU P 105 26.88 -29.31 15.81
C LEU P 105 27.50 -29.45 14.42
N ASN P 106 27.29 -28.49 13.52
CA ASN P 106 27.84 -28.59 12.18
C ASN P 106 28.77 -27.45 11.85
N ARG P 107 29.70 -27.14 12.74
CA ARG P 107 30.72 -26.12 12.47
C ARG P 107 31.70 -26.67 11.44
N GLY P 108 31.58 -26.23 10.20
CA GLY P 108 32.51 -26.64 9.17
C GLY P 108 31.84 -27.24 7.95
N LYS P 109 30.54 -27.04 7.82
CA LYS P 109 29.78 -27.55 6.69
C LYS P 109 29.43 -26.41 5.75
N THR P 110 29.70 -26.59 4.46
CA THR P 110 29.35 -25.59 3.46
C THR P 110 27.85 -25.34 3.48
N ALA P 111 27.44 -24.15 3.91
CA ALA P 111 26.03 -23.81 4.02
C ALA P 111 25.75 -22.53 3.25
N THR P 112 24.57 -22.48 2.65
CA THR P 112 24.07 -21.27 2.01
C THR P 112 22.83 -20.84 2.77
N ILE P 113 22.93 -19.73 3.47
CA ILE P 113 21.85 -19.24 4.33
C ILE P 113 21.01 -18.28 3.51
N TYR P 114 19.71 -18.58 3.38
CA TYR P 114 18.76 -17.71 2.74
C TYR P 114 18.13 -16.87 3.85
N MET P 115 18.46 -15.58 3.87
CA MET P 115 18.05 -14.68 4.93
C MET P 115 17.30 -13.51 4.31
N THR P 116 16.33 -12.97 5.04
CA THR P 116 15.50 -11.86 4.54
C THR P 116 15.29 -10.82 5.62
N PHE P 117 15.80 -9.62 5.36
CA PHE P 117 15.63 -8.46 6.22
C PHE P 117 14.27 -7.83 5.94
N GLU P 118 13.53 -7.50 7.01
CA GLU P 118 12.11 -7.23 6.89
C GLU P 118 11.83 -6.06 5.96
N ASN P 119 12.29 -4.87 6.30
CA ASN P 119 12.02 -3.67 5.53
C ASN P 119 13.32 -3.05 5.04
N SER P 120 13.70 -3.38 3.82
CA SER P 120 14.81 -2.74 3.14
C SER P 120 14.44 -2.43 1.70
N LYS P 121 15.17 -1.48 1.13
CA LYS P 121 15.04 -1.16 -0.28
C LYS P 121 16.18 -1.70 -1.12
N GLU P 122 17.35 -1.91 -0.54
CA GLU P 122 18.51 -2.38 -1.30
C GLU P 122 18.83 -3.85 -1.07
N TRP P 123 18.72 -4.35 0.16
CA TRP P 123 18.93 -5.77 0.43
C TRP P 123 17.69 -6.29 1.15
N ASN P 124 16.69 -6.67 0.36
CA ASN P 124 15.48 -7.26 0.94
C ASN P 124 15.64 -8.74 1.19
N SER P 125 16.43 -9.42 0.35
CA SER P 125 16.70 -10.84 0.51
C SER P 125 18.15 -11.09 0.14
N LYS P 126 18.86 -11.80 1.01
CA LYS P 126 20.28 -12.04 0.86
C LYS P 126 20.55 -13.53 0.93
N ILE P 127 21.60 -13.95 0.22
CA ILE P 127 22.00 -15.35 0.15
C ILE P 127 23.47 -15.39 0.57
N PHE P 128 23.71 -15.77 1.82
CA PHE P 128 25.07 -15.80 2.37
C PHE P 128 25.62 -17.20 2.21
N ARG P 129 26.55 -17.37 1.27
CA ARG P 129 27.13 -18.67 1.00
C ARG P 129 28.49 -18.74 1.67
N GLY P 130 28.80 -19.89 2.28
CA GLY P 130 30.12 -20.00 2.86
C GLY P 130 30.25 -21.18 3.80
N VAL P 131 31.18 -21.06 4.74
CA VAL P 131 31.51 -22.11 5.69
C VAL P 131 31.16 -21.60 7.08
N ILE P 132 30.31 -22.33 7.79
CA ILE P 132 29.92 -21.93 9.13
C ILE P 132 31.10 -22.15 10.08
N GLU P 133 31.61 -21.06 10.64
CA GLU P 133 32.75 -21.16 11.55
C GLU P 133 32.31 -21.37 12.99
N ALA P 134 31.27 -20.66 13.41
CA ALA P 134 30.72 -20.80 14.77
C ALA P 134 29.38 -20.10 14.85
N ALA P 135 28.42 -20.69 15.54
CA ALA P 135 27.09 -20.11 15.66
C ALA P 135 26.65 -20.09 17.12
N GLY P 136 26.47 -18.90 17.66
CA GLY P 136 25.89 -18.73 18.97
C GLY P 136 24.37 -18.74 18.91
N ARG P 137 23.75 -18.22 19.97
CA ARG P 137 22.30 -18.17 19.98
C ARG P 137 21.74 -16.86 19.42
N ASP P 138 22.58 -15.94 18.95
CA ASP P 138 22.09 -14.75 18.27
C ASP P 138 22.93 -14.39 17.06
N HIS P 139 23.77 -15.29 16.58
CA HIS P 139 24.64 -14.97 15.45
C HIS P 139 25.05 -16.26 14.76
N ILE P 140 25.40 -16.15 13.49
CA ILE P 140 25.91 -17.26 12.70
C ILE P 140 27.10 -16.74 11.92
N ILE P 141 28.31 -16.96 12.45
CA ILE P 141 29.52 -16.42 11.84
C ILE P 141 29.83 -17.26 10.60
N ILE P 142 29.47 -16.75 9.43
CA ILE P 142 29.74 -17.43 8.17
C ILE P 142 31.02 -16.84 7.58
N SER P 143 31.94 -17.71 7.17
CA SER P 143 33.23 -17.29 6.65
C SER P 143 33.34 -17.72 5.19
N ASP P 144 32.95 -16.84 4.28
CA ASP P 144 33.08 -17.11 2.87
C ASP P 144 34.57 -17.24 2.51
N PRO P 145 35.00 -18.36 1.93
CA PRO P 145 36.40 -18.52 1.57
C PRO P 145 36.76 -17.99 0.19
N LYS P 146 35.78 -17.62 -0.62
CA LYS P 146 36.05 -17.09 -1.95
C LYS P 146 36.79 -15.75 -1.87
N THR P 147 36.31 -14.85 -1.01
CA THR P 147 36.90 -13.53 -0.87
C THR P 147 37.44 -13.25 0.52
N GLY P 148 37.02 -14.00 1.53
CA GLY P 148 37.53 -13.85 2.87
C GLY P 148 36.71 -12.98 3.80
N THR P 149 35.54 -12.51 3.37
CA THR P 149 34.72 -11.66 4.22
C THR P 149 33.93 -12.52 5.19
N ARG P 150 34.30 -12.48 6.47
CA ARG P 150 33.63 -13.27 7.50
C ARG P 150 32.37 -12.52 7.95
N TYR P 151 31.23 -12.91 7.42
CA TYR P 151 29.99 -12.28 7.80
C TYR P 151 29.67 -12.57 9.26
N LEU P 152 28.70 -11.82 9.79
CA LEU P 152 28.17 -12.04 11.14
C LEU P 152 26.67 -11.76 11.06
N LEU P 153 25.89 -12.79 10.77
CA LEU P 153 24.47 -12.61 10.58
C LEU P 153 23.74 -12.59 11.92
N LEU P 154 22.44 -12.33 11.86
CA LEU P 154 21.58 -12.40 13.02
C LEU P 154 20.50 -13.45 12.77
N THR P 155 20.34 -14.36 13.73
CA THR P 155 19.40 -15.47 13.55
C THR P 155 17.96 -15.00 13.47
N ILE P 156 17.65 -13.81 14.00
CA ILE P 156 16.29 -13.31 13.99
C ILE P 156 15.76 -13.22 12.55
N TYR P 157 16.60 -12.76 11.63
CA TYR P 157 16.19 -12.61 10.24
C TYR P 157 16.38 -13.87 9.42
N LEU P 158 16.88 -14.96 10.01
CA LEU P 158 17.10 -16.19 9.27
C LEU P 158 15.79 -16.71 8.70
N ASP P 159 15.85 -17.25 7.49
CA ASP P 159 14.71 -17.95 6.93
C ASP P 159 14.99 -19.44 6.74
N TYR P 160 16.02 -19.81 5.97
CA TYR P 160 16.33 -21.23 5.93
C TYR P 160 17.74 -21.46 5.41
N ILE P 161 18.37 -22.51 5.91
CA ILE P 161 19.75 -22.82 5.61
C ILE P 161 19.77 -24.06 4.73
N THR P 162 20.40 -23.95 3.56
CA THR P 162 20.54 -25.08 2.65
C THR P 162 21.96 -25.61 2.79
N PHE P 163 22.10 -26.83 3.29
CA PHE P 163 23.38 -27.49 3.36
C PHE P 163 23.64 -28.21 2.04
N ASP P 164 24.73 -28.96 1.98
CA ASP P 164 24.99 -29.71 0.77
C ASP P 164 25.49 -31.13 1.02
N GLU P 165 26.03 -31.44 2.19
CA GLU P 165 26.64 -32.75 2.41
C GLU P 165 25.85 -33.60 3.40
N GLU P 166 25.75 -33.16 4.66
CA GLU P 166 25.12 -33.97 5.71
C GLU P 166 24.83 -33.07 6.90
N ILE P 167 23.56 -32.93 7.26
CA ILE P 167 23.21 -32.23 8.48
C ILE P 167 23.33 -33.22 9.63
N ALA P 168 24.29 -32.97 10.52
CA ALA P 168 24.45 -33.83 11.69
C ALA P 168 23.58 -33.28 12.83
N TYR P 169 22.57 -34.04 13.22
CA TYR P 169 21.65 -33.62 14.27
C TYR P 169 21.83 -34.48 15.51
N MET Q 91 37.19 -18.72 23.93
CA MET Q 91 35.92 -18.68 23.20
C MET Q 91 34.76 -18.70 24.19
N LEU Q 92 33.75 -17.87 23.93
CA LEU Q 92 32.64 -17.72 24.87
C LEU Q 92 31.83 -19.01 24.94
N PRO Q 93 31.20 -19.34 26.11
CA PRO Q 93 30.33 -20.49 26.16
C PRO Q 93 29.02 -20.19 25.46
N ILE Q 94 28.10 -21.14 25.52
CA ILE Q 94 26.83 -20.99 24.82
C ILE Q 94 25.96 -19.94 25.50
N GLU Q 95 26.04 -19.87 26.82
CA GLU Q 95 25.09 -19.11 27.61
C GLU Q 95 25.36 -17.60 27.62
N GLU Q 96 26.49 -17.16 27.07
CA GLU Q 96 26.75 -15.73 26.98
C GLU Q 96 27.28 -15.31 25.61
N SER Q 97 27.15 -16.15 24.60
CA SER Q 97 27.59 -15.82 23.25
C SER Q 97 26.47 -15.07 22.53
N TYR Q 98 26.28 -13.83 22.92
CA TYR Q 98 25.33 -12.93 22.29
C TYR Q 98 26.06 -12.03 21.31
N ILE Q 99 25.31 -11.15 20.64
CA ILE Q 99 25.92 -10.28 19.64
C ILE Q 99 26.84 -9.27 20.29
N GLU Q 100 26.42 -8.67 21.40
CA GLU Q 100 27.20 -7.58 21.99
C GLU Q 100 28.51 -8.08 22.58
N ASN Q 101 28.50 -9.29 23.14
CA ASN Q 101 29.75 -9.83 23.70
C ASN Q 101 30.80 -10.01 22.61
N ILE Q 102 30.41 -10.57 21.47
CA ILE Q 102 31.36 -10.73 20.38
C ILE Q 102 31.80 -9.38 19.83
N LEU Q 103 30.85 -8.45 19.68
CA LEU Q 103 31.26 -7.11 19.25
C LEU Q 103 32.26 -6.49 20.21
N ARG Q 104 32.17 -6.83 21.49
CA ARG Q 104 33.14 -6.33 22.45
C ARG Q 104 34.45 -7.10 22.44
N LEU Q 105 34.45 -8.32 21.92
CA LEU Q 105 35.70 -9.06 21.77
C LEU Q 105 36.53 -8.63 20.57
N ASN Q 106 35.95 -7.88 19.64
CA ASN Q 106 36.67 -7.45 18.45
C ASN Q 106 36.75 -5.94 18.33
N ARG Q 107 37.11 -5.26 19.40
CA ARG Q 107 37.30 -3.81 19.34
C ARG Q 107 38.59 -3.53 18.58
N GLY Q 108 38.45 -3.08 17.33
CA GLY Q 108 39.61 -2.72 16.55
C GLY Q 108 39.69 -3.43 15.22
N LYS Q 109 38.60 -4.04 14.78
CA LYS Q 109 38.54 -4.76 13.52
C LYS Q 109 37.74 -3.94 12.52
N THR Q 110 38.29 -3.77 11.32
CA THR Q 110 37.59 -3.06 10.26
C THR Q 110 36.28 -3.76 9.94
N ALA Q 111 35.16 -3.12 10.25
CA ALA Q 111 33.86 -3.71 10.04
C ALA Q 111 32.98 -2.77 9.22
N THR Q 112 32.16 -3.36 8.36
CA THR Q 112 31.16 -2.62 7.61
C THR Q 112 29.80 -3.12 8.07
N ILE Q 113 29.06 -2.27 8.77
CA ILE Q 113 27.78 -2.65 9.35
C ILE Q 113 26.69 -2.29 8.35
N TYR Q 114 25.92 -3.28 7.94
CA TYR Q 114 24.76 -3.07 7.08
C TYR Q 114 23.56 -2.95 8.01
N MET Q 115 23.02 -1.73 8.10
CA MET Q 115 21.95 -1.40 9.03
C MET Q 115 20.77 -0.85 8.25
N THR Q 116 19.55 -1.10 8.73
CA THR Q 116 18.34 -0.66 8.04
C THR Q 116 17.34 -0.09 9.04
N PHE Q 117 17.04 1.19 8.88
CA PHE Q 117 16.04 1.89 9.67
C PHE Q 117 14.66 1.61 9.09
N GLU Q 118 13.70 1.29 9.96
CA GLU Q 118 12.46 0.67 9.52
C GLU Q 118 11.70 1.54 8.53
N ASN Q 119 11.26 2.71 8.96
CA ASN Q 119 10.45 3.60 8.13
C ASN Q 119 11.16 4.94 7.94
N SER Q 120 11.88 5.05 6.84
CA SER Q 120 12.47 6.31 6.42
C SER Q 120 12.26 6.52 4.93
N LYS Q 121 12.35 7.78 4.52
CA LYS Q 121 12.30 8.13 3.12
C LYS Q 121 13.67 8.50 2.56
N GLU Q 122 14.60 8.97 3.39
CA GLU Q 122 15.91 9.38 2.92
C GLU Q 122 17.01 8.39 3.23
N TRP Q 123 17.01 7.77 4.41
CA TRP Q 123 17.98 6.74 4.74
C TRP Q 123 17.22 5.49 5.16
N ASN Q 124 16.84 4.69 4.18
CA ASN Q 124 16.16 3.44 4.48
C ASN Q 124 17.16 2.33 4.77
N SER Q 125 18.32 2.37 4.14
CA SER Q 125 19.37 1.39 4.37
C SER Q 125 20.70 2.11 4.34
N LYS Q 126 21.53 1.86 5.36
CA LYS Q 126 22.79 2.55 5.53
C LYS Q 126 23.90 1.52 5.68
N ILE Q 127 25.09 1.91 5.23
CA ILE Q 127 26.28 1.06 5.26
C ILE Q 127 27.35 1.84 6.01
N PHE Q 128 27.54 1.54 7.29
CA PHE Q 128 28.50 2.26 8.12
C PHE Q 128 29.82 1.51 8.10
N ARG Q 129 30.80 2.04 7.40
CA ARG Q 129 32.10 1.40 7.28
C ARG Q 129 33.07 2.07 8.24
N GLY Q 130 33.89 1.28 8.92
CA GLY Q 130 34.87 1.90 9.79
C GLY Q 130 35.52 0.92 10.74
N VAL Q 131 35.99 1.46 11.86
CA VAL Q 131 36.71 0.70 12.88
C VAL Q 131 35.87 0.72 14.15
N ILE Q 132 35.54 -0.47 14.65
CA ILE Q 132 34.75 -0.56 15.87
C ILE Q 132 35.60 -0.15 17.05
N GLU Q 133 35.23 0.95 17.71
CA GLU Q 133 36.00 1.44 18.85
C GLU Q 133 35.52 0.82 20.15
N ALA Q 134 34.21 0.70 20.33
CA ALA Q 134 33.63 0.10 21.52
C ALA Q 134 32.15 -0.16 21.30
N ALA Q 135 31.64 -1.30 21.76
CA ALA Q 135 30.24 -1.66 21.57
C ALA Q 135 29.63 -2.09 22.90
N GLY Q 136 28.67 -1.32 23.38
CA GLY Q 136 27.87 -1.71 24.52
C GLY Q 136 26.73 -2.61 24.12
N ARG Q 137 25.73 -2.72 25.00
CA ARG Q 137 24.58 -3.54 24.68
C ARG Q 137 23.46 -2.78 24.01
N ASP Q 138 23.63 -1.49 23.73
CA ASP Q 138 22.65 -0.75 22.93
C ASP Q 138 23.29 0.20 21.94
N HIS Q 139 24.58 0.05 21.66
CA HIS Q 139 25.26 0.97 20.76
C HIS Q 139 26.48 0.28 20.20
N ILE Q 140 26.93 0.75 19.03
CA ILE Q 140 28.14 0.27 18.39
C ILE Q 140 28.89 1.50 17.90
N ILE Q 141 29.84 1.98 18.69
CA ILE Q 141 30.55 3.22 18.36
C ILE Q 141 31.54 2.89 17.23
N ILE Q 142 31.17 3.23 16.00
CA ILE Q 142 32.02 3.02 14.84
C ILE Q 142 32.74 4.32 14.54
N SER Q 143 34.06 4.24 14.37
CA SER Q 143 34.90 5.43 14.15
C SER Q 143 35.52 5.33 12.75
N ASP Q 144 34.83 5.91 11.77
CA ASP Q 144 35.36 5.97 10.41
C ASP Q 144 36.65 6.79 10.41
N PRO Q 145 37.78 6.24 9.95
CA PRO Q 145 39.02 7.01 9.93
C PRO Q 145 39.22 7.82 8.65
N LYS Q 146 38.39 7.63 7.63
CA LYS Q 146 38.52 8.38 6.40
C LYS Q 146 38.25 9.86 6.63
N THR Q 147 37.17 10.18 7.34
CA THR Q 147 36.79 11.56 7.59
C THR Q 147 36.78 11.93 9.06
N GLY Q 148 36.73 10.94 9.97
CA GLY Q 148 36.78 11.21 11.39
C GLY Q 148 35.45 11.28 12.10
N THR Q 149 34.34 11.00 11.42
CA THR Q 149 33.03 11.07 12.04
C THR Q 149 32.78 9.79 12.82
N ARG Q 150 32.79 9.88 14.14
CA ARG Q 150 32.58 8.72 15.01
C ARG Q 150 31.08 8.50 15.16
N TYR Q 151 30.53 7.58 14.38
CA TYR Q 151 29.11 7.28 14.47
C TYR Q 151 28.78 6.68 15.84
N LEU Q 152 27.48 6.62 16.12
CA LEU Q 152 26.96 5.95 17.31
C LEU Q 152 25.65 5.28 16.90
N LEU Q 153 25.75 4.04 16.46
CA LEU Q 153 24.57 3.36 15.95
C LEU Q 153 23.75 2.76 17.09
N LEU Q 154 22.61 2.20 16.74
CA LEU Q 154 21.76 1.47 17.68
C LEU Q 154 21.63 0.03 17.20
N THR Q 155 21.89 -0.91 18.10
CA THR Q 155 21.88 -2.33 17.74
C THR Q 155 20.50 -2.81 17.33
N ILE Q 156 19.43 -2.12 17.77
CA ILE Q 156 18.09 -2.55 17.44
C ILE Q 156 17.89 -2.60 15.93
N TYR Q 157 18.42 -1.62 15.21
CA TYR Q 157 18.28 -1.56 13.76
C TYR Q 157 19.36 -2.34 13.02
N LEU Q 158 20.28 -2.98 13.72
CA LEU Q 158 21.35 -3.72 13.06
C LEU Q 158 20.77 -4.84 12.21
N ASP Q 159 21.37 -5.07 11.05
CA ASP Q 159 21.03 -6.25 10.26
C ASP Q 159 22.19 -7.22 10.16
N TYR Q 160 23.34 -6.81 9.64
CA TYR Q 160 24.47 -7.74 9.69
C TYR Q 160 25.78 -7.01 9.50
N ILE Q 161 26.81 -7.52 10.15
CA ILE Q 161 28.13 -6.90 10.16
C ILE Q 161 29.06 -7.75 9.33
N THR Q 162 29.70 -7.14 8.33
CA THR Q 162 30.67 -7.83 7.49
C THR Q 162 32.05 -7.41 7.95
N PHE Q 163 32.80 -8.36 8.48
CA PHE Q 163 34.19 -8.11 8.84
C PHE Q 163 35.07 -8.36 7.62
N ASP Q 164 36.38 -8.30 7.82
CA ASP Q 164 37.27 -8.56 6.70
C ASP Q 164 38.47 -9.42 7.08
N GLU Q 165 38.87 -9.51 8.34
CA GLU Q 165 40.09 -10.20 8.70
C GLU Q 165 39.82 -11.46 9.51
N GLU Q 166 39.25 -11.35 10.70
CA GLU Q 166 39.07 -12.49 11.60
C GLU Q 166 38.08 -12.11 12.68
N ILE Q 167 36.95 -12.81 12.75
CA ILE Q 167 36.02 -12.62 13.85
C ILE Q 167 36.51 -13.48 15.01
N ALA Q 168 36.93 -12.83 16.09
CA ALA Q 168 37.35 -13.55 17.28
C ALA Q 168 36.15 -13.79 18.17
N TYR Q 169 35.78 -15.06 18.34
CA TYR Q 169 34.62 -15.40 19.16
C TYR Q 169 35.04 -16.14 20.41
N MET R 91 35.64 4.43 31.88
CA MET R 91 34.78 3.80 30.89
C MET R 91 33.71 2.96 31.59
N LEU R 92 32.48 3.04 31.10
CA LEU R 92 31.37 2.38 31.76
C LEU R 92 31.53 0.86 31.67
N PRO R 93 31.03 0.07 32.66
CA PRO R 93 31.06 -1.37 32.54
C PRO R 93 30.00 -1.82 31.56
N ILE R 94 29.85 -3.12 31.41
CA ILE R 94 28.92 -3.68 30.44
C ILE R 94 27.49 -3.46 30.90
N GLU R 95 27.26 -3.52 32.20
CA GLU R 95 25.91 -3.60 32.76
C GLU R 95 25.20 -2.26 32.81
N GLU R 96 25.89 -1.15 32.51
CA GLU R 96 25.24 0.14 32.48
C GLU R 96 25.63 0.97 31.26
N SER R 97 26.24 0.35 30.25
CA SER R 97 26.63 1.06 29.03
C SER R 97 25.44 1.07 28.07
N TYR R 98 24.46 1.89 28.40
CA TYR R 98 23.28 2.11 27.56
C TYR R 98 23.48 3.38 26.75
N ILE R 99 22.49 3.70 25.93
CA ILE R 99 22.60 4.88 25.07
C ILE R 99 22.57 6.16 25.91
N GLU R 100 21.67 6.24 26.88
CA GLU R 100 21.50 7.48 27.62
C GLU R 100 22.70 7.80 28.48
N ASN R 101 23.34 6.77 29.05
CA ASN R 101 24.52 7.03 29.88
C ASN R 101 25.64 7.66 29.06
N ILE R 102 25.90 7.12 27.87
CA ILE R 102 26.93 7.70 27.02
C ILE R 102 26.53 9.11 26.57
N LEU R 103 25.26 9.30 26.21
CA LEU R 103 24.83 10.65 25.86
C LEU R 103 25.05 11.62 27.01
N ARG R 104 24.95 11.13 28.24
CA ARG R 104 25.21 11.99 29.40
C ARG R 104 26.69 12.17 29.68
N LEU R 105 27.55 11.26 29.19
CA LEU R 105 28.99 11.45 29.34
C LEU R 105 29.57 12.44 28.33
N ASN R 106 28.83 12.81 27.29
CA ASN R 106 29.35 13.72 26.29
C ASN R 106 28.49 14.99 26.17
N ARG R 107 28.16 15.60 27.30
CA ARG R 107 27.43 16.86 27.27
C ARG R 107 28.39 17.96 26.81
N GLY R 108 28.25 18.39 25.56
CA GLY R 108 29.06 19.48 25.05
C GLY R 108 29.80 19.13 23.77
N LYS R 109 29.41 18.05 23.12
CA LYS R 109 30.04 17.61 21.88
C LYS R 109 29.10 17.90 20.71
N THR R 110 29.64 18.53 19.68
CA THR R 110 28.87 18.81 18.47
C THR R 110 28.35 17.51 17.87
N ALA R 111 27.04 17.30 17.91
CA ALA R 111 26.43 16.08 17.42
C ALA R 111 25.34 16.42 16.42
N THR R 112 25.23 15.57 15.41
CA THR R 112 24.14 15.63 14.43
C THR R 112 23.32 14.36 14.59
N ILE R 113 22.11 14.50 15.09
CA ILE R 113 21.25 13.37 15.37
C ILE R 113 20.37 13.12 14.15
N TYR R 114 20.47 11.93 13.58
CA TYR R 114 19.60 11.51 12.50
C TYR R 114 18.44 10.77 13.13
N MET R 115 17.26 11.39 13.09
CA MET R 115 16.06 10.90 13.74
C MET R 115 14.97 10.72 12.70
N THR R 116 14.10 9.74 12.90
CA THR R 116 13.02 9.45 11.96
C THR R 116 11.72 9.16 12.70
N PHE R 117 10.73 10.01 12.46
CA PHE R 117 9.39 9.86 12.99
C PHE R 117 8.61 8.89 12.13
N GLU R 118 7.90 7.95 12.76
CA GLU R 118 7.42 6.77 12.07
C GLU R 118 6.48 7.14 10.91
N ASN R 119 5.34 7.74 11.23
CA ASN R 119 4.33 8.06 10.23
C ASN R 119 4.09 9.57 10.19
N SER R 120 4.78 10.23 9.27
CA SER R 120 4.54 11.64 8.99
C SER R 120 4.52 11.86 7.49
N LYS R 121 3.89 12.97 7.09
CA LYS R 121 3.89 13.40 5.71
C LYS R 121 4.83 14.58 5.46
N GLU R 122 5.09 15.40 6.48
CA GLU R 122 5.93 16.58 6.31
C GLU R 122 7.34 16.42 6.87
N TRP R 123 7.49 15.77 8.03
CA TRP R 123 8.82 15.51 8.57
C TRP R 123 8.92 14.00 8.83
N ASN R 124 9.29 13.26 7.79
CA ASN R 124 9.48 11.83 7.95
C ASN R 124 10.88 11.51 8.48
N SER R 125 11.86 12.31 8.12
CA SER R 125 13.23 12.15 8.59
C SER R 125 13.82 13.52 8.86
N LYS R 126 14.42 13.69 10.03
CA LYS R 126 14.94 14.96 10.48
C LYS R 126 16.40 14.80 10.89
N ILE R 127 17.15 15.88 10.71
CA ILE R 127 18.57 15.93 11.01
C ILE R 127 18.77 17.09 11.97
N PHE R 128 18.88 16.80 13.26
CA PHE R 128 19.01 17.83 14.28
C PHE R 128 20.50 18.02 14.57
N ARG R 129 21.05 19.13 14.11
CA ARG R 129 22.46 19.42 14.29
C ARG R 129 22.62 20.40 15.44
N GLY R 130 23.61 20.18 16.28
CA GLY R 130 23.82 21.16 17.35
C GLY R 130 24.75 20.65 18.43
N VAL R 131 24.57 21.21 19.62
CA VAL R 131 25.40 20.91 20.78
C VAL R 131 24.51 20.26 21.83
N ILE R 132 24.89 19.06 22.27
CA ILE R 132 24.11 18.36 23.27
C ILE R 132 24.30 19.04 24.62
N GLU R 133 23.22 19.59 25.16
CA GLU R 133 23.30 20.30 26.43
C GLU R 133 23.08 19.36 27.61
N ALA R 134 22.10 18.45 27.48
CA ALA R 134 21.81 17.47 28.53
C ALA R 134 20.88 16.41 27.97
N ALA R 135 21.10 15.15 28.32
CA ALA R 135 20.28 14.05 27.83
C ALA R 135 19.83 13.17 28.98
N GLY R 136 18.53 13.13 29.23
CA GLY R 136 17.95 12.20 30.17
C GLY R 136 17.70 10.85 29.53
N ARG R 137 16.83 10.07 30.17
CA ARG R 137 16.51 8.76 29.61
C ARG R 137 15.31 8.78 28.68
N ASP R 138 14.70 9.94 28.44
CA ASP R 138 13.63 10.03 27.44
C ASP R 138 13.73 11.29 26.60
N HIS R 139 14.86 11.99 26.63
CA HIS R 139 14.99 13.24 25.89
C HIS R 139 16.46 13.50 25.63
N ILE R 140 16.72 14.28 24.58
CA ILE R 140 18.07 14.72 24.24
C ILE R 140 17.97 16.20 23.91
N ILE R 141 18.27 17.06 24.89
CA ILE R 141 18.12 18.49 24.70
C ILE R 141 19.28 18.97 23.84
N ILE R 142 19.02 19.18 22.56
CA ILE R 142 20.01 19.68 21.61
C ILE R 142 19.83 21.18 21.48
N SER R 143 20.92 21.93 21.59
CA SER R 143 20.88 23.39 21.55
C SER R 143 21.66 23.87 20.34
N ASP R 144 20.97 24.05 19.23
CA ASP R 144 21.60 24.58 18.02
C ASP R 144 22.08 26.00 18.29
N PRO R 145 23.37 26.30 18.11
CA PRO R 145 23.85 27.66 18.35
C PRO R 145 23.74 28.59 17.14
N LYS R 146 23.41 28.06 15.97
CA LYS R 146 23.28 28.90 14.78
C LYS R 146 22.12 29.88 14.93
N THR R 147 20.96 29.39 15.38
CA THR R 147 19.77 30.22 15.52
C THR R 147 19.27 30.31 16.96
N GLY R 148 19.67 29.39 17.83
CA GLY R 148 19.29 29.44 19.23
C GLY R 148 18.09 28.61 19.62
N THR R 149 17.53 27.81 18.71
CA THR R 149 16.37 27.00 19.03
C THR R 149 16.82 25.74 19.75
N ARG R 150 16.53 25.65 21.04
CA ARG R 150 16.92 24.49 21.84
C ARG R 150 15.87 23.40 21.66
N TYR R 151 16.17 22.44 20.78
CA TYR R 151 15.23 21.34 20.56
C TYR R 151 15.10 20.49 21.82
N LEU R 152 14.09 19.62 21.81
CA LEU R 152 13.87 18.63 22.86
C LEU R 152 13.36 17.38 22.16
N LEU R 153 14.27 16.50 21.78
CA LEU R 153 13.89 15.33 21.01
C LEU R 153 13.42 14.22 21.96
N LEU R 154 12.94 13.14 21.36
CA LEU R 154 12.57 11.93 22.10
C LEU R 154 13.43 10.78 21.62
N THR R 155 14.06 10.07 22.56
CA THR R 155 14.98 9.00 22.23
C THR R 155 14.28 7.84 21.52
N ILE R 156 12.97 7.69 21.71
CA ILE R 156 12.25 6.58 21.08
C ILE R 156 12.42 6.62 19.57
N TYR R 157 12.35 7.80 18.98
CA TYR R 157 12.48 7.95 17.53
C TYR R 157 13.91 8.08 17.05
N LEU R 158 14.89 8.04 17.96
CA LEU R 158 16.28 8.19 17.56
C LEU R 158 16.68 7.06 16.62
N ASP R 159 17.50 7.38 15.62
CA ASP R 159 18.11 6.36 14.78
C ASP R 159 19.61 6.29 14.96
N TYR R 160 20.34 7.39 14.72
CA TYR R 160 21.76 7.31 15.03
C TYR R 160 22.36 8.70 15.13
N ILE R 161 23.35 8.83 15.99
CA ILE R 161 23.97 10.11 16.30
C ILE R 161 25.37 10.11 15.69
N THR R 162 25.65 11.10 14.87
CA THR R 162 26.98 11.25 14.28
C THR R 162 27.70 12.35 15.02
N PHE R 163 28.77 11.98 15.73
CA PHE R 163 29.62 12.96 16.38
C PHE R 163 30.67 13.44 15.40
N ASP R 164 31.60 14.26 15.89
CA ASP R 164 32.65 14.72 15.00
C ASP R 164 34.03 14.72 15.64
N GLU R 165 34.16 14.73 16.97
CA GLU R 165 35.45 14.87 17.60
C GLU R 165 35.87 13.61 18.33
N GLU R 166 35.15 13.20 19.38
CA GLU R 166 35.55 12.07 20.22
C GLU R 166 34.35 11.64 21.04
N ILE R 167 33.90 10.41 20.86
CA ILE R 167 32.87 9.85 21.72
C ILE R 167 33.55 9.32 22.98
N ALA R 168 33.29 9.94 24.12
CA ALA R 168 33.84 9.47 25.38
C ALA R 168 32.89 8.45 25.99
N TYR R 169 33.34 7.20 26.08
CA TYR R 169 32.51 6.12 26.62
C TYR R 169 33.07 5.63 27.95
#